data_9JE5
#
_entry.id   9JE5
#
_cell.length_a   1.00
_cell.length_b   1.00
_cell.length_c   1.00
_cell.angle_alpha   90.00
_cell.angle_beta   90.00
_cell.angle_gamma   90.00
#
_symmetry.space_group_name_H-M   'P 1'
#
loop_
_entity.id
_entity.type
_entity.pdbx_description
1 polymer 'Transient receptor potential cation channel subfamily V member 3'
2 non-polymer '(2S)-3-(hexadecanoyloxy)-2-[(9Z)-octadec-9-enoyloxy]propyl 2-(trimethylammonio)ethyl phosphate'
3 non-polymer (3~{S})-3,7-dimethyloct-6-enal
#
_entity_poly.entity_id   1
_entity_poly.type   'polypeptide(L)'
_entity_poly.pdbx_seq_one_letter_code
;MKAHPKEMVPLMGKRVAAPSGNPAVLPEKRPAEITPTKKSAHFFLEIEGFEPNPTVAKTSPPVFSKPMDSNIRQCISGNC
DDMDSPQSPQDDVTETPSNPNSPSAQLAKEEQRRKKRRLKKRIFAAVSEGCVEELVELLVELQELCRRRHDEDVPDFLMH
KLTASDTGKTCLMKALLNINPNTKEIVRILLAFAEENDILGRFINAEYTEEAYEGQTALNIAIERRQGDIAALLIAAGAD
VNAHAKGAFFNPKYQHEGFYFGETPLALAACTNQPEIVQLLMEHEQTDITSRDSRGNNILHALVTVAEDFKTQNDFVKRM
YDMILLRSGNWELETTRNNDGLTPLQLAAKMGKAEILKYILSREIKEKRLRSLSRKFTDWAYGPVSSSLYDLTNVDTTTD
NSVLEITVYNTNIDNRHEMLTLEPLHTLLHMKWKKFAKHMFFLSFCFYFFYNITLTLVSYYRPREEEAIPHPLALTHKMG
WLQLLGRMFVLIWAMCISVKEGIAIFLLRPSDLQSILSDAWFHFVFFIQAVLVILSVFLYLFAYKEYLACLVLAMALGWA
NMLYYTRGFQSMGMYSVMIQKVILHDVLKFLFVYIVFLLGFGVALASLIEKCPKDNKDCSSYGSFSDAVLELFKLTIGLG
DLNIQQNSKYPILFLFLLITYVILTFVLLLNMLIALMGETVENVSKESERIWRLQRARTILEFEKMLPEWLRSRFRMGEL
CKVAEDDFRLCLRINEVKWTEWKTHVSFLNEDPGPVRRTDFNKIQDSSRNNSKTTLNAFEEVEEFPETSVSNSLEVLFQ
;
_entity_poly.pdbx_strand_id   A,B,C,D
#
# COMPACT_ATOMS: atom_id res chain seq x y z
N PRO A 62 23.75 10.15 -27.25
CA PRO A 62 24.60 11.29 -27.60
C PRO A 62 25.60 10.95 -28.70
N VAL A 63 26.41 11.93 -29.10
CA VAL A 63 27.41 11.75 -30.14
C VAL A 63 28.73 12.31 -29.64
N PHE A 64 29.82 11.85 -30.25
CA PHE A 64 31.16 12.29 -29.87
C PHE A 64 32.03 12.37 -31.11
N SER A 65 33.22 12.95 -30.92
CA SER A 65 34.24 13.04 -31.97
C SER A 65 35.04 11.74 -32.04
N LYS A 66 36.24 11.82 -32.61
CA LYS A 66 37.11 10.65 -32.69
C LYS A 66 37.44 10.13 -31.29
N PRO A 67 37.52 8.82 -31.09
CA PRO A 67 37.76 8.28 -29.75
C PRO A 67 39.17 8.57 -29.26
N MET A 68 39.31 8.57 -27.93
CA MET A 68 40.61 8.81 -27.31
C MET A 68 41.54 7.62 -27.40
N ASP A 69 41.01 6.41 -27.64
CA ASP A 69 41.84 5.23 -27.74
C ASP A 69 41.13 4.19 -28.59
N SER A 70 41.91 3.38 -29.28
CA SER A 70 41.38 2.33 -30.13
C SER A 70 42.44 1.26 -30.32
N ASN A 71 42.02 0.14 -30.90
CA ASN A 71 42.93 -0.98 -31.17
C ASN A 71 42.69 -1.55 -32.56
N ILE A 72 42.30 -0.71 -33.51
CA ILE A 72 42.05 -1.14 -34.88
C ILE A 72 43.36 -1.45 -35.59
N LEU A 119 56.99 3.75 -38.53
CA LEU A 119 57.33 2.83 -37.44
C LEU A 119 57.07 3.46 -36.08
N LYS A 120 56.32 4.55 -36.08
CA LYS A 120 55.99 5.23 -34.84
C LYS A 120 54.83 4.57 -34.09
N LYS A 121 53.99 3.82 -34.80
CA LYS A 121 52.87 3.13 -34.15
C LYS A 121 53.32 1.98 -33.26
N ARG A 122 54.54 1.48 -33.45
CA ARG A 122 55.02 0.38 -32.62
C ARG A 122 55.23 0.81 -31.18
N ILE A 123 55.73 2.03 -30.96
CA ILE A 123 55.85 2.55 -29.59
C ILE A 123 54.48 2.70 -28.96
N PHE A 124 53.50 3.18 -29.74
CA PHE A 124 52.15 3.37 -29.23
C PHE A 124 51.50 2.05 -28.86
N ALA A 125 51.75 1.01 -29.66
CA ALA A 125 51.27 -0.33 -29.33
C ALA A 125 52.02 -0.94 -28.16
N ALA A 126 53.30 -0.61 -27.99
CA ALA A 126 54.07 -1.16 -26.88
C ALA A 126 53.63 -0.57 -25.54
N VAL A 127 53.32 0.74 -25.52
CA VAL A 127 52.88 1.34 -24.25
C VAL A 127 51.43 1.01 -23.93
N SER A 128 50.71 0.39 -24.86
CA SER A 128 49.31 0.06 -24.63
C SER A 128 49.17 -1.03 -23.58
N GLU A 129 49.66 -2.23 -23.87
CA GLU A 129 49.62 -3.32 -22.91
C GLU A 129 50.70 -3.20 -21.85
N GLY A 130 51.67 -2.32 -22.03
CA GLY A 130 52.71 -2.12 -21.04
C GLY A 130 53.74 -3.23 -21.01
N CYS A 131 54.39 -3.49 -22.15
CA CYS A 131 55.43 -4.50 -22.27
C CYS A 131 56.77 -3.78 -22.14
N VAL A 132 57.28 -3.69 -20.91
CA VAL A 132 58.51 -2.95 -20.65
C VAL A 132 59.71 -3.67 -21.28
N GLU A 133 59.69 -5.01 -21.28
CA GLU A 133 60.75 -5.77 -21.92
C GLU A 133 60.79 -5.50 -23.42
N GLU A 134 59.61 -5.35 -24.05
CA GLU A 134 59.56 -4.88 -25.42
C GLU A 134 59.83 -3.39 -25.54
N LEU A 135 59.59 -2.65 -24.46
CA LEU A 135 59.77 -1.19 -24.49
C LEU A 135 61.21 -0.73 -24.33
N VAL A 136 62.10 -1.66 -23.97
CA VAL A 136 63.50 -1.28 -23.75
C VAL A 136 64.18 -0.90 -25.06
N GLU A 137 64.04 -1.73 -26.10
CA GLU A 137 64.92 -1.63 -27.26
C GLU A 137 64.51 -0.58 -28.28
N LEU A 138 63.21 -0.33 -28.45
CA LEU A 138 62.77 0.60 -29.48
C LEU A 138 63.21 2.03 -29.13
N LEU A 139 63.30 2.36 -27.85
CA LEU A 139 63.83 3.67 -27.48
C LEU A 139 65.32 3.83 -27.81
N VAL A 140 66.10 2.76 -27.66
CA VAL A 140 67.48 2.78 -28.16
C VAL A 140 67.48 2.99 -29.66
N GLU A 141 66.53 2.36 -30.36
CA GLU A 141 66.38 2.61 -31.79
C GLU A 141 65.94 4.05 -32.07
N LEU A 142 65.03 4.59 -31.25
CA LEU A 142 64.47 5.91 -31.46
C LEU A 142 65.44 7.03 -31.12
N GLN A 143 66.50 6.73 -30.35
CA GLN A 143 67.48 7.75 -30.00
C GLN A 143 68.21 8.27 -31.24
N GLU A 144 68.46 7.38 -32.21
CA GLU A 144 69.12 7.76 -33.46
C GLU A 144 68.23 7.53 -34.68
N LEU A 145 66.93 7.34 -34.47
CA LEU A 145 66.00 7.15 -35.58
C LEU A 145 65.78 8.49 -36.27
N CYS A 146 66.35 8.64 -37.46
CA CYS A 146 66.26 9.87 -38.25
C CYS A 146 66.78 11.07 -37.48
N ARG A 147 67.83 10.86 -36.68
CA ARG A 147 68.40 11.92 -35.86
C ARG A 147 69.22 12.87 -36.72
N ARG A 148 68.55 13.58 -37.64
CA ARG A 148 69.22 14.54 -38.51
C ARG A 148 68.70 15.96 -38.31
N ARG A 149 67.44 16.26 -38.63
CA ARG A 149 67.02 17.67 -38.56
C ARG A 149 67.82 18.53 -39.54
N PHE A 157 64.48 16.07 -37.40
CA PHE A 157 63.25 16.51 -36.78
C PHE A 157 63.43 16.72 -35.28
N LEU A 158 62.71 17.70 -34.73
CA LEU A 158 62.81 17.96 -33.29
C LEU A 158 61.77 17.13 -32.53
N MET A 159 62.05 15.82 -32.47
CA MET A 159 61.26 14.77 -31.82
C MET A 159 59.75 14.99 -31.85
N HIS A 160 59.20 15.36 -33.01
CA HIS A 160 57.76 15.51 -33.13
C HIS A 160 57.10 14.16 -33.40
N LYS A 161 57.86 13.18 -33.88
CA LYS A 161 57.32 11.85 -34.14
C LYS A 161 57.05 11.07 -32.87
N LEU A 162 57.54 11.54 -31.72
CA LEU A 162 57.25 10.87 -30.45
C LEU A 162 55.76 10.97 -30.12
N THR A 163 55.14 12.11 -30.40
CA THR A 163 53.72 12.30 -30.23
C THR A 163 52.99 12.13 -31.56
N ALA A 164 51.67 11.98 -31.47
CA ALA A 164 50.85 11.89 -32.67
C ALA A 164 50.26 13.25 -33.03
N SER A 165 50.03 13.46 -34.33
CA SER A 165 49.55 14.74 -34.81
C SER A 165 48.07 14.74 -35.17
N ASP A 166 47.40 13.59 -35.14
CA ASP A 166 45.97 13.56 -35.46
C ASP A 166 45.13 14.13 -34.33
N THR A 167 45.49 13.82 -33.07
CA THR A 167 44.75 14.29 -31.92
C THR A 167 45.66 14.87 -30.84
N GLY A 168 46.96 14.97 -31.09
CA GLY A 168 47.88 15.46 -30.09
C GLY A 168 48.25 14.46 -29.02
N LYS A 169 47.95 13.18 -29.22
CA LYS A 169 48.20 12.16 -28.20
C LYS A 169 49.67 11.79 -28.16
N THR A 170 50.16 11.53 -26.94
CA THR A 170 51.50 10.99 -26.73
C THR A 170 51.38 9.61 -26.11
N CYS A 171 52.52 8.94 -25.95
CA CYS A 171 52.54 7.62 -25.33
C CYS A 171 52.31 7.68 -23.82
N LEU A 172 52.55 8.84 -23.20
CA LEU A 172 52.37 8.96 -21.75
C LEU A 172 50.89 8.81 -21.38
N MET A 173 50.04 9.69 -21.89
CA MET A 173 48.62 9.60 -21.57
C MET A 173 47.97 8.37 -22.22
N LYS A 174 48.59 7.80 -23.26
CA LYS A 174 48.09 6.53 -23.78
C LYS A 174 48.38 5.40 -22.80
N ALA A 175 49.54 5.43 -22.14
CA ALA A 175 49.84 4.44 -21.12
C ALA A 175 48.96 4.61 -19.89
N LEU A 176 48.69 5.86 -19.51
CA LEU A 176 47.75 6.10 -18.41
C LEU A 176 46.30 5.97 -18.82
N LEU A 177 46.01 5.77 -20.11
CA LEU A 177 44.63 5.60 -20.54
C LEU A 177 44.09 4.21 -20.20
N ASN A 178 44.95 3.20 -20.20
CA ASN A 178 44.57 1.84 -19.79
C ASN A 178 45.59 1.35 -18.77
N ILE A 179 45.14 1.11 -17.55
CA ILE A 179 46.04 0.77 -16.46
C ILE A 179 46.23 -0.74 -16.41
N ASN A 180 47.49 -1.17 -16.38
CA ASN A 180 47.89 -2.55 -16.19
C ASN A 180 48.71 -2.64 -14.92
N PRO A 181 48.86 -3.84 -14.33
CA PRO A 181 49.62 -3.94 -13.07
C PRO A 181 51.06 -3.47 -13.15
N ASN A 182 51.67 -3.48 -14.34
CA ASN A 182 53.02 -2.95 -14.54
C ASN A 182 52.89 -1.67 -15.37
N THR A 183 52.91 -0.52 -14.70
CA THR A 183 52.77 0.75 -15.39
C THR A 183 53.74 1.79 -14.86
N LYS A 184 54.20 1.62 -13.62
CA LYS A 184 55.09 2.60 -13.01
C LYS A 184 56.44 2.64 -13.71
N GLU A 185 56.96 1.47 -14.09
CA GLU A 185 58.23 1.42 -14.81
C GLU A 185 58.14 2.11 -16.16
N ILE A 186 56.99 2.00 -16.83
CA ILE A 186 56.79 2.68 -18.11
C ILE A 186 56.85 4.19 -17.92
N VAL A 187 56.17 4.70 -16.90
CA VAL A 187 56.14 6.14 -16.65
C VAL A 187 57.54 6.65 -16.29
N ARG A 188 58.25 5.93 -15.41
CA ARG A 188 59.59 6.39 -15.04
C ARG A 188 60.59 6.28 -16.19
N ILE A 189 60.46 5.27 -17.05
CA ILE A 189 61.33 5.17 -18.22
C ILE A 189 61.04 6.29 -19.20
N LEU A 190 59.76 6.61 -19.42
CA LEU A 190 59.41 7.70 -20.33
C LEU A 190 59.92 9.04 -19.80
N LEU A 191 59.80 9.27 -18.48
CA LEU A 191 60.30 10.52 -17.91
C LEU A 191 61.82 10.59 -17.98
N ALA A 192 62.51 9.48 -17.70
CA ALA A 192 63.97 9.47 -17.77
C ALA A 192 64.47 9.65 -19.20
N PHE A 193 63.69 9.18 -20.19
CA PHE A 193 64.05 9.42 -21.58
C PHE A 193 63.76 10.85 -22.00
N ALA A 194 62.64 11.42 -21.52
CA ALA A 194 62.27 12.78 -21.92
C ALA A 194 63.21 13.82 -21.32
N GLU A 195 63.72 13.56 -20.11
CA GLU A 195 64.65 14.52 -19.51
C GLU A 195 66.03 14.48 -20.17
N GLU A 196 66.33 13.44 -20.94
CA GLU A 196 67.61 13.37 -21.63
C GLU A 196 67.67 14.35 -22.81
N ASN A 197 66.56 14.47 -23.56
CA ASN A 197 66.51 15.33 -24.72
C ASN A 197 66.05 16.75 -24.39
N ASP A 198 65.92 17.07 -23.10
CA ASP A 198 65.57 18.42 -22.63
C ASP A 198 64.22 18.88 -23.17
N ILE A 199 63.28 17.95 -23.28
CA ILE A 199 61.94 18.27 -23.77
C ILE A 199 60.88 17.77 -22.79
N LEU A 200 61.27 17.59 -21.52
CA LEU A 200 60.34 17.10 -20.51
C LEU A 200 59.23 18.09 -20.25
N GLY A 201 59.54 19.39 -20.29
CA GLY A 201 58.51 20.41 -20.07
C GLY A 201 57.47 20.42 -21.17
N ARG A 202 57.90 20.23 -22.42
CA ARG A 202 56.96 20.14 -23.52
C ARG A 202 56.24 18.79 -23.54
N PHE A 203 56.89 17.74 -23.05
CA PHE A 203 56.29 16.41 -23.08
C PHE A 203 55.19 16.28 -22.04
N ILE A 204 55.44 16.74 -20.80
CA ILE A 204 54.44 16.61 -19.75
C ILE A 204 53.31 17.61 -19.92
N ASN A 205 53.55 18.71 -20.63
CA ASN A 205 52.51 19.70 -20.91
C ASN A 205 51.96 19.51 -22.33
N ALA A 206 51.48 18.29 -22.58
CA ALA A 206 50.89 17.92 -23.87
C ALA A 206 49.37 17.99 -23.76
N GLU A 207 48.73 18.54 -24.79
CA GLU A 207 47.30 18.79 -24.77
C GLU A 207 46.63 18.19 -25.99
N TYR A 208 45.39 17.74 -25.81
CA TYR A 208 44.56 17.30 -26.92
C TYR A 208 44.21 18.48 -27.81
N THR A 209 43.99 18.20 -29.09
CA THR A 209 43.75 19.25 -30.08
C THR A 209 42.55 18.89 -30.95
N GLU A 210 41.43 18.57 -30.33
CA GLU A 210 40.17 18.38 -31.04
C GLU A 210 39.08 19.20 -30.35
N GLU A 211 37.91 19.23 -30.98
CA GLU A 211 36.81 20.06 -30.49
C GLU A 211 36.21 19.48 -29.21
N ALA A 212 36.07 18.15 -29.15
CA ALA A 212 35.48 17.53 -27.96
C ALA A 212 36.44 17.59 -26.78
N TYR A 213 37.70 17.25 -27.04
CA TYR A 213 38.72 17.28 -26.00
C TYR A 213 39.81 18.26 -26.37
N GLU A 214 39.93 19.33 -25.59
CA GLU A 214 40.96 20.34 -25.82
C GLU A 214 41.56 20.76 -24.49
N GLY A 215 42.89 20.78 -24.43
CA GLY A 215 43.59 21.13 -23.22
C GLY A 215 43.78 19.98 -22.25
N GLN A 216 43.47 18.74 -22.65
CA GLN A 216 43.55 17.60 -21.76
C GLN A 216 45.02 17.20 -21.55
N THR A 217 45.45 17.10 -20.30
CA THR A 217 46.82 16.78 -19.96
C THR A 217 46.92 15.38 -19.38
N ALA A 218 48.16 14.91 -19.24
CA ALA A 218 48.39 13.56 -18.74
C ALA A 218 48.05 13.44 -17.26
N LEU A 219 48.27 14.51 -16.50
CA LEU A 219 47.93 14.50 -15.07
C LEU A 219 46.42 14.38 -14.88
N ASN A 220 45.63 14.99 -15.76
CA ASN A 220 44.18 14.91 -15.68
C ASN A 220 43.70 13.48 -15.84
N ILE A 221 44.33 12.72 -16.73
CA ILE A 221 43.97 11.31 -16.90
C ILE A 221 44.57 10.46 -15.79
N ALA A 222 45.71 10.86 -15.24
CA ALA A 222 46.33 10.10 -14.16
C ALA A 222 45.53 10.19 -12.88
N ILE A 223 44.89 11.34 -12.61
CA ILE A 223 44.12 11.50 -11.39
C ILE A 223 42.87 10.62 -11.42
N GLU A 224 42.12 10.66 -12.53
CA GLU A 224 40.82 10.00 -12.58
C GLU A 224 40.93 8.48 -12.57
N ARG A 225 42.09 7.92 -12.92
CA ARG A 225 42.29 6.48 -12.90
C ARG A 225 42.73 5.96 -11.53
N ARG A 226 42.50 6.74 -10.47
CA ARG A 226 42.82 6.37 -9.09
C ARG A 226 44.29 6.02 -8.91
N GLN A 227 45.16 6.65 -9.69
CA GLN A 227 46.59 6.40 -9.63
C GLN A 227 47.27 7.51 -8.82
N GLY A 228 46.98 7.49 -7.52
CA GLY A 228 47.55 8.51 -6.63
C GLY A 228 49.05 8.41 -6.50
N ASP A 229 49.58 7.17 -6.55
CA ASP A 229 51.02 6.99 -6.48
C ASP A 229 51.70 7.47 -7.77
N ILE A 230 51.04 7.26 -8.91
CA ILE A 230 51.58 7.75 -10.18
C ILE A 230 51.43 9.26 -10.28
N ALA A 231 50.34 9.81 -9.72
CA ALA A 231 50.06 11.24 -9.86
C ALA A 231 51.12 12.11 -9.18
N ALA A 232 51.80 11.57 -8.17
CA ALA A 232 52.88 12.31 -7.52
C ALA A 232 54.11 12.43 -8.40
N LEU A 233 54.24 11.60 -9.43
CA LEU A 233 55.42 11.63 -10.27
C LEU A 233 55.39 12.79 -11.26
N LEU A 234 54.23 13.07 -11.87
CA LEU A 234 54.17 14.13 -12.87
C LEU A 234 54.31 15.51 -12.24
N ILE A 235 53.78 15.69 -11.03
CA ILE A 235 53.95 16.99 -10.37
C ILE A 235 55.38 17.14 -9.87
N ALA A 236 56.03 16.03 -9.52
CA ALA A 236 57.45 16.09 -9.17
C ALA A 236 58.28 16.47 -10.38
N ALA A 237 57.94 15.92 -11.55
CA ALA A 237 58.58 16.34 -12.78
C ALA A 237 58.21 17.77 -13.17
N GLY A 238 57.04 18.25 -12.73
CA GLY A 238 56.63 19.60 -12.98
C GLY A 238 55.47 19.71 -13.94
N ALA A 239 54.25 19.83 -13.41
CA ALA A 239 53.05 20.02 -14.20
C ALA A 239 52.50 21.42 -13.95
N ASP A 240 51.85 21.98 -14.97
CA ASP A 240 51.34 23.34 -14.86
C ASP A 240 50.14 23.44 -13.91
N VAL A 241 49.51 22.32 -13.57
CA VAL A 241 48.43 22.21 -12.58
C VAL A 241 47.19 23.00 -13.01
N ASN A 242 47.36 24.29 -13.32
CA ASN A 242 46.28 25.16 -13.72
C ASN A 242 45.84 24.97 -15.16
N ALA A 243 46.28 23.90 -15.82
CA ALA A 243 45.91 23.64 -17.21
C ALA A 243 44.43 23.28 -17.28
N HIS A 244 43.63 24.16 -17.89
CA HIS A 244 42.20 23.93 -17.98
C HIS A 244 41.89 22.84 -19.00
N ALA A 245 40.64 22.39 -18.99
CA ALA A 245 40.18 21.36 -19.91
C ALA A 245 38.98 21.86 -20.69
N LYS A 246 39.12 23.03 -21.32
CA LYS A 246 38.03 23.67 -22.05
C LYS A 246 37.73 22.85 -23.30
N GLY A 247 36.68 22.05 -23.25
CA GLY A 247 36.30 21.22 -24.38
C GLY A 247 34.81 20.94 -24.36
N ALA A 248 34.30 20.52 -25.52
CA ALA A 248 32.86 20.25 -25.64
C ALA A 248 32.46 19.04 -24.80
N PHE A 249 33.35 18.07 -24.67
CA PHE A 249 33.05 16.90 -23.84
C PHE A 249 33.06 17.26 -22.36
N PHE A 250 34.08 18.00 -21.93
CA PHE A 250 34.17 18.38 -20.52
C PHE A 250 33.18 19.47 -20.15
N ASN A 251 32.67 20.20 -21.13
CA ASN A 251 31.66 21.25 -20.91
C ASN A 251 30.45 20.92 -21.78
N PRO A 252 29.57 20.05 -21.30
CA PRO A 252 28.39 19.69 -22.09
C PRO A 252 27.29 20.73 -21.98
N LYS A 253 26.41 20.73 -22.99
CA LYS A 253 25.27 21.63 -22.98
C LYS A 253 24.20 21.15 -22.00
N TYR A 254 23.71 19.94 -22.22
CA TYR A 254 22.77 19.36 -21.28
C TYR A 254 23.54 18.50 -20.30
N GLN A 255 22.85 17.57 -19.65
CA GLN A 255 23.48 16.70 -18.66
C GLN A 255 23.63 15.26 -19.16
N HIS A 256 23.46 15.04 -20.47
CA HIS A 256 23.44 13.68 -21.01
C HIS A 256 24.44 13.48 -22.14
N GLU A 257 25.42 14.39 -22.32
CA GLU A 257 26.41 14.18 -23.36
C GLU A 257 27.83 14.27 -22.84
N GLY A 258 28.03 14.23 -21.52
CA GLY A 258 29.37 14.36 -20.98
C GLY A 258 29.35 14.41 -19.47
N PHE A 259 30.56 14.55 -18.93
CA PHE A 259 30.72 14.64 -17.50
C PHE A 259 31.43 15.96 -17.24
N TYR A 260 30.93 16.73 -16.31
CA TYR A 260 31.45 18.06 -16.00
C TYR A 260 32.13 18.06 -14.63
N PHE A 261 33.26 18.76 -14.54
CA PHE A 261 34.00 18.81 -13.29
C PHE A 261 34.70 20.15 -13.07
N GLY A 262 34.19 21.24 -13.64
CA GLY A 262 34.83 22.53 -13.51
C GLY A 262 36.07 22.72 -14.36
N GLU A 263 36.36 21.77 -15.27
CA GLU A 263 37.53 21.73 -16.15
C GLU A 263 38.84 22.21 -15.52
N THR A 264 39.05 21.88 -14.23
CA THR A 264 40.33 22.09 -13.59
C THR A 264 40.81 20.79 -12.96
N PRO A 265 42.11 20.49 -13.04
CA PRO A 265 42.61 19.20 -12.52
C PRO A 265 42.49 19.04 -11.02
N LEU A 266 42.45 20.15 -10.26
CA LEU A 266 42.28 20.04 -8.82
C LEU A 266 40.92 19.48 -8.46
N ALA A 267 39.88 19.85 -9.23
CA ALA A 267 38.55 19.33 -8.98
C ALA A 267 38.36 17.89 -9.41
N LEU A 268 39.31 17.32 -10.16
CA LEU A 268 39.25 15.88 -10.46
C LEU A 268 39.31 15.06 -9.18
N ALA A 269 40.24 15.40 -8.29
CA ALA A 269 40.30 14.77 -6.98
C ALA A 269 39.19 15.25 -6.05
N ALA A 270 38.42 16.26 -6.47
CA ALA A 270 37.27 16.74 -5.70
C ALA A 270 35.95 16.19 -6.24
N CYS A 271 35.78 16.16 -7.56
CA CYS A 271 34.57 15.56 -8.13
C CYS A 271 34.58 14.05 -7.99
N THR A 272 35.76 13.43 -8.00
CA THR A 272 35.92 12.03 -7.65
C THR A 272 36.52 11.93 -6.26
N ASN A 273 36.07 10.93 -5.50
CA ASN A 273 36.45 10.81 -4.08
C ASN A 273 37.91 10.40 -3.98
N GLN A 274 38.79 11.40 -4.07
CA GLN A 274 40.23 11.22 -3.94
C GLN A 274 40.80 12.32 -3.04
N PRO A 275 40.64 12.19 -1.72
CA PRO A 275 41.12 13.26 -0.82
C PRO A 275 42.63 13.37 -0.74
N GLU A 276 43.35 12.26 -0.95
CA GLU A 276 44.81 12.28 -0.86
C GLU A 276 45.41 13.19 -1.92
N ILE A 277 44.88 13.15 -3.14
CA ILE A 277 45.37 14.02 -4.19
C ILE A 277 44.97 15.47 -3.92
N VAL A 278 43.85 15.69 -3.22
CA VAL A 278 43.50 17.04 -2.78
C VAL A 278 44.56 17.57 -1.84
N GLN A 279 45.00 16.74 -0.88
CA GLN A 279 46.04 17.18 0.05
C GLN A 279 47.37 17.38 -0.68
N LEU A 280 47.68 16.54 -1.66
CA LEU A 280 48.92 16.71 -2.42
C LEU A 280 48.91 17.99 -3.25
N LEU A 281 47.77 18.34 -3.84
CA LEU A 281 47.68 19.56 -4.62
C LEU A 281 47.62 20.80 -3.73
N MET A 282 47.10 20.66 -2.51
CA MET A 282 47.04 21.81 -1.60
C MET A 282 48.41 22.24 -1.13
N GLU A 283 49.30 21.29 -0.85
CA GLU A 283 50.64 21.62 -0.38
C GLU A 283 51.54 22.14 -1.48
N HIS A 284 51.09 22.12 -2.74
CA HIS A 284 51.88 22.67 -3.83
C HIS A 284 51.94 24.19 -3.74
N GLU A 285 53.08 24.75 -4.18
CA GLU A 285 53.26 26.19 -4.11
C GLU A 285 52.44 26.91 -5.18
N GLN A 286 52.21 26.27 -6.31
CA GLN A 286 51.46 26.85 -7.42
C GLN A 286 50.22 25.99 -7.66
N THR A 287 49.11 26.39 -7.04
CA THR A 287 47.84 25.70 -7.19
C THR A 287 46.71 26.62 -7.65
N ASP A 288 46.69 27.87 -7.16
CA ASP A 288 45.68 28.87 -7.50
C ASP A 288 44.26 28.37 -7.19
N ILE A 289 43.97 28.32 -5.90
CA ILE A 289 42.68 27.81 -5.44
C ILE A 289 41.55 28.73 -5.88
N THR A 290 41.82 30.04 -5.96
CA THR A 290 40.81 31.00 -6.40
C THR A 290 40.86 31.23 -7.92
N SER A 291 40.84 30.14 -8.68
CA SER A 291 40.93 30.20 -10.13
C SER A 291 39.55 29.99 -10.75
N ARG A 292 39.22 30.82 -11.73
CA ARG A 292 37.99 30.67 -12.51
C ARG A 292 38.21 29.68 -13.65
N ASP A 293 37.26 29.61 -14.56
CA ASP A 293 37.37 28.75 -15.74
C ASP A 293 36.58 29.40 -16.88
N SER A 294 36.32 28.62 -17.93
CA SER A 294 35.59 29.14 -19.08
C SER A 294 34.13 29.42 -18.72
N ARG A 295 33.54 28.60 -17.86
CA ARG A 295 32.20 28.86 -17.36
C ARG A 295 32.20 29.79 -16.15
N GLY A 296 33.36 30.27 -15.71
CA GLY A 296 33.43 31.17 -14.58
C GLY A 296 33.23 30.52 -13.23
N ASN A 297 33.16 29.19 -13.17
CA ASN A 297 32.95 28.51 -11.91
C ASN A 297 34.22 28.51 -11.07
N ASN A 298 34.07 27.99 -9.85
CA ASN A 298 35.22 27.82 -8.99
C ASN A 298 35.09 26.37 -8.53
N ILE A 299 35.92 25.92 -7.60
CA ILE A 299 35.91 24.52 -7.16
C ILE A 299 34.62 24.23 -6.41
N LEU A 300 34.18 25.15 -5.55
CA LEU A 300 32.94 24.93 -4.80
C LEU A 300 31.73 24.84 -5.74
N HIS A 301 31.72 25.63 -6.81
CA HIS A 301 30.68 25.50 -7.83
C HIS A 301 30.69 24.11 -8.46
N ALA A 302 31.89 23.56 -8.68
CA ALA A 302 32.01 22.22 -9.24
C ALA A 302 31.43 21.17 -8.30
N LEU A 303 31.78 21.24 -7.01
CA LEU A 303 31.22 20.33 -6.02
C LEU A 303 29.71 20.50 -5.91
N VAL A 304 29.20 21.72 -6.04
CA VAL A 304 27.76 21.94 -6.04
C VAL A 304 27.11 21.24 -7.24
N THR A 305 27.76 21.32 -8.41
CA THR A 305 27.16 20.73 -9.61
C THR A 305 27.15 19.21 -9.55
N VAL A 306 28.25 18.59 -9.09
CA VAL A 306 28.31 17.13 -9.08
C VAL A 306 27.47 16.53 -7.95
N ALA A 307 27.18 17.32 -6.91
CA ALA A 307 26.55 16.83 -5.69
C ALA A 307 25.20 16.16 -5.96
N GLU A 308 24.82 15.26 -5.06
CA GLU A 308 23.60 14.48 -5.19
C GLU A 308 22.57 15.03 -4.21
N ASP A 309 21.35 15.29 -4.70
CA ASP A 309 20.36 16.00 -3.91
C ASP A 309 19.80 15.13 -2.78
N PHE A 310 19.26 13.97 -3.12
CA PHE A 310 18.65 13.11 -2.12
C PHE A 310 19.71 12.49 -1.21
N LYS A 311 19.31 12.26 0.05
CA LYS A 311 20.19 11.69 1.05
C LYS A 311 20.27 10.19 0.72
N THR A 312 21.26 9.85 -0.11
CA THR A 312 21.47 8.47 -0.56
C THR A 312 22.68 7.90 0.18
N GLN A 313 22.47 7.60 1.46
CA GLN A 313 23.46 7.02 2.38
C GLN A 313 24.65 7.96 2.44
N ASN A 314 25.87 7.52 2.16
CA ASN A 314 27.06 8.35 2.27
C ASN A 314 27.35 9.03 0.95
N ASP A 315 27.62 10.34 1.01
CA ASP A 315 28.00 11.12 -0.16
C ASP A 315 29.26 11.90 0.18
N PHE A 316 30.29 11.73 -0.64
CA PHE A 316 31.58 12.34 -0.36
C PHE A 316 31.60 13.84 -0.57
N VAL A 317 30.63 14.38 -1.31
CA VAL A 317 30.66 15.81 -1.66
C VAL A 317 30.42 16.69 -0.43
N LYS A 318 29.49 16.30 0.44
CA LYS A 318 29.18 17.12 1.61
C LYS A 318 30.34 17.10 2.61
N ARG A 319 30.97 15.94 2.79
CA ARG A 319 32.11 15.84 3.67
C ARG A 319 33.31 16.61 3.12
N MET A 320 33.54 16.52 1.81
CA MET A 320 34.73 17.13 1.22
C MET A 320 34.56 18.64 1.03
N TYR A 321 33.33 19.13 1.11
CA TYR A 321 33.14 20.56 1.07
C TYR A 321 33.81 21.14 2.29
N ASP A 322 33.55 20.53 3.46
CA ASP A 322 34.21 20.97 4.68
C ASP A 322 35.72 20.98 4.54
N MET A 323 36.29 19.95 3.90
CA MET A 323 37.74 19.86 3.75
C MET A 323 38.27 20.99 2.89
N ILE A 324 37.65 21.23 1.73
CA ILE A 324 38.16 22.25 0.82
C ILE A 324 37.98 23.64 1.43
N LEU A 325 36.86 23.86 2.14
CA LEU A 325 36.62 25.19 2.70
C LEU A 325 37.52 25.45 3.90
N LEU A 326 37.80 24.43 4.71
CA LEU A 326 38.71 24.61 5.85
C LEU A 326 40.16 24.72 5.40
N ARG A 327 40.52 24.07 4.30
CA ARG A 327 41.87 24.23 3.78
C ARG A 327 42.04 25.58 3.11
N SER A 328 40.97 26.13 2.53
CA SER A 328 41.02 27.48 2.00
C SER A 328 41.15 28.49 3.14
N GLY A 329 40.29 28.40 4.13
CA GLY A 329 40.36 29.27 5.30
C GLY A 329 40.09 30.74 5.03
N ASN A 330 39.25 31.04 4.04
CA ASN A 330 38.93 32.43 3.70
C ASN A 330 37.58 32.46 3.00
N TRP A 331 37.14 33.66 2.64
CA TRP A 331 35.81 33.87 2.09
C TRP A 331 35.79 34.08 0.58
N GLU A 332 36.94 34.08 -0.09
CA GLU A 332 36.94 34.34 -1.53
C GLU A 332 36.35 33.18 -2.33
N LEU A 333 36.49 31.95 -1.84
CA LEU A 333 35.96 30.81 -2.58
C LEU A 333 34.44 30.77 -2.56
N GLU A 334 33.84 31.35 -1.52
CA GLU A 334 32.37 31.33 -1.37
C GLU A 334 31.73 32.68 -1.68
N THR A 335 32.49 33.61 -2.22
CA THR A 335 31.95 34.90 -2.63
C THR A 335 32.15 35.20 -4.12
N THR A 336 32.96 34.41 -4.82
CA THR A 336 33.11 34.58 -6.25
C THR A 336 31.84 34.18 -6.98
N ARG A 337 31.57 34.88 -8.08
CA ARG A 337 30.33 34.70 -8.84
C ARG A 337 30.60 33.95 -10.13
N ASN A 338 29.54 33.38 -10.68
CA ASN A 338 29.60 32.59 -11.90
C ASN A 338 29.69 33.51 -13.11
N ASN A 339 29.65 32.91 -14.31
CA ASN A 339 29.57 33.71 -15.53
C ASN A 339 28.26 34.46 -15.60
N ASP A 340 27.19 33.84 -15.12
CA ASP A 340 25.93 34.57 -15.03
C ASP A 340 26.02 35.38 -13.76
N GLY A 341 26.67 34.82 -12.74
CA GLY A 341 26.85 35.52 -11.48
C GLY A 341 26.11 34.85 -10.34
N LEU A 342 26.78 33.90 -9.69
CA LEU A 342 26.16 33.12 -8.61
C LEU A 342 27.26 32.61 -7.69
N THR A 343 27.32 33.15 -6.48
CA THR A 343 28.08 32.49 -5.42
C THR A 343 27.33 31.21 -5.01
N PRO A 344 28.06 30.15 -4.64
CA PRO A 344 27.45 28.80 -4.61
C PRO A 344 26.24 28.62 -3.70
N LEU A 345 25.93 29.58 -2.82
CA LEU A 345 24.77 29.43 -1.94
C LEU A 345 23.46 29.36 -2.73
N GLN A 346 23.31 30.20 -3.74
CA GLN A 346 22.14 30.12 -4.62
C GLN A 346 22.35 29.21 -5.82
N LEU A 347 23.60 28.83 -6.14
CA LEU A 347 23.81 27.81 -7.14
C LEU A 347 23.34 26.45 -6.63
N ALA A 348 23.52 26.19 -5.35
CA ALA A 348 22.96 24.98 -4.74
C ALA A 348 21.44 25.03 -4.71
N ALA A 349 20.86 26.22 -4.73
CA ALA A 349 19.41 26.35 -4.73
C ALA A 349 18.83 26.15 -6.13
N LYS A 350 19.45 26.76 -7.15
CA LYS A 350 18.92 26.67 -8.50
C LYS A 350 19.08 25.26 -9.07
N MET A 351 20.22 24.62 -8.81
CA MET A 351 20.44 23.26 -9.30
C MET A 351 19.62 22.23 -8.54
N GLY A 352 19.02 22.59 -7.42
CA GLY A 352 18.21 21.65 -6.67
C GLY A 352 19.03 20.66 -5.87
N LYS A 353 19.78 21.16 -4.88
CA LYS A 353 20.64 20.34 -4.03
C LYS A 353 20.23 20.61 -2.58
N ALA A 354 19.40 19.73 -2.02
CA ALA A 354 18.86 19.97 -0.68
C ALA A 354 19.91 19.75 0.40
N GLU A 355 20.71 18.69 0.27
CA GLU A 355 21.70 18.37 1.30
C GLU A 355 22.80 19.41 1.37
N ILE A 356 23.32 19.83 0.22
CA ILE A 356 24.40 20.82 0.19
C ILE A 356 23.91 22.17 0.70
N LEU A 357 22.69 22.56 0.31
CA LEU A 357 22.13 23.82 0.80
C LEU A 357 21.85 23.77 2.29
N LYS A 358 21.38 22.63 2.79
CA LYS A 358 21.19 22.45 4.22
C LYS A 358 22.50 22.56 4.98
N TYR A 359 23.57 21.98 4.44
CA TYR A 359 24.87 22.06 5.08
C TYR A 359 25.42 23.48 5.06
N ILE A 360 25.29 24.19 3.94
CA ILE A 360 25.90 25.50 3.83
C ILE A 360 25.10 26.55 4.60
N LEU A 361 23.78 26.35 4.74
CA LEU A 361 22.99 27.32 5.48
C LEU A 361 23.24 27.22 6.98
N SER A 362 23.35 26.00 7.50
CA SER A 362 23.62 25.74 8.91
C SER A 362 25.02 25.13 9.00
N ARG A 363 26.03 25.99 9.09
CA ARG A 363 27.42 25.56 9.18
C ARG A 363 28.14 26.41 10.21
N GLU A 364 28.73 25.78 11.21
CA GLU A 364 29.51 26.48 12.22
C GLU A 364 30.81 25.71 12.47
N ILE A 365 31.88 26.47 12.72
CA ILE A 365 33.19 25.91 13.07
C ILE A 365 33.41 26.20 14.55
N LYS A 366 33.54 25.14 15.35
CA LYS A 366 33.71 25.28 16.79
C LYS A 366 35.14 25.65 17.19
N GLU A 367 36.07 25.71 16.24
CA GLU A 367 37.46 26.01 16.53
C GLU A 367 37.77 27.47 16.28
N LYS A 368 38.76 27.99 17.00
CA LYS A 368 39.20 29.36 16.81
C LYS A 368 40.02 29.46 15.51
N ARG A 369 40.30 30.71 15.12
CA ARG A 369 41.06 31.11 13.93
C ARG A 369 40.26 30.87 12.66
N LEU A 370 39.14 30.16 12.76
CA LEU A 370 38.20 29.96 11.65
C LEU A 370 36.80 30.20 12.22
N ARG A 371 36.39 31.47 12.25
CA ARG A 371 35.09 31.81 12.80
C ARG A 371 34.29 32.67 11.83
N SER A 372 34.99 33.36 10.92
CA SER A 372 34.31 34.15 9.90
C SER A 372 33.60 33.26 8.89
N LEU A 373 34.09 32.02 8.70
CA LEU A 373 33.45 31.10 7.77
C LEU A 373 32.14 30.56 8.31
N SER A 374 31.93 30.63 9.63
CA SER A 374 30.73 30.07 10.23
C SER A 374 29.51 30.91 9.87
N ARG A 375 28.35 30.24 9.80
CA ARG A 375 27.09 30.88 9.46
C ARG A 375 26.06 30.83 10.57
N LYS A 376 26.03 29.77 11.37
CA LYS A 376 25.05 29.59 12.44
C LYS A 376 25.78 29.70 13.78
N PHE A 377 25.79 30.90 14.34
CA PHE A 377 26.39 31.15 15.64
C PHE A 377 25.39 30.74 16.72
N THR A 378 25.68 29.66 17.44
CA THR A 378 24.83 29.25 18.53
C THR A 378 25.07 30.13 19.76
N ASP A 379 24.03 30.28 20.58
CA ASP A 379 24.10 31.11 21.77
C ASP A 379 24.03 30.28 23.04
N TRP A 380 22.95 29.51 23.24
CA TRP A 380 22.84 28.61 24.37
C TRP A 380 22.06 27.37 23.95
N ALA A 381 22.38 26.25 24.58
CA ALA A 381 21.71 24.97 24.32
C ALA A 381 21.12 24.49 25.64
N TYR A 382 19.89 24.90 25.92
CA TYR A 382 19.22 24.55 27.17
C TYR A 382 18.33 23.32 26.97
N GLY A 383 18.98 22.21 26.62
CA GLY A 383 18.28 20.97 26.40
C GLY A 383 17.52 20.96 25.09
N PRO A 384 16.19 20.86 25.17
CA PRO A 384 15.39 20.81 23.94
C PRO A 384 15.37 22.13 23.18
N VAL A 385 15.63 23.25 23.86
CA VAL A 385 15.61 24.57 23.25
C VAL A 385 17.05 25.00 22.98
N SER A 386 17.28 25.61 21.83
CA SER A 386 18.61 26.11 21.46
C SER A 386 18.41 27.34 20.59
N SER A 387 18.63 28.52 21.20
CA SER A 387 18.51 29.78 20.47
C SER A 387 19.72 29.94 19.56
N SER A 388 19.53 29.65 18.28
CA SER A 388 20.61 29.71 17.30
C SER A 388 20.52 31.03 16.54
N LEU A 389 21.58 31.84 16.63
CA LEU A 389 21.66 33.11 15.93
C LEU A 389 22.15 32.83 14.50
N TYR A 390 21.25 32.93 13.54
CA TYR A 390 21.58 32.64 12.15
C TYR A 390 21.98 33.91 11.41
N ASP A 391 22.90 33.74 10.47
CA ASP A 391 23.37 34.83 9.63
C ASP A 391 22.69 34.75 8.27
N LEU A 392 22.19 35.91 7.80
CA LEU A 392 21.58 36.01 6.49
C LEU A 392 22.19 37.19 5.75
N THR A 393 22.84 36.91 4.64
CA THR A 393 23.44 37.92 3.78
C THR A 393 23.00 37.79 2.34
N ASN A 394 22.80 36.57 1.85
CA ASN A 394 22.20 36.31 0.55
C ASN A 394 20.90 35.51 0.68
N VAL A 395 20.26 35.60 1.84
CA VAL A 395 19.04 34.85 2.10
C VAL A 395 17.81 35.74 1.99
N ASP A 396 17.80 36.86 2.72
CA ASP A 396 16.71 37.81 2.61
C ASP A 396 16.75 38.50 1.25
N THR A 397 15.57 38.73 0.67
CA THR A 397 15.47 39.39 -0.62
C THR A 397 15.79 40.87 -0.49
N THR A 398 17.06 41.19 -0.23
CA THR A 398 17.47 42.58 -0.07
C THR A 398 17.83 43.21 -1.40
N THR A 399 18.83 42.66 -2.10
CA THR A 399 19.22 43.20 -3.39
C THR A 399 18.58 42.43 -4.53
N ASP A 400 19.06 41.20 -4.78
CA ASP A 400 18.58 40.34 -5.85
C ASP A 400 19.23 38.98 -5.71
N ASN A 401 18.63 37.99 -6.38
CA ASN A 401 19.19 36.63 -6.50
C ASN A 401 19.41 35.97 -5.15
N SER A 402 18.56 36.25 -4.18
CA SER A 402 18.65 35.60 -2.88
C SER A 402 18.24 34.13 -3.01
N VAL A 403 18.78 33.30 -2.10
CA VAL A 403 18.46 31.88 -2.12
C VAL A 403 16.98 31.64 -1.85
N LEU A 404 16.37 32.48 -1.01
CA LEU A 404 14.93 32.38 -0.77
C LEU A 404 14.13 32.73 -2.02
N GLU A 405 14.60 33.71 -2.79
CA GLU A 405 13.90 34.07 -4.02
C GLU A 405 14.12 33.02 -5.10
N ILE A 406 15.31 32.43 -5.16
CA ILE A 406 15.60 31.42 -6.17
C ILE A 406 14.83 30.13 -5.89
N THR A 407 14.72 29.76 -4.61
CA THR A 407 14.09 28.49 -4.26
C THR A 407 12.57 28.49 -4.41
N VAL A 408 11.94 29.66 -4.58
CA VAL A 408 10.51 29.72 -4.78
C VAL A 408 10.14 30.05 -6.22
N TYR A 409 10.99 30.75 -6.95
CA TYR A 409 10.76 31.03 -8.37
C TYR A 409 11.47 30.03 -9.25
N ASN A 410 11.30 28.75 -8.95
CA ASN A 410 11.93 27.66 -9.69
C ASN A 410 10.87 26.63 -10.05
N THR A 411 11.05 26.00 -11.22
CA THR A 411 10.08 25.05 -11.74
C THR A 411 10.60 23.62 -11.81
N ASN A 412 11.85 23.42 -12.23
CA ASN A 412 12.36 22.07 -12.45
C ASN A 412 12.69 21.33 -11.16
N ILE A 413 12.67 22.01 -10.02
CA ILE A 413 13.03 21.36 -8.75
C ILE A 413 11.88 20.46 -8.31
N ASP A 414 12.21 19.20 -7.99
CA ASP A 414 11.24 18.26 -7.46
C ASP A 414 11.44 17.96 -5.98
N ASN A 415 12.61 18.27 -5.42
CA ASN A 415 12.91 18.01 -4.02
C ASN A 415 12.62 19.21 -3.13
N ARG A 416 11.57 19.98 -3.43
CA ARG A 416 11.17 21.11 -2.60
C ARG A 416 10.33 20.70 -1.40
N HIS A 417 10.17 19.39 -1.16
CA HIS A 417 9.53 18.92 0.07
C HIS A 417 10.33 19.33 1.29
N GLU A 418 11.65 19.15 1.24
CA GLU A 418 12.54 19.49 2.33
C GLU A 418 13.37 20.73 2.06
N MET A 419 13.30 21.28 0.86
CA MET A 419 14.16 22.40 0.48
C MET A 419 13.70 23.71 1.10
N LEU A 420 12.39 23.91 1.23
CA LEU A 420 11.87 25.17 1.78
C LEU A 420 11.88 25.20 3.31
N THR A 421 11.86 24.04 3.97
CA THR A 421 11.74 24.00 5.43
C THR A 421 13.11 23.90 6.11
N LEU A 422 14.01 24.81 5.79
CA LEU A 422 15.25 24.98 6.53
C LEU A 422 15.10 26.05 7.60
N GLU A 423 16.12 26.17 8.44
CA GLU A 423 16.08 27.09 9.56
C GLU A 423 16.08 28.57 9.15
N PRO A 424 16.96 29.06 8.27
CA PRO A 424 16.90 30.47 7.90
C PRO A 424 15.92 30.81 6.78
N LEU A 425 15.01 29.89 6.43
CA LEU A 425 14.02 30.13 5.40
C LEU A 425 12.60 30.01 5.90
N HIS A 426 12.30 28.95 6.67
CA HIS A 426 10.95 28.75 7.18
C HIS A 426 10.55 29.84 8.16
N THR A 427 11.42 30.17 9.11
CA THR A 427 11.17 31.25 10.04
C THR A 427 11.10 32.60 9.34
N LEU A 428 11.94 32.82 8.33
CA LEU A 428 11.88 34.05 7.55
C LEU A 428 10.53 34.21 6.86
N LEU A 429 10.05 33.14 6.21
CA LEU A 429 8.75 33.18 5.54
C LEU A 429 7.61 33.36 6.53
N HIS A 430 7.68 32.71 7.69
CA HIS A 430 6.62 32.86 8.69
C HIS A 430 6.59 34.28 9.24
N MET A 431 7.75 34.87 9.50
CA MET A 431 7.80 36.25 9.99
C MET A 431 7.30 37.22 8.93
N LYS A 432 7.69 37.02 7.66
CA LYS A 432 7.18 37.86 6.58
C LYS A 432 5.66 37.77 6.46
N TRP A 433 5.12 36.54 6.60
CA TRP A 433 3.67 36.36 6.51
C TRP A 433 2.95 37.04 7.66
N LYS A 434 3.43 36.85 8.88
CA LYS A 434 2.79 37.48 10.04
C LYS A 434 3.04 38.98 10.12
N LYS A 435 4.01 39.51 9.38
CA LYS A 435 4.30 40.94 9.40
C LYS A 435 3.57 41.71 8.31
N PHE A 436 3.73 41.35 7.03
CA PHE A 436 3.20 42.19 5.97
C PHE A 436 2.53 41.45 4.82
N ALA A 437 2.29 40.15 4.93
CA ALA A 437 1.65 39.40 3.85
C ALA A 437 0.20 39.06 4.13
N LYS A 438 -0.14 38.69 5.36
CA LYS A 438 -1.52 38.37 5.70
C LYS A 438 -2.40 39.62 5.68
N HIS A 439 -1.90 40.72 6.26
CA HIS A 439 -2.66 41.96 6.34
C HIS A 439 -2.96 42.56 4.97
N MET A 440 -2.11 42.29 3.98
CA MET A 440 -2.40 42.70 2.62
C MET A 440 -3.17 41.64 1.83
N PHE A 441 -3.04 40.37 2.19
CA PHE A 441 -3.85 39.33 1.56
C PHE A 441 -5.33 39.51 1.86
N PHE A 442 -5.66 39.79 3.13
CA PHE A 442 -7.06 40.03 3.48
C PHE A 442 -7.57 41.31 2.86
N LEU A 443 -6.73 42.34 2.78
CA LEU A 443 -7.11 43.59 2.13
C LEU A 443 -7.41 43.38 0.66
N SER A 444 -6.55 42.60 -0.03
CA SER A 444 -6.79 42.29 -1.44
C SER A 444 -8.04 41.45 -1.62
N PHE A 445 -8.29 40.50 -0.72
CA PHE A 445 -9.51 39.68 -0.80
C PHE A 445 -10.75 40.54 -0.66
N CYS A 446 -10.78 41.44 0.33
CA CYS A 446 -11.93 42.31 0.51
C CYS A 446 -12.11 43.26 -0.67
N PHE A 447 -11.01 43.87 -1.13
CA PHE A 447 -11.09 44.88 -2.18
C PHE A 447 -11.28 44.27 -3.56
N TYR A 448 -11.12 42.96 -3.71
CA TYR A 448 -11.50 42.27 -4.93
C TYR A 448 -12.91 41.69 -4.85
N PHE A 449 -13.35 41.25 -3.66
CA PHE A 449 -14.72 40.81 -3.51
C PHE A 449 -15.69 41.97 -3.69
N PHE A 450 -15.33 43.17 -3.21
CA PHE A 450 -16.15 44.34 -3.46
C PHE A 450 -16.19 44.70 -4.95
N TYR A 451 -15.06 44.57 -5.65
CA TYR A 451 -15.04 44.83 -7.08
C TYR A 451 -15.87 43.81 -7.85
N ASN A 452 -15.88 42.55 -7.41
CA ASN A 452 -16.72 41.56 -8.07
C ASN A 452 -18.19 41.72 -7.72
N ILE A 453 -18.50 42.23 -6.52
CA ILE A 453 -19.88 42.44 -6.12
C ILE A 453 -20.47 43.65 -6.83
N THR A 454 -19.69 44.71 -7.00
CA THR A 454 -20.18 45.89 -7.70
C THR A 454 -20.38 45.64 -9.19
N LEU A 455 -19.89 44.52 -9.72
CA LEU A 455 -20.21 44.13 -11.10
C LEU A 455 -21.64 43.61 -11.21
N THR A 456 -22.20 43.06 -10.13
CA THR A 456 -23.58 42.58 -10.17
C THR A 456 -24.56 43.74 -10.26
N LEU A 457 -24.26 44.87 -9.62
CA LEU A 457 -25.14 46.03 -9.67
C LEU A 457 -25.12 46.72 -11.03
N VAL A 458 -24.19 46.36 -11.91
CA VAL A 458 -24.13 46.91 -13.26
C VAL A 458 -24.63 45.91 -14.29
N SER A 459 -24.25 44.64 -14.13
CA SER A 459 -24.63 43.62 -15.10
C SER A 459 -26.10 43.25 -14.99
N TYR A 460 -26.51 42.76 -13.82
CA TYR A 460 -27.89 42.30 -13.64
C TYR A 460 -28.89 43.45 -13.62
N TYR A 461 -28.46 44.65 -13.27
CA TYR A 461 -29.32 45.83 -13.22
C TYR A 461 -29.01 46.78 -14.37
N ARG A 462 -28.86 46.23 -15.56
CA ARG A 462 -28.53 47.03 -16.73
C ARG A 462 -29.75 47.86 -17.17
N PRO A 463 -29.51 49.01 -17.82
CA PRO A 463 -30.65 49.80 -18.33
C PRO A 463 -31.30 49.17 -19.55
N ARG A 464 -32.24 48.27 -19.30
CA ARG A 464 -32.96 47.59 -20.40
C ARG A 464 -33.86 48.57 -21.15
N LEU A 482 -29.10 57.52 -5.80
CA LEU A 482 -27.80 57.99 -6.27
C LEU A 482 -26.76 56.88 -6.20
N GLN A 483 -26.95 55.85 -7.03
CA GLN A 483 -26.06 54.69 -7.06
C GLN A 483 -24.99 54.81 -8.14
N LEU A 484 -24.60 56.04 -8.49
CA LEU A 484 -23.58 56.26 -9.50
C LEU A 484 -22.17 56.36 -8.93
N LEU A 485 -22.00 56.12 -7.63
CA LEU A 485 -20.67 56.23 -7.04
C LEU A 485 -19.78 55.06 -7.42
N GLY A 486 -20.36 53.91 -7.75
CA GLY A 486 -19.61 52.74 -8.13
C GLY A 486 -19.60 52.42 -9.61
N ARG A 487 -19.97 53.36 -10.48
CA ARG A 487 -20.01 53.08 -11.91
C ARG A 487 -18.61 53.06 -12.51
N MET A 488 -17.72 53.91 -12.01
CA MET A 488 -16.36 53.99 -12.53
C MET A 488 -15.32 53.35 -11.61
N PHE A 489 -15.72 52.87 -10.44
CA PHE A 489 -14.81 52.14 -9.57
C PHE A 489 -14.35 50.85 -10.22
N VAL A 490 -15.26 50.12 -10.87
CA VAL A 490 -14.91 48.92 -11.59
C VAL A 490 -13.95 49.25 -12.74
N LEU A 491 -14.15 50.40 -13.38
CA LEU A 491 -13.29 50.79 -14.49
C LEU A 491 -11.86 51.04 -14.03
N ILE A 492 -11.68 51.83 -12.96
CA ILE A 492 -10.34 52.15 -12.50
C ILE A 492 -9.65 50.93 -11.90
N TRP A 493 -10.42 50.03 -11.25
CA TRP A 493 -9.77 48.86 -10.68
C TRP A 493 -9.44 47.83 -11.76
N ALA A 494 -10.25 47.73 -12.81
CA ALA A 494 -9.86 46.92 -13.96
C ALA A 494 -8.63 47.49 -14.64
N MET A 495 -8.52 48.82 -14.70
CA MET A 495 -7.33 49.45 -15.25
C MET A 495 -6.09 49.12 -14.42
N CYS A 496 -6.20 49.19 -13.10
CA CYS A 496 -5.07 48.86 -12.23
C CYS A 496 -4.70 47.38 -12.34
N ILE A 497 -5.70 46.50 -12.38
CA ILE A 497 -5.44 45.06 -12.52
C ILE A 497 -4.75 44.77 -13.85
N SER A 498 -5.20 45.42 -14.92
CA SER A 498 -4.60 45.22 -16.23
C SER A 498 -3.18 45.76 -16.28
N VAL A 499 -2.94 46.94 -15.70
CA VAL A 499 -1.61 47.52 -15.76
C VAL A 499 -0.63 46.78 -14.86
N LYS A 500 -1.13 46.02 -13.88
CA LYS A 500 -0.23 45.16 -13.13
C LYS A 500 0.00 43.81 -13.80
N GLU A 501 -1.07 43.20 -14.32
CA GLU A 501 -0.94 41.87 -14.94
C GLU A 501 -0.19 41.94 -16.26
N GLY A 502 -0.25 43.08 -16.97
CA GLY A 502 0.56 43.23 -18.17
C GLY A 502 2.05 43.23 -17.89
N ILE A 503 2.47 43.82 -16.76
CA ILE A 503 3.86 43.73 -16.34
C ILE A 503 4.18 42.31 -15.89
N ALA A 504 3.29 41.71 -15.09
CA ALA A 504 3.53 40.38 -14.54
C ALA A 504 3.54 39.29 -15.60
N ILE A 505 2.90 39.49 -16.75
CA ILE A 505 2.79 38.43 -17.74
C ILE A 505 3.99 38.41 -18.67
N PHE A 506 4.70 39.54 -18.80
CA PHE A 506 5.90 39.56 -19.63
C PHE A 506 7.17 39.61 -18.80
N LEU A 507 7.08 39.83 -17.49
CA LEU A 507 8.24 39.65 -16.63
C LEU A 507 8.64 38.19 -16.53
N LEU A 508 7.68 37.27 -16.65
CA LEU A 508 7.98 35.85 -16.60
C LEU A 508 8.53 35.37 -17.93
N ARG A 509 9.35 34.32 -17.86
CA ARG A 509 9.93 33.69 -19.03
C ARG A 509 9.07 32.50 -19.47
N PRO A 510 9.17 32.11 -20.75
CA PRO A 510 8.40 30.92 -21.20
C PRO A 510 8.79 29.64 -20.50
N SER A 511 9.95 29.58 -19.83
CA SER A 511 10.32 28.38 -19.08
C SER A 511 9.48 28.21 -17.84
N ASP A 512 8.90 29.30 -17.31
CA ASP A 512 8.08 29.19 -16.11
C ASP A 512 6.73 28.56 -16.40
N LEU A 513 6.21 28.73 -17.61
CA LEU A 513 4.92 28.18 -17.99
C LEU A 513 5.01 26.69 -18.36
N GLN A 514 6.22 26.15 -18.50
CA GLN A 514 6.37 24.75 -18.87
C GLN A 514 5.88 23.82 -17.77
N SER A 515 5.97 24.27 -16.52
CA SER A 515 5.45 23.47 -15.41
C SER A 515 3.92 23.44 -15.45
N ILE A 516 3.36 22.31 -15.04
CA ILE A 516 1.91 22.15 -15.07
C ILE A 516 1.25 23.06 -14.03
N LEU A 517 1.81 23.09 -12.82
CA LEU A 517 1.29 23.92 -11.74
C LEU A 517 1.99 25.27 -11.68
N SER A 518 2.01 25.98 -12.82
CA SER A 518 2.61 27.30 -12.87
C SER A 518 1.64 28.35 -12.36
N ASP A 519 2.19 29.48 -11.94
CA ASP A 519 1.39 30.59 -11.43
C ASP A 519 0.98 31.57 -12.51
N ALA A 520 1.32 31.30 -13.77
CA ALA A 520 0.96 32.20 -14.87
C ALA A 520 -0.48 32.03 -15.32
N TRP A 521 -1.11 30.89 -15.03
CA TRP A 521 -2.50 30.67 -15.45
C TRP A 521 -3.43 31.65 -14.74
N PHE A 522 -3.26 31.81 -13.43
CA PHE A 522 -4.07 32.78 -12.70
C PHE A 522 -3.69 34.22 -13.06
N HIS A 523 -2.41 34.46 -13.31
CA HIS A 523 -1.95 35.78 -13.76
C HIS A 523 -2.56 36.16 -15.11
N PHE A 524 -2.89 35.18 -15.93
CA PHE A 524 -3.50 35.38 -17.25
C PHE A 524 -5.03 35.46 -17.17
N VAL A 525 -5.63 34.67 -16.28
CA VAL A 525 -7.08 34.75 -16.05
C VAL A 525 -7.44 36.11 -15.44
N PHE A 526 -6.64 36.58 -14.48
CA PHE A 526 -6.86 37.90 -13.90
C PHE A 526 -6.71 39.00 -14.94
N PHE A 527 -5.81 38.80 -15.90
CA PHE A 527 -5.64 39.78 -16.97
C PHE A 527 -6.84 39.81 -17.89
N ILE A 528 -7.34 38.62 -18.28
CA ILE A 528 -8.55 38.55 -19.11
C ILE A 528 -9.73 39.21 -18.39
N GLN A 529 -9.84 38.99 -17.08
CA GLN A 529 -10.93 39.58 -16.30
C GLN A 529 -10.90 41.10 -16.32
N ALA A 530 -9.75 41.70 -16.63
CA ALA A 530 -9.65 43.15 -16.78
C ALA A 530 -9.85 43.61 -18.22
N VAL A 531 -9.28 42.89 -19.18
CA VAL A 531 -9.43 43.29 -20.58
C VAL A 531 -10.89 43.22 -21.02
N LEU A 532 -11.61 42.17 -20.62
CA LEU A 532 -13.02 42.10 -21.00
C LEU A 532 -13.84 43.22 -20.38
N VAL A 533 -13.56 43.57 -19.11
CA VAL A 533 -14.31 44.63 -18.45
C VAL A 533 -14.03 45.98 -19.11
N ILE A 534 -12.76 46.26 -19.39
CA ILE A 534 -12.44 47.55 -20.01
C ILE A 534 -12.95 47.60 -21.44
N LEU A 535 -12.97 46.48 -22.16
CA LEU A 535 -13.54 46.48 -23.51
C LEU A 535 -15.05 46.71 -23.47
N SER A 536 -15.70 46.13 -22.49
CA SER A 536 -17.13 46.34 -22.36
C SER A 536 -17.43 47.80 -22.07
N VAL A 537 -16.75 48.37 -21.09
CA VAL A 537 -17.06 49.75 -20.72
C VAL A 537 -16.59 50.72 -21.80
N PHE A 538 -15.67 50.28 -22.66
CA PHE A 538 -15.30 51.10 -23.82
C PHE A 538 -16.36 51.04 -24.90
N LEU A 539 -16.94 49.86 -25.13
CA LEU A 539 -17.96 49.70 -26.16
C LEU A 539 -19.34 50.16 -25.70
N TYR A 540 -19.55 50.33 -24.40
CA TYR A 540 -20.86 50.77 -23.91
C TYR A 540 -21.13 52.23 -24.28
N LEU A 541 -20.18 53.11 -24.00
CA LEU A 541 -20.34 54.52 -24.33
C LEU A 541 -20.01 54.83 -25.78
N PHE A 542 -19.51 53.86 -26.54
CA PHE A 542 -19.31 54.01 -27.97
C PHE A 542 -20.52 53.56 -28.78
N ALA A 543 -21.50 52.93 -28.14
CA ALA A 543 -22.77 52.52 -28.75
C ALA A 543 -22.55 51.56 -29.93
N TYR A 544 -22.08 50.36 -29.57
CA TYR A 544 -21.96 49.26 -30.52
C TYR A 544 -22.91 48.11 -30.24
N LYS A 545 -23.71 48.21 -29.17
CA LYS A 545 -24.63 47.16 -28.74
C LYS A 545 -23.86 45.85 -28.47
N GLU A 546 -22.64 45.98 -27.95
CA GLU A 546 -21.83 44.85 -27.52
C GLU A 546 -21.43 44.98 -26.05
N TYR A 547 -22.11 45.86 -25.30
CA TYR A 547 -21.80 46.05 -23.90
C TYR A 547 -22.25 44.88 -23.03
N LEU A 548 -22.98 43.92 -23.59
CA LEU A 548 -23.31 42.68 -22.90
C LEU A 548 -22.55 41.48 -23.45
N ALA A 549 -21.79 41.63 -24.53
CA ALA A 549 -21.07 40.50 -25.10
C ALA A 549 -19.86 40.14 -24.27
N CYS A 550 -19.06 41.14 -23.87
CA CYS A 550 -17.86 40.89 -23.09
C CYS A 550 -18.04 41.09 -21.59
N LEU A 551 -19.09 41.81 -21.18
CA LEU A 551 -19.29 42.06 -19.76
C LEU A 551 -19.84 40.82 -19.06
N VAL A 552 -20.70 40.05 -19.73
CA VAL A 552 -21.25 38.86 -19.11
C VAL A 552 -20.19 37.76 -19.02
N LEU A 553 -19.27 37.70 -19.99
CA LEU A 553 -18.19 36.72 -19.92
C LEU A 553 -17.18 37.11 -18.86
N ALA A 554 -16.90 38.42 -18.75
CA ALA A 554 -16.07 38.92 -17.65
C ALA A 554 -16.70 38.63 -16.30
N MET A 555 -18.03 38.72 -16.20
CA MET A 555 -18.73 38.40 -14.95
C MET A 555 -18.57 36.93 -14.60
N ALA A 556 -18.88 36.04 -15.56
CA ALA A 556 -18.82 34.60 -15.31
C ALA A 556 -17.39 34.15 -15.05
N LEU A 557 -16.40 34.85 -15.63
CA LEU A 557 -15.01 34.53 -15.32
C LEU A 557 -14.58 35.09 -13.98
N GLY A 558 -15.15 36.24 -13.58
CA GLY A 558 -14.73 36.87 -12.33
C GLY A 558 -15.26 36.13 -11.11
N TRP A 559 -16.50 35.65 -11.17
CA TRP A 559 -16.97 34.83 -10.06
C TRP A 559 -16.26 33.47 -10.04
N ALA A 560 -15.85 32.99 -11.21
CA ALA A 560 -15.06 31.76 -11.25
C ALA A 560 -13.59 32.03 -10.93
N ASN A 561 -13.17 33.29 -10.87
CA ASN A 561 -11.79 33.62 -10.55
C ASN A 561 -11.55 33.63 -9.04
N MET A 562 -12.61 33.45 -8.24
CA MET A 562 -12.47 33.48 -6.78
C MET A 562 -11.76 32.27 -6.23
N LEU A 563 -11.48 31.26 -7.06
CA LEU A 563 -10.79 30.06 -6.57
C LEU A 563 -9.28 30.23 -6.62
N TYR A 564 -8.81 31.47 -6.76
CA TYR A 564 -7.40 31.78 -6.53
C TYR A 564 -7.15 32.30 -5.13
N TYR A 565 -8.07 33.07 -4.57
CA TYR A 565 -7.89 33.66 -3.25
C TYR A 565 -8.13 32.67 -2.11
N THR A 566 -8.21 31.38 -2.42
CA THR A 566 -8.20 30.33 -1.42
C THR A 566 -6.80 29.84 -1.10
N ARG A 567 -5.79 30.70 -1.25
CA ARG A 567 -4.43 30.34 -0.86
C ARG A 567 -4.32 30.13 0.63
N GLY A 568 -5.06 30.91 1.42
CA GLY A 568 -5.23 30.64 2.83
C GLY A 568 -6.19 29.49 3.06
N PHE A 569 -6.57 29.31 4.34
CA PHE A 569 -7.48 28.26 4.77
C PHE A 569 -6.96 26.88 4.36
N GLN A 570 -6.02 26.36 5.16
CA GLN A 570 -5.29 25.12 4.86
C GLN A 570 -6.18 23.98 4.36
N SER A 571 -7.29 23.73 5.07
CA SER A 571 -8.21 22.68 4.63
C SER A 571 -8.89 23.04 3.32
N MET A 572 -9.28 24.30 3.16
CA MET A 572 -9.86 24.75 1.90
C MET A 572 -8.79 24.92 0.84
N GLY A 573 -7.58 25.31 1.24
CA GLY A 573 -6.46 25.39 0.30
C GLY A 573 -6.03 24.04 -0.23
N MET A 574 -6.36 22.96 0.48
CA MET A 574 -6.14 21.62 -0.05
C MET A 574 -6.98 21.36 -1.30
N TYR A 575 -8.07 22.11 -1.48
CA TYR A 575 -9.09 21.77 -2.46
C TYR A 575 -8.83 22.40 -3.84
N SER A 576 -8.15 23.55 -3.88
CA SER A 576 -7.98 24.26 -5.16
C SER A 576 -6.92 23.60 -6.03
N VAL A 577 -5.88 23.04 -5.42
CA VAL A 577 -4.86 22.38 -6.23
C VAL A 577 -5.40 21.08 -6.81
N MET A 578 -6.46 20.51 -6.20
CA MET A 578 -7.12 19.37 -6.82
C MET A 578 -7.77 19.76 -8.13
N ILE A 579 -8.44 20.92 -8.17
CA ILE A 579 -8.85 21.53 -9.44
C ILE A 579 -7.66 21.66 -10.37
N GLN A 580 -6.61 22.34 -9.92
CA GLN A 580 -5.50 22.73 -10.79
C GLN A 580 -4.77 21.52 -11.37
N LYS A 581 -4.80 20.39 -10.68
CA LYS A 581 -4.16 19.18 -11.19
C LYS A 581 -5.11 18.30 -12.00
N VAL A 582 -6.32 18.08 -11.49
CA VAL A 582 -7.26 17.17 -12.15
C VAL A 582 -7.70 17.74 -13.50
N ILE A 583 -7.95 19.05 -13.57
CA ILE A 583 -8.46 19.59 -14.83
C ILE A 583 -7.39 19.57 -15.91
N LEU A 584 -6.12 19.71 -15.55
CA LEU A 584 -5.04 19.66 -16.53
C LEU A 584 -4.53 18.24 -16.78
N HIS A 585 -4.88 17.28 -15.94
CA HIS A 585 -4.38 15.94 -16.21
C HIS A 585 -5.42 15.02 -16.82
N ASP A 586 -6.67 15.07 -16.35
CA ASP A 586 -7.69 14.12 -16.78
C ASP A 586 -8.81 14.75 -17.59
N VAL A 587 -9.02 16.06 -17.50
CA VAL A 587 -10.21 16.66 -18.13
C VAL A 587 -9.98 16.91 -19.62
N LEU A 588 -8.82 17.47 -19.99
CA LEU A 588 -8.57 17.68 -21.42
C LEU A 588 -8.41 16.37 -22.19
N LYS A 589 -7.84 15.34 -21.57
CA LYS A 589 -7.68 14.07 -22.28
C LYS A 589 -9.03 13.40 -22.54
N PHE A 590 -9.86 13.29 -21.52
CA PHE A 590 -11.20 12.73 -21.69
C PHE A 590 -12.06 13.62 -22.59
N LEU A 591 -11.85 14.94 -22.52
CA LEU A 591 -12.58 15.86 -23.38
C LEU A 591 -12.20 15.69 -24.84
N PHE A 592 -10.90 15.50 -25.12
CA PHE A 592 -10.46 15.27 -26.49
C PHE A 592 -10.98 13.95 -27.03
N VAL A 593 -10.95 12.90 -26.20
CA VAL A 593 -11.48 11.61 -26.64
C VAL A 593 -12.98 11.71 -26.90
N TYR A 594 -13.71 12.37 -26.01
CA TYR A 594 -15.15 12.54 -26.18
C TYR A 594 -15.48 13.45 -27.36
N ILE A 595 -14.58 14.39 -27.71
CA ILE A 595 -14.82 15.26 -28.83
C ILE A 595 -14.59 14.52 -30.15
N VAL A 596 -13.51 13.72 -30.22
CA VAL A 596 -13.27 12.94 -31.43
C VAL A 596 -14.26 11.79 -31.52
N PHE A 597 -14.95 11.50 -30.41
CA PHE A 597 -15.96 10.46 -30.42
C PHE A 597 -17.28 11.02 -30.87
N LEU A 598 -17.64 12.17 -30.34
CA LEU A 598 -18.94 12.77 -30.65
C LEU A 598 -18.98 13.33 -32.07
N LEU A 599 -17.83 13.74 -32.59
CA LEU A 599 -17.79 14.31 -33.94
C LEU A 599 -18.10 13.24 -34.99
N GLY A 600 -17.53 12.05 -34.83
CA GLY A 600 -17.79 10.99 -35.80
C GLY A 600 -19.22 10.49 -35.75
N PHE A 601 -19.75 10.28 -34.55
CA PHE A 601 -21.14 9.85 -34.42
C PHE A 601 -22.10 10.96 -34.82
N GLY A 602 -21.70 12.22 -34.67
CA GLY A 602 -22.57 13.31 -35.05
C GLY A 602 -22.77 13.40 -36.55
N VAL A 603 -21.69 13.23 -37.32
CA VAL A 603 -21.82 13.24 -38.78
C VAL A 603 -22.59 12.02 -39.26
N ALA A 604 -22.32 10.86 -38.68
CA ALA A 604 -22.98 9.62 -39.10
C ALA A 604 -24.48 9.64 -38.79
N LEU A 605 -24.85 10.10 -37.59
CA LEU A 605 -26.26 10.13 -37.22
C LEU A 605 -27.02 11.15 -38.05
N ALA A 606 -26.38 12.27 -38.38
CA ALA A 606 -27.03 13.26 -39.24
C ALA A 606 -27.13 12.78 -40.68
N SER A 607 -26.18 11.96 -41.12
CA SER A 607 -26.23 11.42 -42.48
C SER A 607 -27.21 10.26 -42.62
N LEU A 608 -27.50 9.54 -41.53
CA LEU A 608 -28.39 8.40 -41.61
C LEU A 608 -29.84 8.79 -41.80
N ILE A 609 -30.22 10.00 -41.36
CA ILE A 609 -31.63 10.40 -41.46
C ILE A 609 -31.98 10.78 -42.89
N GLU A 610 -33.27 10.90 -43.14
CA GLU A 610 -33.80 11.27 -44.44
C GLU A 610 -34.52 12.61 -44.34
N LYS A 611 -34.50 13.37 -45.43
CA LYS A 611 -35.17 14.66 -45.47
C LYS A 611 -36.67 14.47 -45.61
N CYS A 612 -37.43 15.05 -44.69
CA CYS A 612 -38.88 14.96 -44.74
C CYS A 612 -39.41 15.80 -45.91
N PRO A 613 -40.61 15.46 -46.44
CA PRO A 613 -41.13 16.23 -47.59
C PRO A 613 -41.71 17.59 -47.22
N LYS A 614 -41.39 18.09 -46.03
CA LYS A 614 -41.75 19.43 -45.56
C LYS A 614 -43.26 19.63 -45.46
N ASP A 615 -44.04 18.55 -45.39
CA ASP A 615 -45.46 18.69 -45.11
C ASP A 615 -45.70 19.06 -43.65
N ASN A 616 -44.78 18.69 -42.76
CA ASN A 616 -44.80 19.08 -41.37
C ASN A 616 -43.40 19.52 -40.96
N LYS A 617 -43.32 20.51 -40.09
CA LYS A 617 -42.01 21.01 -39.66
C LYS A 617 -41.35 20.09 -38.64
N ASP A 618 -42.13 19.40 -37.81
CA ASP A 618 -41.59 18.49 -36.80
C ASP A 618 -41.24 17.17 -37.45
N CYS A 619 -40.17 17.20 -38.26
CA CYS A 619 -39.69 16.03 -38.98
C CYS A 619 -38.18 15.95 -38.84
N SER A 620 -37.69 14.75 -38.57
CA SER A 620 -36.26 14.43 -38.51
C SER A 620 -35.54 15.32 -37.49
N SER A 621 -35.75 14.98 -36.21
CA SER A 621 -35.16 15.75 -35.12
C SER A 621 -33.63 15.77 -35.19
N TYR A 622 -33.03 14.74 -35.77
CA TYR A 622 -31.60 14.75 -36.08
C TYR A 622 -31.38 15.32 -37.48
N GLY A 623 -31.89 16.52 -37.70
CA GLY A 623 -31.92 17.13 -39.01
C GLY A 623 -30.56 17.44 -39.62
N SER A 624 -29.84 18.40 -39.03
CA SER A 624 -28.53 18.79 -39.49
C SER A 624 -27.46 18.26 -38.54
N PHE A 625 -26.20 18.53 -38.89
CA PHE A 625 -25.10 18.13 -38.02
C PHE A 625 -25.12 18.89 -36.71
N SER A 626 -25.42 20.19 -36.76
CA SER A 626 -25.44 21.01 -35.56
C SER A 626 -26.56 20.59 -34.62
N ASP A 627 -27.72 20.21 -35.17
CA ASP A 627 -28.81 19.74 -34.33
C ASP A 627 -28.55 18.34 -33.80
N ALA A 628 -27.92 17.49 -34.61
CA ALA A 628 -27.59 16.14 -34.17
C ALA A 628 -26.55 16.15 -33.06
N VAL A 629 -25.60 17.08 -33.10
CA VAL A 629 -24.62 17.21 -32.03
C VAL A 629 -25.31 17.53 -30.71
N LEU A 630 -26.25 18.46 -30.72
CA LEU A 630 -26.94 18.82 -29.48
C LEU A 630 -27.84 17.70 -28.99
N GLU A 631 -28.58 17.07 -29.90
CA GLU A 631 -29.49 16.00 -29.49
C GLU A 631 -28.73 14.76 -29.03
N LEU A 632 -27.50 14.58 -29.51
CA LEU A 632 -26.69 13.44 -29.12
C LEU A 632 -25.84 13.76 -27.89
N PHE A 633 -25.63 15.04 -27.60
CA PHE A 633 -24.96 15.43 -26.36
C PHE A 633 -25.92 15.43 -25.19
N LYS A 634 -27.20 15.75 -25.43
CA LYS A 634 -28.18 15.72 -24.35
C LYS A 634 -28.35 14.31 -23.79
N LEU A 635 -28.12 13.29 -24.62
CA LEU A 635 -28.20 11.90 -24.17
C LEU A 635 -27.10 11.54 -23.19
N THR A 636 -25.97 12.26 -23.21
CA THR A 636 -24.85 11.92 -22.35
C THR A 636 -25.10 12.33 -20.91
N ILE A 637 -25.58 13.55 -20.69
CA ILE A 637 -25.80 14.05 -19.33
C ILE A 637 -26.93 13.27 -18.65
N GLY A 638 -28.04 13.11 -19.36
CA GLY A 638 -29.16 12.36 -18.81
C GLY A 638 -30.47 13.11 -18.81
N LEU A 639 -30.62 14.07 -19.71
CA LEU A 639 -31.86 14.81 -19.86
C LEU A 639 -32.28 14.83 -21.32
N GLY A 640 -33.59 14.81 -21.55
CA GLY A 640 -34.15 14.79 -22.90
C GLY A 640 -35.03 13.58 -23.10
N ASP A 641 -34.98 13.02 -24.31
CA ASP A 641 -35.78 11.86 -24.64
C ASP A 641 -35.11 11.09 -25.76
N LEU A 642 -35.40 9.79 -25.82
CA LEU A 642 -34.87 8.90 -26.84
C LEU A 642 -36.02 8.35 -27.66
N ASN A 643 -35.92 8.46 -28.98
CA ASN A 643 -36.95 7.98 -29.89
C ASN A 643 -36.32 7.11 -30.96
N ILE A 644 -37.16 6.29 -31.60
CA ILE A 644 -36.71 5.41 -32.66
C ILE A 644 -37.25 5.80 -34.03
N GLN A 645 -38.29 6.64 -34.10
CA GLN A 645 -38.86 7.08 -35.37
C GLN A 645 -38.34 8.48 -35.68
N GLN A 646 -37.09 8.54 -36.12
CA GLN A 646 -36.42 9.78 -36.45
C GLN A 646 -36.33 9.99 -37.96
N ASN A 647 -37.37 9.54 -38.68
CA ASN A 647 -37.46 9.64 -40.14
C ASN A 647 -36.28 8.95 -40.83
N SER A 648 -35.84 7.83 -40.28
CA SER A 648 -34.70 7.08 -40.81
C SER A 648 -35.21 5.85 -41.55
N LYS A 649 -34.67 5.63 -42.76
CA LYS A 649 -35.00 4.44 -43.53
C LYS A 649 -34.29 3.19 -43.02
N TYR A 650 -33.37 3.33 -42.06
CA TYR A 650 -32.64 2.21 -41.49
C TYR A 650 -32.72 2.29 -39.97
N PRO A 651 -33.86 1.90 -39.39
CA PRO A 651 -33.97 1.97 -37.92
C PRO A 651 -33.07 0.97 -37.20
N ILE A 652 -32.80 -0.18 -37.83
CA ILE A 652 -31.94 -1.20 -37.25
C ILE A 652 -30.51 -0.70 -37.18
N LEU A 653 -30.16 0.25 -38.07
CA LEU A 653 -28.86 0.89 -38.06
C LEU A 653 -28.81 2.15 -37.21
N PHE A 654 -29.90 2.91 -37.17
CA PHE A 654 -29.98 4.07 -36.28
C PHE A 654 -29.89 3.63 -34.82
N LEU A 655 -30.63 2.60 -34.45
CA LEU A 655 -30.64 2.14 -33.07
C LEU A 655 -29.30 1.53 -32.69
N PHE A 656 -28.64 0.85 -33.63
CA PHE A 656 -27.32 0.28 -33.35
C PHE A 656 -26.32 1.37 -32.98
N LEU A 657 -26.26 2.45 -33.77
CA LEU A 657 -25.34 3.54 -33.48
C LEU A 657 -25.72 4.27 -32.19
N LEU A 658 -27.02 4.49 -31.98
CA LEU A 658 -27.46 5.21 -30.78
C LEU A 658 -27.18 4.41 -29.52
N ILE A 659 -27.30 3.08 -29.59
CA ILE A 659 -27.03 2.24 -28.43
C ILE A 659 -25.52 2.15 -28.19
N THR A 660 -24.75 1.95 -29.26
CA THR A 660 -23.31 1.82 -29.09
C THR A 660 -22.64 3.13 -28.65
N TYR A 661 -23.23 4.30 -28.96
CA TYR A 661 -22.68 5.54 -28.42
C TYR A 661 -22.80 5.58 -26.90
N VAL A 662 -24.00 5.35 -26.36
CA VAL A 662 -24.15 5.42 -24.92
C VAL A 662 -23.36 4.30 -24.24
N ILE A 663 -23.28 3.12 -24.86
CA ILE A 663 -22.49 2.02 -24.32
C ILE A 663 -21.00 2.39 -24.27
N LEU A 664 -20.48 2.93 -25.36
CA LEU A 664 -19.05 3.20 -25.44
C LEU A 664 -18.58 4.44 -24.68
N THR A 665 -19.48 5.37 -24.44
CA THR A 665 -19.11 6.60 -23.73
C THR A 665 -19.61 6.65 -22.29
N PHE A 666 -20.93 6.53 -22.07
CA PHE A 666 -21.46 6.72 -20.72
C PHE A 666 -21.09 5.56 -19.80
N VAL A 667 -21.04 4.36 -20.36
CA VAL A 667 -20.72 3.17 -19.58
C VAL A 667 -19.21 2.99 -19.44
N LEU A 668 -18.45 3.45 -20.43
CA LEU A 668 -17.00 3.24 -20.45
C LEU A 668 -16.22 4.51 -20.08
N LEU A 669 -16.38 5.58 -20.85
CA LEU A 669 -15.55 6.78 -20.70
C LEU A 669 -15.89 7.57 -19.44
N LEU A 670 -17.20 7.83 -19.22
CA LEU A 670 -17.61 8.74 -18.15
C LEU A 670 -17.27 8.19 -16.78
N ASN A 671 -17.16 6.88 -16.64
CA ASN A 671 -16.81 6.27 -15.37
C ASN A 671 -15.36 5.79 -15.32
N MET A 672 -14.72 5.56 -16.47
CA MET A 672 -13.29 5.29 -16.43
C MET A 672 -12.53 6.56 -16.09
N LEU A 673 -13.07 7.73 -16.45
CA LEU A 673 -12.52 8.98 -15.94
C LEU A 673 -12.55 9.03 -14.42
N ILE A 674 -13.66 8.60 -13.82
CA ILE A 674 -13.76 8.52 -12.36
C ILE A 674 -12.73 7.57 -11.80
N ALA A 675 -12.57 6.42 -12.44
CA ALA A 675 -11.57 5.44 -12.01
C ALA A 675 -10.15 5.97 -12.12
N LEU A 676 -9.86 6.78 -13.14
CA LEU A 676 -8.52 7.32 -13.32
C LEU A 676 -8.21 8.39 -12.27
N MET A 677 -9.16 9.29 -12.00
CA MET A 677 -8.96 10.24 -10.92
C MET A 677 -8.97 9.57 -9.54
N GLY A 678 -9.59 8.40 -9.40
CA GLY A 678 -9.47 7.65 -8.16
C GLY A 678 -8.05 7.21 -7.86
N GLU A 679 -7.23 7.04 -8.89
CA GLU A 679 -5.81 6.80 -8.76
C GLU A 679 -5.01 8.10 -8.65
N THR A 680 -5.42 9.12 -9.42
CA THR A 680 -4.68 10.39 -9.43
C THR A 680 -4.75 11.09 -8.07
N VAL A 681 -5.96 11.21 -7.51
CA VAL A 681 -6.12 11.86 -6.22
C VAL A 681 -5.43 11.07 -5.12
N GLU A 682 -5.46 9.74 -5.21
CA GLU A 682 -4.75 8.91 -4.24
C GLU A 682 -3.25 9.13 -4.34
N ASN A 683 -2.72 9.30 -5.55
CA ASN A 683 -1.28 9.51 -5.72
C ASN A 683 -0.87 10.89 -5.23
N VAL A 684 -1.69 11.91 -5.46
CA VAL A 684 -1.29 13.29 -5.17
C VAL A 684 -1.86 13.80 -3.84
N SER A 685 -2.50 12.94 -3.06
CA SER A 685 -3.00 13.36 -1.75
C SER A 685 -1.86 13.67 -0.79
N LYS A 686 -0.78 12.88 -0.84
CA LYS A 686 0.38 13.12 0.00
C LYS A 686 1.28 14.22 -0.55
N GLU A 687 1.08 14.64 -1.79
CA GLU A 687 1.89 15.67 -2.41
C GLU A 687 1.30 17.06 -2.25
N SER A 688 0.04 17.16 -1.80
CA SER A 688 -0.65 18.44 -1.75
C SER A 688 -0.13 19.37 -0.67
N GLU A 689 0.47 18.82 0.39
CA GLU A 689 0.92 19.65 1.50
C GLU A 689 2.05 20.57 1.08
N ARG A 690 3.01 20.07 0.29
CA ARG A 690 4.08 20.91 -0.21
C ARG A 690 3.60 21.86 -1.30
N ILE A 691 2.60 21.47 -2.09
CA ILE A 691 2.22 22.31 -3.22
C ILE A 691 1.28 23.43 -2.78
N TRP A 692 0.61 23.28 -1.63
CA TRP A 692 -0.09 24.42 -1.06
C TRP A 692 0.90 25.44 -0.52
N ARG A 693 1.92 24.96 0.19
CA ARG A 693 2.92 25.85 0.77
C ARG A 693 3.76 26.53 -0.30
N LEU A 694 3.92 25.90 -1.46
CA LEU A 694 4.61 26.55 -2.57
C LEU A 694 3.85 27.77 -3.07
N GLN A 695 2.54 27.63 -3.30
CA GLN A 695 1.73 28.78 -3.70
C GLN A 695 1.69 29.83 -2.59
N ARG A 696 1.67 29.38 -1.33
CA ARG A 696 1.69 30.32 -0.21
C ARG A 696 2.97 31.14 -0.21
N ALA A 697 4.12 30.48 -0.38
CA ALA A 697 5.39 31.21 -0.40
C ALA A 697 5.50 32.11 -1.64
N ARG A 698 4.96 31.66 -2.77
CA ARG A 698 5.02 32.48 -3.98
C ARG A 698 4.18 33.75 -3.84
N THR A 699 2.98 33.64 -3.28
CA THR A 699 2.19 34.84 -3.06
C THR A 699 2.68 35.64 -1.87
N ILE A 700 3.49 35.03 -1.00
CA ILE A 700 4.15 35.78 0.07
C ILE A 700 5.24 36.68 -0.51
N LEU A 701 6.06 36.12 -1.40
CA LEU A 701 7.18 36.90 -1.94
C LEU A 701 6.73 37.80 -3.08
N GLU A 702 5.58 37.53 -3.68
CA GLU A 702 5.09 38.38 -4.76
C GLU A 702 4.65 39.74 -4.24
N PHE A 703 4.04 39.77 -3.05
CA PHE A 703 3.60 41.03 -2.46
C PHE A 703 4.78 41.87 -1.98
N GLU A 704 5.94 41.27 -1.80
CA GLU A 704 7.11 42.03 -1.39
C GLU A 704 7.50 43.01 -2.47
N LYS A 705 7.54 42.54 -3.72
CA LYS A 705 7.94 43.39 -4.83
C LYS A 705 7.01 44.59 -5.03
N MET A 706 5.77 44.50 -4.56
CA MET A 706 4.82 45.58 -4.70
C MET A 706 5.00 46.69 -3.67
N LEU A 707 5.86 46.48 -2.67
CA LEU A 707 6.06 47.48 -1.63
C LEU A 707 6.87 48.66 -2.16
N PRO A 708 6.64 49.85 -1.63
CA PRO A 708 7.52 50.98 -1.94
C PRO A 708 8.87 50.83 -1.25
N GLU A 709 9.84 51.62 -1.72
CA GLU A 709 11.19 51.52 -1.17
C GLU A 709 11.25 52.07 0.25
N TRP A 710 10.45 53.09 0.56
CA TRP A 710 10.46 53.65 1.91
C TRP A 710 9.78 52.73 2.90
N LEU A 711 8.86 51.89 2.45
CA LEU A 711 8.19 50.94 3.32
C LEU A 711 9.07 49.75 3.68
N ARG A 712 10.20 49.58 2.99
CA ARG A 712 11.14 48.49 3.24
C ARG A 712 11.98 48.69 4.51
N SER A 713 11.66 49.70 5.33
CA SER A 713 12.43 49.93 6.54
C SER A 713 12.26 48.82 7.57
N ARG A 714 11.18 48.04 7.47
CA ARG A 714 10.94 46.93 8.40
C ARG A 714 11.75 45.71 7.94
N PHE A 715 13.06 45.81 8.14
CA PHE A 715 13.98 44.71 7.86
C PHE A 715 14.11 43.83 9.11
N ARG A 716 15.07 42.92 9.08
CA ARG A 716 15.34 42.05 10.21
C ARG A 716 16.49 42.60 11.05
N MET A 717 16.81 41.86 12.12
CA MET A 717 17.90 42.27 13.00
C MET A 717 19.22 42.08 12.28
N GLY A 718 20.10 43.07 12.42
CA GLY A 718 21.35 43.05 11.69
C GLY A 718 22.44 43.80 12.40
N GLU A 719 23.58 43.92 11.71
CA GLU A 719 24.79 44.56 12.23
C GLU A 719 25.25 43.90 13.53
N LEU A 720 25.69 42.64 13.39
CA LEU A 720 26.06 41.84 14.55
C LEU A 720 27.36 42.32 15.18
N CYS A 721 28.35 42.69 14.35
CA CYS A 721 29.68 43.14 14.74
C CYS A 721 30.46 42.07 15.52
N LYS A 722 30.02 40.82 15.48
CA LYS A 722 30.73 39.74 16.18
C LYS A 722 31.70 39.01 15.26
N VAL A 723 32.50 39.79 14.54
CA VAL A 723 33.51 39.25 13.64
C VAL A 723 34.82 40.00 13.87
N ALA A 724 35.80 39.78 12.99
CA ALA A 724 37.14 40.32 13.18
C ALA A 724 37.19 41.84 13.19
N GLU A 725 36.87 42.48 12.06
CA GLU A 725 37.01 43.93 11.94
C GLU A 725 35.89 44.56 11.11
N ASP A 726 34.67 44.06 11.23
CA ASP A 726 33.57 44.58 10.43
C ASP A 726 32.25 44.23 11.14
N ASP A 727 31.15 44.41 10.41
CA ASP A 727 29.82 43.97 10.84
C ASP A 727 29.36 42.87 9.91
N PHE A 728 28.99 41.73 10.47
CA PHE A 728 28.68 40.53 9.68
C PHE A 728 27.28 40.63 9.05
N ARG A 729 27.16 41.64 8.20
CA ARG A 729 25.90 41.88 7.51
C ARG A 729 24.74 41.84 8.47
N LEU A 730 23.74 41.08 8.09
CA LEU A 730 22.54 40.95 8.91
C LEU A 730 22.53 39.56 9.55
N CYS A 731 22.06 39.49 10.79
CA CYS A 731 22.06 38.24 11.55
C CYS A 731 20.71 38.10 12.25
N LEU A 732 19.92 37.12 11.84
CA LEU A 732 18.58 36.91 12.37
C LEU A 732 18.62 35.92 13.52
N ARG A 733 18.00 36.30 14.64
CA ARG A 733 17.92 35.44 15.81
C ARG A 733 16.63 34.64 15.77
N ILE A 734 16.76 33.31 15.74
CA ILE A 734 15.62 32.41 15.85
C ILE A 734 15.79 31.58 17.11
N ASN A 735 14.67 31.08 17.62
CA ASN A 735 14.64 30.27 18.84
C ASN A 735 13.90 28.98 18.51
N GLU A 736 14.66 28.01 18.01
CA GLU A 736 14.07 26.75 17.61
C GLU A 736 14.14 25.67 18.67
N VAL A 737 13.10 24.86 18.74
CA VAL A 737 13.05 23.75 19.68
C VAL A 737 12.88 22.45 18.90
N LYS A 738 13.39 21.37 19.48
CA LYS A 738 13.24 20.03 18.90
C LYS A 738 13.25 19.03 20.05
N TRP A 739 12.08 18.43 20.29
CA TRP A 739 11.92 17.59 21.47
C TRP A 739 12.08 16.12 21.15
N THR A 740 11.75 15.73 19.92
CA THR A 740 12.00 14.35 19.49
C THR A 740 13.50 14.08 19.38
N GLU A 741 14.23 15.01 18.74
CA GLU A 741 15.68 14.85 18.61
C GLU A 741 16.37 14.91 19.96
N TRP A 742 15.94 15.82 20.84
CA TRP A 742 16.54 15.89 22.17
C TRP A 742 16.17 14.68 23.01
N LYS A 743 14.97 14.13 22.82
CA LYS A 743 14.59 12.92 23.54
C LYS A 743 15.41 11.72 23.09
N THR A 744 15.70 11.63 21.79
CA THR A 744 16.54 10.55 21.30
C THR A 744 18.00 10.75 21.71
N HIS A 745 18.46 12.00 21.78
CA HIS A 745 19.85 12.26 22.15
C HIS A 745 20.07 12.02 23.64
N VAL A 746 19.14 12.46 24.49
CA VAL A 746 19.28 12.29 25.93
C VAL A 746 18.99 10.87 26.38
N SER A 747 18.46 10.03 25.49
CA SER A 747 18.13 8.65 25.85
C SER A 747 19.37 7.81 26.12
N PHE A 748 20.54 8.24 25.66
CA PHE A 748 21.78 7.51 25.89
C PHE A 748 22.63 8.20 26.95
N PRO B 62 0.02 -34.82 -13.99
CA PRO B 62 0.55 -35.56 -15.14
C PRO B 62 0.46 -37.07 -14.97
N VAL B 63 0.92 -37.82 -15.97
CA VAL B 63 0.90 -39.27 -15.94
C VAL B 63 2.27 -39.78 -16.35
N PHE B 64 2.56 -41.02 -15.97
CA PHE B 64 3.84 -41.64 -16.28
C PHE B 64 3.64 -43.13 -16.55
N SER B 65 4.70 -43.76 -17.04
CA SER B 65 4.74 -45.19 -17.28
C SER B 65 5.06 -45.93 -15.99
N LYS B 66 5.55 -47.17 -16.11
CA LYS B 66 5.93 -47.95 -14.94
C LYS B 66 7.04 -47.24 -14.17
N PRO B 67 7.02 -47.30 -12.85
CA PRO B 67 8.04 -46.58 -12.06
C PRO B 67 9.42 -47.18 -12.21
N MET B 68 10.43 -46.34 -11.96
CA MET B 68 11.81 -46.78 -12.03
C MET B 68 12.24 -47.62 -10.83
N ASP B 69 11.51 -47.54 -9.72
CA ASP B 69 11.86 -48.31 -8.54
C ASP B 69 10.61 -48.51 -7.70
N SER B 70 10.57 -49.65 -6.99
CA SER B 70 9.44 -49.99 -6.14
C SER B 70 9.90 -50.97 -5.08
N ASN B 71 9.05 -51.20 -4.09
CA ASN B 71 9.33 -52.14 -3.02
C ASN B 71 8.13 -53.01 -2.72
N ILE B 72 7.33 -53.33 -3.73
CA ILE B 72 6.15 -54.17 -3.56
C ILE B 72 6.55 -55.62 -3.34
N LEU B 119 15.10 -66.69 -8.45
CA LEU B 119 15.94 -66.25 -7.33
C LEU B 119 16.78 -65.04 -7.71
N LYS B 120 16.41 -64.39 -8.82
CA LYS B 120 17.13 -63.21 -9.28
C LYS B 120 16.70 -61.94 -8.54
N LYS B 121 15.51 -61.94 -7.95
CA LYS B 121 15.04 -60.76 -7.22
C LYS B 121 15.79 -60.56 -5.90
N ARG B 122 16.46 -61.61 -5.40
CA ARG B 122 17.20 -61.47 -4.14
C ARG B 122 18.41 -60.55 -4.30
N ILE B 123 19.10 -60.61 -5.44
CA ILE B 123 20.19 -59.68 -5.69
C ILE B 123 19.67 -58.25 -5.78
N PHE B 124 18.52 -58.08 -6.44
CA PHE B 124 17.92 -56.75 -6.58
C PHE B 124 17.51 -56.18 -5.23
N ALA B 125 16.98 -57.03 -4.35
CA ALA B 125 16.65 -56.59 -3.00
C ALA B 125 17.90 -56.34 -2.16
N ALA B 126 18.98 -57.08 -2.40
CA ALA B 126 20.20 -56.89 -1.63
C ALA B 126 20.89 -55.58 -1.99
N VAL B 127 20.88 -55.21 -3.28
CA VAL B 127 21.52 -53.95 -3.66
C VAL B 127 20.65 -52.74 -3.33
N SER B 128 19.41 -52.95 -2.91
CA SER B 128 18.51 -51.84 -2.60
C SER B 128 18.96 -51.11 -1.35
N GLU B 129 18.93 -51.80 -0.20
CA GLU B 129 19.39 -51.20 1.04
C GLU B 129 20.91 -51.18 1.16
N GLY B 130 21.62 -51.91 0.30
CA GLY B 130 23.07 -51.91 0.32
C GLY B 130 23.65 -52.73 1.46
N CYS B 131 23.29 -54.01 1.53
CA CYS B 131 23.80 -54.92 2.54
C CYS B 131 24.96 -55.69 1.91
N VAL B 132 26.18 -55.16 2.05
CA VAL B 132 27.35 -55.76 1.44
C VAL B 132 27.66 -57.12 2.08
N GLU B 133 27.44 -57.24 3.39
CA GLU B 133 27.65 -58.53 4.06
C GLU B 133 26.69 -59.58 3.53
N GLU B 134 25.45 -59.18 3.21
CA GLU B 134 24.54 -60.07 2.51
C GLU B 134 24.89 -60.18 1.04
N LEU B 135 25.58 -59.18 0.48
CA LEU B 135 25.89 -59.18 -0.95
C LEU B 135 27.11 -60.03 -1.31
N VAL B 136 27.85 -60.48 -0.30
CA VAL B 136 29.06 -61.27 -0.57
C VAL B 136 28.71 -62.64 -1.15
N GLU B 137 27.77 -63.36 -0.53
CA GLU B 137 27.63 -64.78 -0.81
C GLU B 137 26.79 -65.11 -2.05
N LEU B 138 25.79 -64.30 -2.36
CA LEU B 138 24.93 -64.63 -3.49
C LEU B 138 25.70 -64.54 -4.81
N LEU B 139 26.69 -63.66 -4.90
CA LEU B 139 27.52 -63.64 -6.11
C LEU B 139 28.37 -64.89 -6.25
N VAL B 140 28.87 -65.44 -5.15
CA VAL B 140 29.53 -66.75 -5.21
C VAL B 140 28.53 -67.81 -5.69
N GLU B 141 27.28 -67.69 -5.23
CA GLU B 141 26.23 -68.58 -5.74
C GLU B 141 25.95 -68.33 -7.22
N LEU B 142 25.94 -67.05 -7.63
CA LEU B 142 25.61 -66.67 -9.00
C LEU B 142 26.71 -66.99 -10.00
N GLN B 143 27.94 -67.22 -9.53
CA GLN B 143 29.03 -67.54 -10.43
C GLN B 143 28.79 -68.88 -11.12
N GLU B 144 28.17 -69.84 -10.43
CA GLU B 144 27.86 -71.14 -11.00
C GLU B 144 26.35 -71.40 -11.03
N LEU B 145 25.53 -70.37 -10.85
CA LEU B 145 24.08 -70.53 -10.90
C LEU B 145 23.66 -70.72 -12.35
N CYS B 146 23.27 -71.95 -12.69
CA CYS B 146 22.86 -72.33 -14.05
C CYS B 146 23.95 -72.02 -15.08
N ARG B 147 25.20 -72.21 -14.68
CA ARG B 147 26.34 -71.92 -15.55
C ARG B 147 26.48 -73.01 -16.61
N ARG B 148 25.50 -73.10 -17.51
CA ARG B 148 25.52 -74.09 -18.57
C ARG B 148 25.50 -73.44 -19.95
N ARG B 149 24.43 -72.76 -20.35
CA ARG B 149 24.40 -72.28 -21.74
C ARG B 149 24.43 -73.43 -22.73
N PHE B 157 23.13 -69.85 -20.05
CA PHE B 157 22.74 -68.50 -20.43
C PHE B 157 23.92 -67.53 -20.36
N LEU B 158 23.94 -66.55 -21.24
CA LEU B 158 25.03 -65.57 -21.23
C LEU B 158 24.67 -64.39 -20.33
N MET B 159 24.71 -64.69 -19.02
CA MET B 159 24.43 -63.77 -17.90
C MET B 159 23.36 -62.72 -18.18
N HIS B 160 22.24 -63.13 -18.77
CA HIS B 160 21.14 -62.19 -18.99
C HIS B 160 20.27 -62.04 -17.75
N LYS B 161 20.34 -63.03 -16.84
CA LYS B 161 19.58 -62.97 -15.61
C LYS B 161 20.13 -61.96 -14.61
N LEU B 162 21.34 -61.44 -14.86
CA LEU B 162 21.89 -60.40 -13.98
C LEU B 162 21.07 -59.12 -14.06
N THR B 163 20.60 -58.78 -15.26
CA THR B 163 19.74 -57.64 -15.48
C THR B 163 18.28 -58.09 -15.58
N ALA B 164 17.37 -57.13 -15.47
CA ALA B 164 15.95 -57.40 -15.62
C ALA B 164 15.50 -57.11 -17.05
N SER B 165 14.49 -57.85 -17.49
CA SER B 165 14.01 -57.74 -18.86
C SER B 165 12.70 -56.95 -18.99
N ASP B 166 12.07 -56.57 -17.88
CA ASP B 166 10.83 -55.81 -17.96
C ASP B 166 11.09 -54.37 -18.35
N THR B 167 12.15 -53.76 -17.81
CA THR B 167 12.48 -52.37 -18.09
C THR B 167 13.95 -52.18 -18.43
N GLY B 168 14.73 -53.26 -18.52
CA GLY B 168 16.15 -53.14 -18.77
C GLY B 168 16.98 -52.74 -17.58
N LYS B 169 16.43 -52.80 -16.38
CA LYS B 169 17.15 -52.36 -15.20
C LYS B 169 18.18 -53.39 -14.75
N THR B 170 19.31 -52.91 -14.27
CA THR B 170 20.34 -53.74 -13.64
C THR B 170 20.45 -53.36 -12.17
N CYS B 171 21.28 -54.11 -11.45
CA CYS B 171 21.51 -53.83 -10.04
C CYS B 171 22.38 -52.59 -9.84
N LEU B 172 23.17 -52.20 -10.85
CA LEU B 172 24.04 -51.03 -10.71
C LEU B 172 23.21 -49.76 -10.54
N MET B 173 22.40 -49.42 -11.54
CA MET B 173 21.58 -48.23 -11.45
C MET B 173 20.48 -48.36 -10.39
N LYS B 174 20.13 -49.58 -9.99
CA LYS B 174 19.23 -49.73 -8.86
C LYS B 174 19.92 -49.36 -7.56
N ALA B 175 21.20 -49.70 -7.43
CA ALA B 175 21.97 -49.28 -6.25
C ALA B 175 22.19 -47.78 -6.24
N LEU B 176 22.46 -47.19 -7.40
CA LEU B 176 22.57 -45.74 -7.48
C LEU B 176 21.23 -45.02 -7.48
N LEU B 177 20.12 -45.77 -7.53
CA LEU B 177 18.81 -45.12 -7.49
C LEU B 177 18.45 -44.64 -6.09
N ASN B 178 18.91 -45.34 -5.05
CA ASN B 178 18.70 -44.94 -3.66
C ASN B 178 20.05 -44.97 -2.96
N ILE B 179 20.52 -43.80 -2.53
CA ILE B 179 21.86 -43.71 -1.94
C ILE B 179 21.79 -43.96 -0.45
N ASN B 180 22.65 -44.85 0.03
CA ASN B 180 22.85 -45.14 1.44
C ASN B 180 24.30 -44.82 1.78
N PRO B 181 24.62 -44.64 3.07
CA PRO B 181 26.00 -44.28 3.43
C PRO B 181 27.05 -45.31 3.01
N ASN B 182 26.68 -46.57 2.83
CA ASN B 182 27.58 -47.60 2.33
C ASN B 182 27.12 -47.97 0.92
N THR B 183 27.77 -47.39 -0.09
CA THR B 183 27.39 -47.65 -1.48
C THR B 183 28.62 -47.84 -2.37
N LYS B 184 29.76 -47.30 -1.96
CA LYS B 184 30.97 -47.39 -2.76
C LYS B 184 31.47 -48.83 -2.89
N GLU B 185 31.40 -49.58 -1.79
CA GLU B 185 31.80 -50.98 -1.81
C GLU B 185 30.92 -51.79 -2.74
N ILE B 186 29.63 -51.48 -2.80
CA ILE B 186 28.72 -52.18 -3.70
C ILE B 186 29.11 -51.93 -5.15
N VAL B 187 29.41 -50.68 -5.50
CA VAL B 187 29.78 -50.34 -6.88
C VAL B 187 31.10 -51.01 -7.25
N ARG B 188 32.09 -50.96 -6.36
CA ARG B 188 33.38 -51.57 -6.69
C ARG B 188 33.30 -53.10 -6.75
N ILE B 189 32.45 -53.72 -5.92
CA ILE B 189 32.27 -55.17 -5.99
C ILE B 189 31.57 -55.56 -7.29
N LEU B 190 30.55 -54.78 -7.69
CA LEU B 190 29.86 -55.06 -8.94
C LEU B 190 30.78 -54.90 -10.14
N LEU B 191 31.63 -53.87 -10.13
CA LEU B 191 32.57 -53.69 -11.24
C LEU B 191 33.62 -54.79 -11.27
N ALA B 192 34.13 -55.18 -10.09
CA ALA B 192 35.13 -56.26 -10.04
C ALA B 192 34.53 -57.59 -10.45
N PHE B 193 33.24 -57.80 -10.20
CA PHE B 193 32.58 -59.02 -10.68
C PHE B 193 32.30 -58.96 -12.17
N ALA B 194 31.92 -57.79 -12.69
CA ALA B 194 31.59 -57.67 -14.11
C ALA B 194 32.84 -57.79 -14.98
N GLU B 195 33.99 -57.32 -14.49
CA GLU B 195 35.21 -57.44 -15.29
C GLU B 195 35.73 -58.86 -15.32
N GLU B 196 35.26 -59.74 -14.42
CA GLU B 196 35.70 -61.13 -14.43
C GLU B 196 35.09 -61.89 -15.60
N ASN B 197 33.81 -61.65 -15.90
CA ASN B 197 33.10 -62.35 -16.96
C ASN B 197 33.23 -61.65 -18.31
N ASP B 198 34.07 -60.61 -18.40
CA ASP B 198 34.34 -59.88 -19.64
C ASP B 198 33.07 -59.29 -20.26
N ILE B 199 32.18 -58.81 -19.40
CA ILE B 199 30.94 -58.17 -19.86
C ILE B 199 30.77 -56.80 -19.22
N LEU B 200 31.89 -56.20 -18.80
CA LEU B 200 31.84 -54.88 -18.18
C LEU B 200 31.37 -53.81 -19.14
N GLY B 201 31.77 -53.92 -20.42
CA GLY B 201 31.34 -52.95 -21.41
C GLY B 201 29.85 -53.00 -21.66
N ARG B 202 29.28 -54.20 -21.70
CA ARG B 202 27.83 -54.34 -21.83
C ARG B 202 27.10 -53.99 -20.55
N PHE B 203 27.74 -54.20 -19.40
CA PHE B 203 27.09 -53.94 -18.12
C PHE B 203 26.99 -52.45 -17.84
N ILE B 204 28.08 -51.70 -18.06
CA ILE B 204 28.06 -50.28 -17.78
C ILE B 204 27.29 -49.50 -18.84
N ASN B 205 27.15 -50.05 -20.05
CA ASN B 205 26.36 -49.43 -21.10
C ASN B 205 24.97 -50.07 -21.19
N ALA B 206 24.27 -50.03 -20.07
CA ALA B 206 22.92 -50.58 -19.97
C ALA B 206 21.92 -49.43 -20.08
N GLU B 207 20.85 -49.66 -20.82
CA GLU B 207 19.87 -48.61 -21.12
C GLU B 207 18.46 -49.08 -20.77
N TYR B 208 17.64 -48.13 -20.34
CA TYR B 208 16.22 -48.39 -20.14
C TYR B 208 15.53 -48.64 -21.48
N THR B 209 14.46 -49.43 -21.45
CA THR B 209 13.79 -49.86 -22.66
C THR B 209 12.27 -49.68 -22.52
N GLU B 210 11.85 -48.48 -22.15
CA GLU B 210 10.44 -48.13 -22.13
C GLU B 210 10.24 -46.80 -22.85
N GLU B 211 8.98 -46.43 -23.04
CA GLU B 211 8.66 -45.23 -23.81
C GLU B 211 9.01 -43.96 -23.03
N ALA B 212 8.75 -43.95 -21.71
CA ALA B 212 9.05 -42.76 -20.91
C ALA B 212 10.55 -42.59 -20.73
N TYR B 213 11.22 -43.69 -20.38
CA TYR B 213 12.66 -43.66 -20.19
C TYR B 213 13.35 -44.58 -21.18
N GLU B 214 14.13 -44.00 -22.08
CA GLU B 214 14.85 -44.79 -23.08
C GLU B 214 16.25 -44.22 -23.23
N GLY B 215 17.25 -45.10 -23.18
CA GLY B 215 18.64 -44.69 -23.27
C GLY B 215 19.26 -44.25 -21.96
N GLN B 216 18.57 -44.46 -20.84
CA GLN B 216 19.07 -43.99 -19.55
C GLN B 216 20.18 -44.91 -19.05
N THR B 217 21.33 -44.33 -18.73
CA THR B 217 22.50 -45.08 -18.29
C THR B 217 22.73 -44.89 -16.80
N ALA B 218 23.66 -45.69 -16.26
CA ALA B 218 23.95 -45.64 -14.84
C ALA B 218 24.70 -44.37 -14.47
N LEU B 219 25.55 -43.87 -15.37
CA LEU B 219 26.27 -42.63 -15.12
C LEU B 219 25.31 -41.44 -15.03
N ASN B 220 24.23 -41.47 -15.81
CA ASN B 220 23.23 -40.40 -15.78
C ASN B 220 22.56 -40.32 -14.42
N ILE B 221 22.28 -41.48 -13.80
CA ILE B 221 21.70 -41.49 -12.47
C ILE B 221 22.75 -41.20 -11.41
N ALA B 222 24.00 -41.58 -11.66
CA ALA B 222 25.07 -41.32 -10.69
C ALA B 222 25.38 -39.84 -10.58
N ILE B 223 25.29 -39.09 -11.68
CA ILE B 223 25.60 -37.67 -11.65
C ILE B 223 24.54 -36.90 -10.84
N GLU B 224 23.26 -37.17 -11.11
CA GLU B 224 22.19 -36.36 -10.52
C GLU B 224 22.05 -36.58 -9.02
N ARG B 225 22.55 -37.70 -8.49
CA ARG B 225 22.48 -37.97 -7.06
C ARG B 225 23.65 -37.37 -6.29
N ARG B 226 24.33 -36.37 -6.87
CA ARG B 226 25.44 -35.65 -6.23
C ARG B 226 26.57 -36.59 -5.81
N GLN B 227 26.74 -37.69 -6.54
CA GLN B 227 27.78 -38.67 -6.22
C GLN B 227 28.98 -38.46 -7.14
N GLY B 228 29.66 -37.33 -6.91
CA GLY B 228 30.82 -37.00 -7.72
C GLY B 228 31.97 -37.96 -7.53
N ASP B 229 32.14 -38.49 -6.31
CA ASP B 229 33.19 -39.47 -6.06
C ASP B 229 32.86 -40.80 -6.74
N ILE B 230 31.58 -41.18 -6.78
CA ILE B 230 31.18 -42.39 -7.46
C ILE B 230 31.24 -42.21 -8.97
N ALA B 231 30.92 -41.00 -9.45
CA ALA B 231 30.85 -40.76 -10.88
C ALA B 231 32.20 -40.92 -11.57
N ALA B 232 33.29 -40.74 -10.83
CA ALA B 232 34.62 -40.95 -11.40
C ALA B 232 34.93 -42.42 -11.64
N LEU B 233 34.18 -43.33 -11.01
CA LEU B 233 34.47 -44.75 -11.14
C LEU B 233 33.95 -45.31 -12.46
N LEU B 234 32.74 -44.90 -12.88
CA LEU B 234 32.18 -45.46 -14.11
C LEU B 234 32.92 -44.97 -15.35
N ILE B 235 33.40 -43.72 -15.34
CA ILE B 235 34.16 -43.25 -16.48
C ILE B 235 35.55 -43.87 -16.49
N ALA B 236 36.09 -44.19 -15.30
CA ALA B 236 37.34 -44.92 -15.25
C ALA B 236 37.18 -46.33 -15.80
N ALA B 237 36.06 -46.98 -15.49
CA ALA B 237 35.74 -48.26 -16.09
C ALA B 237 35.43 -48.12 -17.58
N GLY B 238 34.97 -46.95 -18.02
CA GLY B 238 34.70 -46.69 -19.41
C GLY B 238 33.23 -46.55 -19.74
N ALA B 239 32.75 -45.32 -19.80
CA ALA B 239 31.38 -45.02 -20.19
C ALA B 239 31.37 -44.32 -21.54
N ASP B 240 30.30 -44.52 -22.30
CA ASP B 240 30.21 -43.94 -23.63
C ASP B 240 30.02 -42.43 -23.61
N VAL B 241 29.63 -41.86 -22.46
CA VAL B 241 29.51 -40.43 -22.23
C VAL B 241 28.46 -39.78 -23.12
N ASN B 242 28.57 -39.98 -24.44
CA ASN B 242 27.65 -39.41 -25.42
C ASN B 242 26.33 -40.16 -25.51
N ALA B 243 26.03 -41.04 -24.55
CA ALA B 243 24.77 -41.79 -24.57
C ALA B 243 23.60 -40.85 -24.28
N HIS B 244 22.77 -40.62 -25.29
CA HIS B 244 21.65 -39.72 -25.14
C HIS B 244 20.56 -40.34 -24.27
N ALA B 245 19.60 -39.50 -23.87
CA ALA B 245 18.50 -39.94 -23.04
C ALA B 245 17.17 -39.61 -23.72
N LYS B 246 17.03 -40.02 -24.98
CA LYS B 246 15.84 -39.72 -25.77
C LYS B 246 14.65 -40.49 -25.21
N GLY B 247 13.80 -39.79 -24.45
CA GLY B 247 12.63 -40.41 -23.86
C GLY B 247 11.55 -39.40 -23.65
N ALA B 248 10.33 -39.90 -23.46
CA ALA B 248 9.18 -39.01 -23.28
C ALA B 248 9.27 -38.26 -21.95
N PHE B 249 9.85 -38.89 -20.92
CA PHE B 249 10.02 -38.22 -19.64
C PHE B 249 11.08 -37.14 -19.73
N PHE B 250 12.22 -37.46 -20.34
CA PHE B 250 13.32 -36.49 -20.46
C PHE B 250 13.03 -35.42 -21.50
N ASN B 251 12.10 -35.67 -22.42
CA ASN B 251 11.68 -34.72 -23.44
C ASN B 251 10.18 -34.52 -23.32
N PRO B 252 9.75 -33.66 -22.41
CA PRO B 252 8.31 -33.43 -22.25
C PRO B 252 7.76 -32.47 -23.29
N LYS B 253 6.45 -32.58 -23.50
CA LYS B 253 5.77 -31.68 -24.44
C LYS B 253 5.60 -30.30 -23.83
N TYR B 254 4.92 -30.23 -22.70
CA TYR B 254 4.79 -28.97 -22.00
C TYR B 254 5.88 -28.90 -20.94
N GLN B 255 5.69 -28.05 -19.94
CA GLN B 255 6.67 -27.88 -18.88
C GLN B 255 6.22 -28.48 -17.56
N HIS B 256 5.17 -29.32 -17.58
CA HIS B 256 4.59 -29.83 -16.35
C HIS B 256 4.50 -31.35 -16.31
N GLU B 257 5.22 -32.06 -17.20
CA GLU B 257 5.18 -33.52 -17.14
C GLU B 257 6.57 -34.12 -17.09
N GLY B 258 7.60 -33.33 -16.81
CA GLY B 258 8.94 -33.88 -16.79
C GLY B 258 9.96 -32.78 -16.55
N PHE B 259 11.22 -33.23 -16.55
CA PHE B 259 12.34 -32.32 -16.37
C PHE B 259 13.20 -32.50 -17.59
N TYR B 260 13.61 -31.41 -18.20
CA TYR B 260 14.40 -31.41 -19.43
C TYR B 260 15.82 -30.92 -19.15
N PHE B 261 16.80 -31.58 -19.78
CA PHE B 261 18.19 -31.20 -19.58
C PHE B 261 19.05 -31.40 -20.82
N GLY B 262 18.45 -31.34 -22.01
CA GLY B 262 19.21 -31.57 -23.23
C GLY B 262 19.54 -33.00 -23.53
N GLU B 263 18.98 -33.94 -22.75
CA GLU B 263 19.21 -35.38 -22.83
C GLU B 263 20.65 -35.80 -23.13
N THR B 264 21.61 -35.08 -22.57
CA THR B 264 23.01 -35.49 -22.60
C THR B 264 23.59 -35.51 -21.20
N PRO B 265 24.41 -36.50 -20.86
CA PRO B 265 24.93 -36.62 -19.49
C PRO B 265 25.85 -35.49 -19.07
N LEU B 266 26.50 -34.81 -20.01
CA LEU B 266 27.34 -33.68 -19.65
C LEU B 266 26.53 -32.53 -19.09
N ALA B 267 25.33 -32.33 -19.62
CA ALA B 267 24.46 -31.26 -19.14
C ALA B 267 23.80 -31.59 -17.80
N LEU B 268 23.88 -32.84 -17.33
CA LEU B 268 23.43 -33.16 -15.99
C LEU B 268 24.21 -32.38 -14.95
N ALA B 269 25.53 -32.36 -15.07
CA ALA B 269 26.36 -31.54 -14.21
C ALA B 269 26.29 -30.06 -14.57
N ALA B 270 25.61 -29.71 -15.65
CA ALA B 270 25.38 -28.32 -16.04
C ALA B 270 23.99 -27.83 -15.65
N CYS B 271 22.96 -28.65 -15.86
CA CYS B 271 21.62 -28.27 -15.42
C CYS B 271 21.48 -28.34 -13.91
N THR B 272 22.23 -29.22 -13.27
CA THR B 272 22.35 -29.24 -11.82
C THR B 272 23.72 -28.68 -11.44
N ASN B 273 23.77 -27.93 -10.34
CA ASN B 273 24.99 -27.20 -9.95
C ASN B 273 26.04 -28.20 -9.47
N GLN B 274 26.77 -28.77 -10.44
CA GLN B 274 27.86 -29.70 -10.18
C GLN B 274 29.04 -29.35 -11.07
N PRO B 275 29.81 -28.32 -10.71
CA PRO B 275 30.92 -27.90 -11.58
C PRO B 275 32.07 -28.89 -11.61
N GLU B 276 32.28 -29.65 -10.53
CA GLU B 276 33.39 -30.61 -10.49
C GLU B 276 33.24 -31.69 -11.55
N ILE B 277 32.01 -32.17 -11.75
CA ILE B 277 31.78 -33.19 -12.78
C ILE B 277 31.90 -32.57 -14.17
N VAL B 278 31.61 -31.27 -14.31
CA VAL B 278 31.87 -30.56 -15.56
C VAL B 278 33.37 -30.58 -15.87
N GLN B 279 34.19 -30.28 -14.87
CA GLN B 279 35.64 -30.32 -15.09
C GLN B 279 36.13 -31.73 -15.37
N LEU B 280 35.54 -32.74 -14.70
CA LEU B 280 35.94 -34.11 -14.96
C LEU B 280 35.57 -34.57 -16.37
N LEU B 281 34.40 -34.15 -16.86
CA LEU B 281 34.00 -34.52 -18.21
C LEU B 281 34.75 -33.72 -19.27
N MET B 282 35.20 -32.51 -18.93
CA MET B 282 35.94 -31.70 -19.90
C MET B 282 37.31 -32.28 -20.18
N GLU B 283 37.99 -32.81 -19.15
CA GLU B 283 39.32 -33.37 -19.35
C GLU B 283 39.29 -34.73 -20.02
N HIS B 284 38.11 -35.31 -20.25
CA HIS B 284 38.02 -36.57 -20.95
C HIS B 284 38.37 -36.39 -22.43
N GLU B 285 38.96 -37.45 -23.01
CA GLU B 285 39.36 -37.37 -24.41
C GLU B 285 38.15 -37.49 -25.34
N GLN B 286 37.12 -38.20 -24.93
CA GLN B 286 35.91 -38.40 -25.73
C GLN B 286 34.74 -37.79 -24.98
N THR B 287 34.43 -36.53 -25.30
CA THR B 287 33.30 -35.82 -24.70
C THR B 287 32.34 -35.26 -25.74
N ASP B 288 32.84 -34.77 -26.87
CA ASP B 288 32.04 -34.22 -27.96
C ASP B 288 31.16 -33.07 -27.46
N ILE B 289 31.83 -31.93 -27.19
CA ILE B 289 31.13 -30.76 -26.66
C ILE B 289 30.16 -30.19 -27.69
N THR B 290 30.51 -30.30 -28.97
CA THR B 290 29.64 -29.81 -30.04
C THR B 290 28.66 -30.90 -30.54
N SER B 291 27.96 -31.53 -29.61
CA SER B 291 27.05 -32.62 -29.92
C SER B 291 25.61 -32.12 -29.88
N ARG B 292 24.83 -32.50 -30.90
CA ARG B 292 23.41 -32.20 -30.93
C ARG B 292 22.64 -33.28 -30.16
N ASP B 293 21.31 -33.27 -30.30
CA ASP B 293 20.46 -34.26 -29.66
C ASP B 293 19.22 -34.45 -30.52
N SER B 294 18.20 -35.10 -29.96
CA SER B 294 16.97 -35.35 -30.71
C SER B 294 16.21 -34.05 -30.97
N ARG B 295 16.25 -33.11 -30.04
CA ARG B 295 15.68 -31.79 -30.26
C ARG B 295 16.64 -30.84 -30.95
N GLY B 296 17.84 -31.30 -31.30
CA GLY B 296 18.80 -30.45 -31.97
C GLY B 296 19.48 -29.41 -31.10
N ASN B 297 19.27 -29.46 -29.78
CA ASN B 297 19.87 -28.48 -28.89
C ASN B 297 21.36 -28.78 -28.69
N ASN B 298 22.00 -27.86 -27.98
CA ASN B 298 23.39 -28.07 -27.59
C ASN B 298 23.38 -27.81 -26.09
N ILE B 299 24.54 -27.78 -25.45
CA ILE B 299 24.61 -27.60 -24.00
C ILE B 299 24.15 -26.20 -23.63
N LEU B 300 24.56 -25.19 -24.40
CA LEU B 300 24.16 -23.81 -24.10
C LEU B 300 22.65 -23.64 -24.23
N HIS B 301 22.02 -24.31 -25.19
CA HIS B 301 20.56 -24.32 -25.29
C HIS B 301 19.94 -24.93 -24.03
N ALA B 302 20.56 -25.97 -23.49
CA ALA B 302 20.04 -26.59 -22.27
C ALA B 302 20.11 -25.62 -21.09
N LEU B 303 21.26 -24.96 -20.91
CA LEU B 303 21.38 -23.94 -19.86
C LEU B 303 20.41 -22.80 -20.06
N VAL B 304 20.15 -22.42 -21.31
CA VAL B 304 19.15 -21.38 -21.58
C VAL B 304 17.77 -21.85 -21.14
N THR B 305 17.44 -23.13 -21.40
CA THR B 305 16.10 -23.62 -21.06
C THR B 305 15.90 -23.74 -19.56
N VAL B 306 16.90 -24.23 -18.82
CA VAL B 306 16.73 -24.42 -17.38
C VAL B 306 16.81 -23.09 -16.62
N ALA B 307 17.44 -22.07 -17.22
CA ALA B 307 17.73 -20.82 -16.54
C ALA B 307 16.48 -20.14 -15.99
N GLU B 308 16.69 -19.33 -14.95
CA GLU B 308 15.61 -18.65 -14.25
C GLU B 308 15.62 -17.18 -14.66
N ASP B 309 14.46 -16.65 -15.05
CA ASP B 309 14.39 -15.32 -15.64
C ASP B 309 14.63 -14.22 -14.61
N PHE B 310 13.83 -14.21 -13.55
CA PHE B 310 13.95 -13.16 -12.54
C PHE B 310 15.22 -13.31 -11.74
N LYS B 311 15.77 -12.17 -11.30
CA LYS B 311 16.99 -12.14 -10.51
C LYS B 311 16.60 -12.58 -9.10
N THR B 312 16.68 -13.89 -8.88
CA THR B 312 16.31 -14.50 -7.59
C THR B 312 17.59 -14.87 -6.86
N GLN B 313 18.27 -13.84 -6.34
CA GLN B 313 19.51 -13.95 -5.55
C GLN B 313 20.56 -14.64 -6.43
N ASN B 314 21.17 -15.74 -5.99
CA ASN B 314 22.23 -16.40 -6.75
C ASN B 314 21.64 -17.48 -7.64
N ASP B 315 22.06 -17.48 -8.91
CA ASP B 315 21.66 -18.49 -9.87
C ASP B 315 22.91 -19.05 -10.53
N PHE B 316 23.08 -20.37 -10.47
CA PHE B 316 24.29 -21.02 -10.97
C PHE B 316 24.38 -21.02 -12.49
N VAL B 317 23.26 -20.81 -13.19
CA VAL B 317 23.26 -20.94 -14.64
C VAL B 317 24.06 -19.82 -15.30
N LYS B 318 23.94 -18.58 -14.80
CA LYS B 318 24.64 -17.46 -15.41
C LYS B 318 26.14 -17.54 -15.16
N ARG B 319 26.53 -17.98 -13.95
CA ARG B 319 27.94 -18.17 -13.66
C ARG B 319 28.54 -19.31 -14.47
N MET B 320 27.80 -20.41 -14.60
CA MET B 320 28.34 -21.60 -15.27
C MET B 320 28.32 -21.46 -16.78
N TYR B 321 27.57 -20.49 -17.30
CA TYR B 321 27.63 -20.24 -18.74
C TYR B 321 29.04 -19.78 -19.05
N ASP B 322 29.55 -18.84 -18.25
CA ASP B 322 30.92 -18.39 -18.43
C ASP B 322 31.91 -19.54 -18.41
N MET B 323 31.72 -20.49 -17.49
CA MET B 323 32.64 -21.62 -17.38
C MET B 323 32.61 -22.49 -18.62
N ILE B 324 31.41 -22.85 -19.09
CA ILE B 324 31.32 -23.75 -20.24
C ILE B 324 31.81 -23.04 -21.51
N LEU B 325 31.53 -21.73 -21.64
CA LEU B 325 31.95 -21.04 -22.84
C LEU B 325 33.46 -20.79 -22.85
N LEU B 326 34.05 -20.51 -21.69
CA LEU B 326 35.49 -20.31 -21.63
C LEU B 326 36.24 -21.64 -21.76
N ARG B 327 35.65 -22.74 -21.30
CA ARG B 327 36.29 -24.05 -21.49
C ARG B 327 36.17 -24.50 -22.95
N SER B 328 35.08 -24.10 -23.62
CA SER B 328 34.97 -24.36 -25.06
C SER B 328 35.99 -23.55 -25.84
N GLY B 329 36.04 -22.25 -25.60
CA GLY B 329 37.02 -21.38 -26.24
C GLY B 329 36.87 -21.24 -27.74
N ASN B 330 35.65 -21.32 -28.25
CA ASN B 330 35.40 -21.20 -29.68
C ASN B 330 33.96 -20.74 -29.89
N TRP B 331 33.59 -20.57 -31.16
CA TRP B 331 32.29 -20.01 -31.52
C TRP B 331 31.28 -21.04 -32.00
N GLU B 332 31.64 -22.33 -32.08
CA GLU B 332 30.70 -23.32 -32.59
C GLU B 332 29.55 -23.59 -31.62
N LEU B 333 29.80 -23.47 -30.31
CA LEU B 333 28.74 -23.74 -29.35
C LEU B 333 27.66 -22.67 -29.36
N GLU B 334 28.03 -21.44 -29.77
CA GLU B 334 27.07 -20.33 -29.79
C GLU B 334 26.61 -19.96 -31.19
N THR B 335 26.94 -20.78 -32.17
CA THR B 335 26.46 -20.56 -33.53
C THR B 335 25.64 -21.71 -34.09
N THR B 336 25.62 -22.86 -33.41
CA THR B 336 24.78 -23.97 -33.84
C THR B 336 23.31 -23.64 -33.63
N ARG B 337 22.47 -24.15 -34.52
CA ARG B 337 21.05 -23.85 -34.53
C ARG B 337 20.25 -25.03 -34.02
N ASN B 338 19.02 -24.73 -33.59
CA ASN B 338 18.12 -25.73 -33.04
C ASN B 338 17.48 -26.55 -34.16
N ASN B 339 16.56 -27.44 -33.79
CA ASN B 339 15.79 -28.17 -34.79
C ASN B 339 14.91 -27.22 -35.59
N ASP B 340 14.38 -26.20 -34.94
CA ASP B 340 13.65 -25.18 -35.69
C ASP B 340 14.71 -24.26 -36.25
N GLY B 341 15.78 -24.04 -35.50
CA GLY B 341 16.89 -23.21 -35.94
C GLY B 341 17.02 -21.95 -35.11
N LEU B 342 17.80 -22.05 -34.03
CA LEU B 342 17.98 -20.94 -33.10
C LEU B 342 19.31 -21.11 -32.39
N THR B 343 20.26 -20.23 -32.69
CA THR B 343 21.42 -20.09 -31.83
C THR B 343 20.98 -19.41 -30.53
N PRO B 344 21.58 -19.76 -29.38
CA PRO B 344 20.96 -19.45 -28.08
C PRO B 344 20.69 -17.98 -27.78
N LEU B 345 21.20 -17.04 -28.58
CA LEU B 345 20.96 -15.62 -28.31
C LEU B 345 19.48 -15.27 -28.44
N GLN B 346 18.81 -15.80 -29.46
CA GLN B 346 17.36 -15.62 -29.58
C GLN B 346 16.56 -16.71 -28.90
N LEU B 347 17.17 -17.84 -28.53
CA LEU B 347 16.48 -18.80 -27.70
C LEU B 347 16.27 -18.25 -26.30
N ALA B 348 17.25 -17.49 -25.79
CA ALA B 348 17.07 -16.80 -24.52
C ALA B 348 16.01 -15.71 -24.62
N ALA B 349 15.77 -15.20 -25.82
CA ALA B 349 14.75 -14.18 -26.00
C ALA B 349 13.35 -14.78 -26.08
N LYS B 350 13.19 -15.87 -26.84
CA LYS B 350 11.87 -16.47 -27.02
C LYS B 350 11.39 -17.13 -25.74
N MET B 351 12.28 -17.80 -25.01
CA MET B 351 11.90 -18.44 -23.75
C MET B 351 11.67 -17.45 -22.64
N GLY B 352 12.06 -16.19 -22.81
CA GLY B 352 11.85 -15.19 -21.78
C GLY B 352 12.82 -15.30 -20.64
N LYS B 353 14.12 -15.08 -20.92
CA LYS B 353 15.18 -15.15 -19.92
C LYS B 353 15.91 -13.82 -19.94
N ALA B 354 15.56 -12.93 -19.01
CA ALA B 354 16.13 -11.58 -19.02
C ALA B 354 17.59 -11.57 -18.58
N GLU B 355 17.92 -12.33 -17.52
CA GLU B 355 19.27 -12.32 -16.98
C GLU B 355 20.27 -12.93 -17.95
N ILE B 356 19.92 -14.07 -18.56
CA ILE B 356 20.83 -14.74 -19.49
C ILE B 356 21.02 -13.89 -20.74
N LEU B 357 19.95 -13.28 -21.24
CA LEU B 357 20.08 -12.41 -22.41
C LEU B 357 20.89 -11.17 -22.10
N LYS B 358 20.72 -10.61 -20.90
CA LYS B 358 21.52 -9.47 -20.49
C LYS B 358 23.00 -9.84 -20.40
N TYR B 359 23.30 -11.04 -19.89
CA TYR B 359 24.69 -11.48 -19.80
C TYR B 359 25.29 -11.72 -21.17
N ILE B 360 24.53 -12.35 -22.08
CA ILE B 360 25.11 -12.73 -23.37
C ILE B 360 25.21 -11.52 -24.29
N LEU B 361 24.34 -10.52 -24.12
CA LEU B 361 24.42 -9.34 -24.97
C LEU B 361 25.60 -8.45 -24.58
N SER B 362 25.85 -8.29 -23.28
CA SER B 362 26.97 -7.52 -22.77
C SER B 362 27.95 -8.48 -22.10
N ARG B 363 28.85 -9.04 -22.89
CA ARG B 363 29.84 -9.99 -22.40
C ARG B 363 31.19 -9.67 -23.02
N GLU B 364 32.20 -9.44 -22.19
CA GLU B 364 33.55 -9.20 -22.66
C GLU B 364 34.53 -10.00 -21.82
N ILE B 365 35.58 -10.50 -22.47
CA ILE B 365 36.67 -11.22 -21.81
C ILE B 365 37.89 -10.29 -21.82
N LYS B 366 38.36 -9.93 -20.63
CA LYS B 366 39.49 -9.01 -20.51
C LYS B 366 40.83 -9.69 -20.73
N GLU B 367 40.87 -11.00 -20.92
CA GLU B 367 42.10 -11.73 -21.11
C GLU B 367 42.37 -11.98 -22.58
N LYS B 368 43.65 -12.10 -22.92
CA LYS B 368 44.04 -12.40 -24.29
C LYS B 368 43.78 -13.89 -24.60
N ARG B 369 43.90 -14.23 -25.88
CA ARG B 369 43.69 -15.57 -26.45
C ARG B 369 42.21 -15.94 -26.48
N LEU B 370 41.37 -15.15 -25.81
CA LEU B 370 39.92 -15.31 -25.85
C LEU B 370 39.34 -13.90 -26.04
N ARG B 371 39.25 -13.46 -27.30
CA ARG B 371 38.76 -12.13 -27.58
C ARG B 371 37.65 -12.18 -28.64
N SER B 372 37.65 -13.23 -29.45
CA SER B 372 36.58 -13.40 -30.43
C SER B 372 35.25 -13.72 -29.77
N LEU B 373 35.28 -14.33 -28.58
CA LEU B 373 34.05 -14.63 -27.87
C LEU B 373 33.40 -13.38 -27.28
N SER B 374 34.16 -12.29 -27.12
CA SER B 374 33.62 -11.09 -26.51
C SER B 374 32.62 -10.41 -27.44
N ARG B 375 31.65 -9.71 -26.84
CA ARG B 375 30.62 -9.01 -27.59
C ARG B 375 30.63 -7.51 -27.37
N LYS B 376 30.99 -7.03 -26.19
CA LYS B 376 30.99 -5.61 -25.86
C LYS B 376 32.45 -5.16 -25.69
N PHE B 377 33.01 -4.64 -26.78
CA PHE B 377 34.38 -4.11 -26.75
C PHE B 377 34.33 -2.69 -26.20
N THR B 378 34.86 -2.50 -24.99
CA THR B 378 34.93 -1.17 -24.42
C THR B 378 36.07 -0.38 -25.06
N ASP B 379 35.92 0.94 -25.10
CA ASP B 379 36.90 1.83 -25.70
C ASP B 379 37.59 2.70 -24.65
N TRP B 380 36.83 3.49 -23.90
CA TRP B 380 37.39 4.28 -22.81
C TRP B 380 36.35 4.41 -21.71
N ALA B 381 36.84 4.52 -20.48
CA ALA B 381 35.99 4.67 -19.30
C ALA B 381 36.39 5.96 -18.60
N TYR B 382 35.77 7.06 -19.01
CA TYR B 382 36.09 8.38 -18.46
C TYR B 382 35.13 8.73 -17.32
N GLY B 383 35.18 7.92 -16.27
CA GLY B 383 34.34 8.12 -15.12
C GLY B 383 32.89 7.73 -15.37
N PRO B 384 31.99 8.70 -15.31
CA PRO B 384 30.57 8.38 -15.52
C PRO B 384 30.24 8.00 -16.96
N VAL B 385 31.06 8.42 -17.92
CA VAL B 385 30.83 8.12 -19.33
C VAL B 385 31.75 6.97 -19.76
N SER B 386 31.22 6.06 -20.56
CA SER B 386 31.99 4.93 -21.05
C SER B 386 31.46 4.57 -22.44
N SER B 387 32.20 4.97 -23.46
CA SER B 387 31.82 4.66 -24.84
C SER B 387 32.08 3.19 -25.11
N SER B 388 31.04 2.38 -25.08
CA SER B 388 31.14 0.94 -25.27
C SER B 388 30.77 0.60 -26.70
N LEU B 389 31.71 0.01 -27.43
CA LEU B 389 31.49 -0.41 -28.81
C LEU B 389 30.83 -1.78 -28.77
N TYR B 390 29.53 -1.83 -29.09
CA TYR B 390 28.78 -3.07 -29.04
C TYR B 390 28.76 -3.75 -30.41
N ASP B 391 28.75 -5.08 -30.37
CA ASP B 391 28.68 -5.90 -31.58
C ASP B 391 27.26 -6.39 -31.78
N LEU B 392 26.76 -6.25 -33.01
CA LEU B 392 25.43 -6.74 -33.38
C LEU B 392 25.56 -7.57 -34.65
N THR B 393 25.22 -8.84 -34.54
CA THR B 393 25.23 -9.77 -35.68
C THR B 393 23.90 -10.50 -35.82
N ASN B 394 23.24 -10.82 -34.72
CA ASN B 394 21.88 -11.35 -34.72
C ASN B 394 20.92 -10.45 -33.97
N VAL B 395 21.26 -9.16 -33.86
CA VAL B 395 20.44 -8.19 -33.13
C VAL B 395 19.63 -7.32 -34.08
N ASP B 396 20.30 -6.69 -35.04
CA ASP B 396 19.60 -5.91 -36.05
C ASP B 396 18.80 -6.83 -36.96
N THR B 397 17.59 -6.39 -37.34
CA THR B 397 16.74 -7.17 -38.23
C THR B 397 17.30 -7.15 -39.65
N THR B 398 18.43 -7.82 -39.86
CA THR B 398 19.05 -7.85 -41.18
C THR B 398 18.48 -8.98 -42.03
N THR B 399 18.64 -10.22 -41.58
CA THR B 399 18.12 -11.36 -42.32
C THR B 399 16.77 -11.80 -41.80
N ASP B 400 16.75 -12.43 -40.62
CA ASP B 400 15.54 -12.95 -39.98
C ASP B 400 15.89 -13.45 -38.60
N ASN B 401 14.86 -13.61 -37.76
CA ASN B 401 14.96 -14.22 -36.44
C ASN B 401 15.95 -13.48 -35.53
N SER B 402 16.04 -12.17 -35.67
CA SER B 402 16.89 -11.39 -34.78
C SER B 402 16.29 -11.34 -33.38
N VAL B 403 17.16 -11.15 -32.38
CA VAL B 403 16.70 -11.10 -31.00
C VAL B 403 15.79 -9.89 -30.78
N LEU B 404 16.06 -8.78 -31.46
CA LEU B 404 15.18 -7.62 -31.38
C LEU B 404 13.81 -7.91 -31.98
N GLU B 405 13.77 -8.68 -33.07
CA GLU B 405 12.49 -9.03 -33.68
C GLU B 405 11.75 -10.05 -32.83
N ILE B 406 12.47 -10.99 -32.22
CA ILE B 406 11.82 -12.01 -31.40
C ILE B 406 11.27 -11.40 -30.11
N THR B 407 12.00 -10.46 -29.51
CA THR B 407 11.60 -9.91 -28.22
C THR B 407 10.41 -8.95 -28.32
N VAL B 408 10.02 -8.51 -29.52
CA VAL B 408 8.87 -7.65 -29.67
C VAL B 408 7.67 -8.38 -30.26
N TYR B 409 7.89 -9.42 -31.06
CA TYR B 409 6.81 -10.23 -31.60
C TYR B 409 6.56 -11.46 -30.75
N ASN B 410 6.44 -11.26 -29.43
CA ASN B 410 6.22 -12.33 -28.48
C ASN B 410 5.06 -11.96 -27.58
N THR B 411 4.30 -12.97 -27.17
CA THR B 411 3.10 -12.76 -26.36
C THR B 411 3.20 -13.32 -24.95
N ASN B 412 3.78 -14.52 -24.78
CA ASN B 412 3.78 -15.17 -23.48
C ASN B 412 4.79 -14.56 -22.50
N ILE B 413 5.66 -13.66 -22.96
CA ILE B 413 6.67 -13.09 -22.08
C ILE B 413 6.03 -12.06 -21.16
N ASP B 414 6.28 -12.20 -19.85
CA ASP B 414 5.80 -11.24 -18.87
C ASP B 414 6.90 -10.36 -18.30
N ASN B 415 8.17 -10.75 -18.45
CA ASN B 415 9.31 -9.99 -17.94
C ASN B 415 9.89 -9.04 -18.97
N ARG B 416 9.05 -8.44 -19.81
CA ARG B 416 9.49 -7.45 -20.79
C ARG B 416 9.66 -6.06 -20.19
N HIS B 417 9.50 -5.91 -18.87
CA HIS B 417 9.81 -4.64 -18.22
C HIS B 417 11.29 -4.29 -18.37
N GLU B 418 12.16 -5.26 -18.14
CA GLU B 418 13.59 -5.07 -18.24
C GLU B 418 14.20 -5.73 -19.48
N MET B 419 13.41 -6.48 -20.25
CA MET B 419 13.93 -7.22 -21.38
C MET B 419 14.23 -6.33 -22.58
N LEU B 420 13.42 -5.30 -22.80
CA LEU B 420 13.62 -4.42 -23.95
C LEU B 420 14.67 -3.35 -23.71
N THR B 421 14.92 -2.97 -22.45
CA THR B 421 15.84 -1.87 -22.15
C THR B 421 17.26 -2.35 -21.87
N LEU B 422 17.82 -3.11 -22.80
CA LEU B 422 19.25 -3.43 -22.78
C LEU B 422 20.02 -2.46 -23.65
N GLU B 423 21.35 -2.57 -23.56
CA GLU B 423 22.23 -1.64 -24.28
C GLU B 423 22.18 -1.79 -25.79
N PRO B 424 22.28 -2.98 -26.40
CA PRO B 424 22.20 -3.05 -27.87
C PRO B 424 20.79 -3.12 -28.43
N LEU B 425 19.77 -2.83 -27.63
CA LEU B 425 18.38 -2.85 -28.09
C LEU B 425 17.69 -1.50 -27.93
N HIS B 426 17.84 -0.87 -26.77
CA HIS B 426 17.19 0.42 -26.52
C HIS B 426 17.74 1.50 -27.44
N THR B 427 19.06 1.60 -27.55
CA THR B 427 19.68 2.55 -28.47
C THR B 427 19.36 2.24 -29.92
N LEU B 428 19.31 0.97 -30.29
CA LEU B 428 18.93 0.57 -31.64
C LEU B 428 17.51 1.04 -31.97
N LEU B 429 16.56 0.81 -31.06
CA LEU B 429 15.19 1.25 -31.27
C LEU B 429 15.07 2.77 -31.32
N HIS B 430 15.81 3.47 -30.46
CA HIS B 430 15.76 4.93 -30.47
C HIS B 430 16.33 5.49 -31.77
N MET B 431 17.44 4.93 -32.26
CA MET B 431 18.00 5.39 -33.52
C MET B 431 17.08 5.08 -34.69
N LYS B 432 16.46 3.90 -34.70
CA LYS B 432 15.49 3.57 -35.75
C LYS B 432 14.31 4.53 -35.73
N TRP B 433 13.83 4.88 -34.54
CA TRP B 433 12.71 5.81 -34.41
C TRP B 433 13.07 7.20 -34.91
N LYS B 434 14.23 7.71 -34.49
CA LYS B 434 14.66 9.04 -34.90
C LYS B 434 15.12 9.07 -36.36
N LYS B 435 15.39 7.93 -36.98
CA LYS B 435 15.82 7.89 -38.37
C LYS B 435 14.68 7.70 -39.36
N PHE B 436 13.87 6.64 -39.22
CA PHE B 436 12.90 6.35 -40.26
C PHE B 436 11.52 5.94 -39.77
N ALA B 437 11.23 6.04 -38.48
CA ALA B 437 9.92 5.64 -37.97
C ALA B 437 9.01 6.82 -37.63
N LYS B 438 9.55 7.89 -37.06
CA LYS B 438 8.74 9.06 -36.75
C LYS B 438 8.30 9.79 -38.01
N HIS B 439 9.22 9.97 -38.97
CA HIS B 439 8.92 10.68 -40.20
C HIS B 439 7.86 9.98 -41.03
N MET B 440 7.76 8.66 -40.93
CA MET B 440 6.68 7.93 -41.58
C MET B 440 5.43 7.81 -40.73
N PHE B 441 5.56 7.85 -39.39
CA PHE B 441 4.39 7.85 -38.52
C PHE B 441 3.59 9.12 -38.71
N PHE B 442 4.25 10.27 -38.77
CA PHE B 442 3.53 11.53 -38.99
C PHE B 442 2.93 11.58 -40.39
N LEU B 443 3.65 11.04 -41.38
CA LEU B 443 3.11 10.98 -42.73
C LEU B 443 1.87 10.10 -42.80
N SER B 444 1.89 8.96 -42.13
CA SER B 444 0.72 8.09 -42.09
C SER B 444 -0.44 8.75 -41.35
N PHE B 445 -0.14 9.46 -40.25
CA PHE B 445 -1.19 10.16 -39.53
C PHE B 445 -1.86 11.22 -40.39
N CYS B 446 -1.06 12.02 -41.10
CA CYS B 446 -1.64 13.06 -41.96
C CYS B 446 -2.42 12.44 -43.11
N PHE B 447 -1.85 11.42 -43.76
CA PHE B 447 -2.47 10.83 -44.94
C PHE B 447 -3.64 9.92 -44.61
N TYR B 448 -3.82 9.56 -43.34
CA TYR B 448 -5.03 8.90 -42.88
C TYR B 448 -6.08 9.87 -42.35
N PHE B 449 -5.66 10.98 -41.73
CA PHE B 449 -6.60 12.01 -41.33
C PHE B 449 -7.24 12.67 -42.53
N PHE B 450 -6.46 12.88 -43.60
CA PHE B 450 -7.05 13.39 -44.84
C PHE B 450 -8.02 12.40 -45.46
N TYR B 451 -7.71 11.11 -45.41
CA TYR B 451 -8.64 10.10 -45.93
C TYR B 451 -9.92 10.02 -45.10
N ASN B 452 -9.82 10.22 -43.79
CA ASN B 452 -11.01 10.24 -42.95
C ASN B 452 -11.82 11.53 -43.12
N ILE B 453 -11.13 12.65 -43.40
CA ILE B 453 -11.81 13.92 -43.60
C ILE B 453 -12.54 13.95 -44.93
N THR B 454 -11.93 13.39 -45.98
CA THR B 454 -12.58 13.36 -47.28
C THR B 454 -13.77 12.42 -47.32
N LEU B 455 -13.96 11.59 -46.29
CA LEU B 455 -15.18 10.79 -46.17
C LEU B 455 -16.36 11.65 -45.74
N THR B 456 -16.11 12.76 -45.03
CA THR B 456 -17.20 13.64 -44.61
C THR B 456 -17.79 14.39 -45.81
N LEU B 457 -16.95 14.74 -46.79
CA LEU B 457 -17.44 15.43 -47.97
C LEU B 457 -18.26 14.54 -48.89
N VAL B 458 -18.25 13.22 -48.68
CA VAL B 458 -19.04 12.29 -49.45
C VAL B 458 -20.25 11.80 -48.67
N SER B 459 -20.07 11.51 -47.38
CA SER B 459 -21.15 10.98 -46.56
C SER B 459 -22.19 12.06 -46.25
N TYR B 460 -21.77 13.13 -45.56
CA TYR B 460 -22.70 14.16 -45.13
C TYR B 460 -23.22 14.99 -46.29
N TYR B 461 -22.48 15.06 -47.40
CA TYR B 461 -22.88 15.82 -48.57
C TYR B 461 -23.30 14.90 -49.72
N ARG B 462 -24.09 13.88 -49.39
CA ARG B 462 -24.53 12.92 -50.37
C ARG B 462 -25.57 13.53 -51.31
N PRO B 463 -25.68 13.02 -52.54
CA PRO B 463 -26.70 13.53 -53.46
C PRO B 463 -28.10 13.06 -53.09
N ARG B 464 -28.75 13.80 -52.19
CA ARG B 464 -30.10 13.47 -51.76
C ARG B 464 -31.11 13.65 -52.89
N LEU B 482 -15.86 22.13 -58.72
CA LEU B 482 -15.19 20.93 -59.21
C LEU B 482 -14.58 20.15 -58.07
N GLN B 483 -15.43 19.59 -57.21
CA GLN B 483 -14.99 18.83 -56.05
C GLN B 483 -14.94 17.33 -56.32
N LEU B 484 -14.71 16.93 -57.58
CA LEU B 484 -14.63 15.52 -57.94
C LEU B 484 -13.23 14.96 -57.87
N LEU B 485 -12.25 15.74 -57.39
CA LEU B 485 -10.88 15.24 -57.35
C LEU B 485 -10.68 14.22 -56.23
N GLY B 486 -11.50 14.28 -55.19
CA GLY B 486 -11.41 13.36 -54.06
C GLY B 486 -12.46 12.27 -54.02
N ARG B 487 -13.17 12.01 -55.12
CA ARG B 487 -14.22 11.00 -55.10
C ARG B 487 -13.63 9.59 -55.14
N MET B 488 -12.52 9.41 -55.85
CA MET B 488 -11.89 8.10 -55.97
C MET B 488 -10.63 7.96 -55.14
N PHE B 489 -10.18 9.03 -54.47
CA PHE B 489 -9.04 8.94 -53.55
C PHE B 489 -9.36 8.01 -52.38
N VAL B 490 -10.56 8.13 -51.83
CA VAL B 490 -10.99 7.23 -50.76
C VAL B 490 -11.04 5.79 -51.26
N LEU B 491 -11.44 5.59 -52.51
CA LEU B 491 -11.52 4.24 -53.07
C LEU B 491 -10.14 3.60 -53.17
N ILE B 492 -9.17 4.32 -53.75
CA ILE B 492 -7.84 3.74 -53.92
C ILE B 492 -7.14 3.57 -52.58
N TRP B 493 -7.38 4.46 -51.62
CA TRP B 493 -6.71 4.29 -50.34
C TRP B 493 -7.36 3.18 -49.51
N ALA B 494 -8.68 3.00 -49.63
CA ALA B 494 -9.31 1.83 -49.02
C ALA B 494 -8.80 0.54 -49.66
N MET B 495 -8.56 0.56 -50.98
CA MET B 495 -7.98 -0.60 -51.64
C MET B 495 -6.59 -0.91 -51.13
N CYS B 496 -5.75 0.13 -50.95
CA CYS B 496 -4.41 -0.09 -50.43
C CYS B 496 -4.44 -0.58 -48.98
N ILE B 497 -5.32 0.00 -48.16
CA ILE B 497 -5.45 -0.42 -46.77
C ILE B 497 -5.91 -1.88 -46.70
N SER B 498 -6.87 -2.26 -47.56
CA SER B 498 -7.35 -3.63 -47.55
C SER B 498 -6.29 -4.60 -48.04
N VAL B 499 -5.54 -4.24 -49.09
CA VAL B 499 -4.54 -5.14 -49.63
C VAL B 499 -3.34 -5.26 -48.70
N LYS B 500 -3.14 -4.30 -47.78
CA LYS B 500 -2.11 -4.48 -46.77
C LYS B 500 -2.63 -5.26 -45.56
N GLU B 501 -3.84 -4.94 -45.09
CA GLU B 501 -4.37 -5.61 -43.90
C GLU B 501 -4.73 -7.07 -44.18
N GLY B 502 -5.08 -7.42 -45.42
CA GLY B 502 -5.28 -8.81 -45.75
C GLY B 502 -4.03 -9.65 -45.65
N ILE B 503 -2.88 -9.09 -46.02
CA ILE B 503 -1.61 -9.76 -45.79
C ILE B 503 -1.29 -9.81 -44.30
N ALA B 504 -1.48 -8.69 -43.61
CA ALA B 504 -1.13 -8.60 -42.19
C ALA B 504 -2.01 -9.48 -41.30
N ILE B 505 -3.23 -9.81 -41.74
CA ILE B 505 -4.13 -10.55 -40.87
C ILE B 505 -3.93 -12.05 -40.98
N PHE B 506 -3.34 -12.53 -42.09
CA PHE B 506 -3.03 -13.94 -42.21
C PHE B 506 -1.55 -14.25 -42.06
N LEU B 507 -0.69 -13.22 -42.04
CA LEU B 507 0.70 -13.45 -41.67
C LEU B 507 0.83 -13.81 -40.19
N LEU B 508 -0.08 -13.31 -39.35
CA LEU B 508 -0.04 -13.63 -37.93
C LEU B 508 -0.64 -15.01 -37.68
N ARG B 509 -0.17 -15.64 -36.61
CA ARG B 509 -0.64 -16.94 -36.17
C ARG B 509 -1.74 -16.78 -35.12
N PRO B 510 -2.60 -17.79 -34.95
CA PRO B 510 -3.64 -17.69 -33.90
C PRO B 510 -3.08 -17.60 -32.50
N SER B 511 -1.81 -17.94 -32.28
CA SER B 511 -1.22 -17.80 -30.95
C SER B 511 -1.00 -16.34 -30.59
N ASP B 512 -0.89 -15.46 -31.58
CA ASP B 512 -0.67 -14.04 -31.30
C ASP B 512 -1.93 -13.37 -30.78
N LEU B 513 -3.11 -13.85 -31.19
CA LEU B 513 -4.37 -13.27 -30.76
C LEU B 513 -4.79 -13.75 -29.37
N GLN B 514 -4.10 -14.75 -28.81
CA GLN B 514 -4.46 -15.26 -27.50
C GLN B 514 -4.20 -14.23 -26.40
N SER B 515 -3.22 -13.36 -26.61
CA SER B 515 -2.95 -12.29 -25.65
C SER B 515 -4.07 -11.26 -25.69
N ILE B 516 -4.39 -10.70 -24.52
CA ILE B 516 -5.46 -9.72 -24.43
C ILE B 516 -5.07 -8.43 -25.16
N LEU B 517 -3.86 -7.96 -24.94
CA LEU B 517 -3.37 -6.75 -25.59
C LEU B 517 -2.62 -7.05 -26.89
N SER B 518 -3.26 -7.80 -27.77
CA SER B 518 -2.66 -8.12 -29.05
C SER B 518 -2.85 -6.97 -30.04
N ASP B 519 -1.99 -6.94 -31.06
CA ASP B 519 -2.04 -5.92 -32.09
C ASP B 519 -2.93 -6.30 -33.27
N ALA B 520 -3.59 -7.45 -33.21
CA ALA B 520 -4.46 -7.89 -34.30
C ALA B 520 -5.82 -7.22 -34.28
N TRP B 521 -6.25 -6.69 -33.13
CA TRP B 521 -7.55 -6.04 -33.04
C TRP B 521 -7.59 -4.78 -33.91
N PHE B 522 -6.55 -3.96 -33.83
CA PHE B 522 -6.48 -2.77 -34.68
C PHE B 522 -6.24 -3.14 -36.14
N HIS B 523 -5.45 -4.20 -36.38
CA HIS B 523 -5.23 -4.69 -37.74
C HIS B 523 -6.52 -5.19 -38.38
N PHE B 524 -7.48 -5.64 -37.58
CA PHE B 524 -8.78 -6.12 -38.03
C PHE B 524 -9.80 -5.01 -38.16
N VAL B 525 -9.75 -4.03 -37.24
CA VAL B 525 -10.61 -2.85 -37.34
C VAL B 525 -10.25 -2.03 -38.58
N PHE B 526 -8.95 -1.84 -38.83
CA PHE B 526 -8.51 -1.14 -40.03
C PHE B 526 -8.94 -1.88 -41.30
N PHE B 527 -8.98 -3.22 -41.23
CA PHE B 527 -9.43 -3.99 -42.40
C PHE B 527 -10.92 -3.79 -42.63
N ILE B 528 -11.73 -3.85 -41.56
CA ILE B 528 -13.17 -3.59 -41.68
C ILE B 528 -13.42 -2.19 -42.25
N GLN B 529 -12.64 -1.21 -41.80
CA GLN B 529 -12.79 0.16 -42.28
C GLN B 529 -12.55 0.28 -43.79
N ALA B 530 -11.85 -0.68 -44.38
CA ALA B 530 -11.65 -0.70 -45.82
C ALA B 530 -12.71 -1.54 -46.54
N VAL B 531 -13.08 -2.69 -45.99
CA VAL B 531 -14.07 -3.54 -46.65
C VAL B 531 -15.42 -2.84 -46.71
N LEU B 532 -15.83 -2.15 -45.64
CA LEU B 532 -17.11 -1.45 -45.70
C LEU B 532 -17.10 -0.32 -46.72
N VAL B 533 -15.98 0.42 -46.81
CA VAL B 533 -15.91 1.52 -47.77
C VAL B 533 -15.94 0.99 -49.20
N ILE B 534 -15.18 -0.06 -49.48
CA ILE B 534 -15.18 -0.59 -50.84
C ILE B 534 -16.52 -1.25 -51.18
N LEU B 535 -17.19 -1.86 -50.20
CA LEU B 535 -18.51 -2.42 -50.46
C LEU B 535 -19.53 -1.32 -50.74
N SER B 536 -19.41 -0.21 -50.02
CA SER B 536 -20.32 0.89 -50.26
C SER B 536 -20.11 1.45 -51.65
N VAL B 537 -18.86 1.74 -52.02
CA VAL B 537 -18.62 2.36 -53.32
C VAL B 537 -18.87 1.36 -54.44
N PHE B 538 -18.88 0.06 -54.14
CA PHE B 538 -19.26 -0.93 -55.13
C PHE B 538 -20.78 -0.96 -55.31
N LEU B 539 -21.54 -0.84 -54.21
CA LEU B 539 -22.99 -0.87 -54.28
C LEU B 539 -23.59 0.46 -54.71
N TYR B 540 -22.82 1.55 -54.64
CA TYR B 540 -23.36 2.85 -55.04
C TYR B 540 -23.58 2.91 -56.54
N LEU B 541 -22.57 2.55 -57.33
CA LEU B 541 -22.70 2.58 -58.78
C LEU B 541 -23.39 1.35 -59.34
N PHE B 542 -23.72 0.36 -58.50
CA PHE B 542 -24.53 -0.78 -58.91
C PHE B 542 -26.01 -0.55 -58.65
N ALA B 543 -26.38 0.53 -57.96
CA ALA B 543 -27.76 0.94 -57.71
C ALA B 543 -28.55 -0.16 -56.97
N TYR B 544 -28.16 -0.35 -55.71
CA TYR B 544 -28.88 -1.23 -54.80
C TYR B 544 -29.55 -0.48 -53.66
N LYS B 545 -29.38 0.84 -53.59
CA LYS B 545 -29.92 1.68 -52.51
C LYS B 545 -29.38 1.21 -51.15
N GLU B 546 -28.13 0.74 -51.14
CA GLU B 546 -27.43 0.36 -49.92
C GLU B 546 -26.13 1.13 -49.77
N TYR B 547 -25.96 2.22 -50.52
CA TYR B 547 -24.75 3.03 -50.44
C TYR B 547 -24.67 3.83 -49.15
N LEU B 548 -25.72 3.84 -48.34
CA LEU B 548 -25.68 4.44 -47.01
C LEU B 548 -25.69 3.41 -45.89
N ALA B 549 -25.86 2.12 -46.21
CA ALA B 549 -25.91 1.10 -45.18
C ALA B 549 -24.53 0.80 -44.62
N CYS B 550 -23.53 0.64 -45.50
CA CYS B 550 -22.18 0.32 -45.06
C CYS B 550 -21.26 1.53 -45.01
N LEU B 551 -21.62 2.62 -45.67
CA LEU B 551 -20.75 3.81 -45.67
C LEU B 551 -20.85 4.55 -44.35
N VAL B 552 -22.05 4.59 -43.75
CA VAL B 552 -22.20 5.29 -42.48
C VAL B 552 -21.54 4.50 -41.35
N LEU B 553 -21.57 3.16 -41.42
CA LEU B 553 -20.90 2.36 -40.42
C LEU B 553 -19.39 2.45 -40.57
N ALA B 554 -18.91 2.48 -41.82
CA ALA B 554 -17.50 2.73 -42.07
C ALA B 554 -17.08 4.09 -41.56
N MET B 555 -17.94 5.10 -41.70
CA MET B 555 -17.63 6.43 -41.18
C MET B 555 -17.51 6.42 -39.67
N ALA B 556 -18.53 5.88 -38.98
CA ALA B 556 -18.54 5.85 -37.52
C ALA B 556 -17.40 4.99 -36.97
N LEU B 557 -16.97 3.98 -37.72
CA LEU B 557 -15.84 3.18 -37.29
C LEU B 557 -14.52 3.89 -37.59
N GLY B 558 -14.47 4.69 -38.67
CA GLY B 558 -13.23 5.35 -39.05
C GLY B 558 -12.88 6.49 -38.13
N TRP B 559 -13.88 7.28 -37.70
CA TRP B 559 -13.59 8.31 -36.72
C TRP B 559 -13.28 7.69 -35.35
N ALA B 560 -13.85 6.53 -35.07
CA ALA B 560 -13.51 5.81 -33.85
C ALA B 560 -12.19 5.05 -33.98
N ASN B 561 -11.67 4.93 -35.21
CA ASN B 561 -10.41 4.23 -35.42
C ASN B 561 -9.22 5.14 -35.14
N MET B 562 -9.45 6.42 -34.86
CA MET B 562 -8.35 7.36 -34.64
C MET B 562 -7.65 7.13 -33.30
N LEU B 563 -8.16 6.24 -32.45
CA LEU B 563 -7.54 5.99 -31.16
C LEU B 563 -6.46 4.91 -31.27
N TYR B 564 -6.03 4.61 -32.50
CA TYR B 564 -4.82 3.82 -32.71
C TYR B 564 -3.60 4.68 -32.95
N TYR B 565 -3.75 5.81 -33.65
CA TYR B 565 -2.64 6.68 -33.99
C TYR B 565 -2.20 7.55 -32.81
N THR B 566 -2.65 7.25 -31.60
CA THR B 566 -2.12 7.85 -30.39
C THR B 566 -0.98 7.04 -29.80
N ARG B 567 -0.24 6.31 -30.63
CA ARG B 567 0.95 5.61 -30.16
C ARG B 567 2.02 6.58 -29.67
N GLY B 568 2.15 7.74 -30.32
CA GLY B 568 2.95 8.82 -29.80
C GLY B 568 2.24 9.54 -28.67
N PHE B 569 2.81 10.69 -28.28
CA PHE B 569 2.29 11.52 -27.21
C PHE B 569 2.18 10.73 -25.91
N GLN B 570 3.31 10.59 -25.21
CA GLN B 570 3.43 9.73 -24.02
C GLN B 570 2.29 9.89 -23.02
N SER B 571 1.94 11.14 -22.69
CA SER B 571 0.82 11.36 -21.77
C SER B 571 -0.50 10.94 -22.39
N MET B 572 -0.71 11.24 -23.68
CA MET B 572 -1.91 10.79 -24.37
C MET B 572 -1.85 9.30 -24.69
N GLY B 573 -0.64 8.78 -24.95
CA GLY B 573 -0.47 7.36 -25.15
C GLY B 573 -0.72 6.53 -23.91
N MET B 574 -0.65 7.15 -22.74
CA MET B 574 -1.06 6.50 -21.50
C MET B 574 -2.56 6.16 -21.51
N TYR B 575 -3.33 6.87 -22.32
CA TYR B 575 -4.79 6.85 -22.21
C TYR B 575 -5.44 5.77 -23.05
N SER B 576 -4.81 5.37 -24.17
CA SER B 576 -5.46 4.43 -25.08
C SER B 576 -5.39 3.00 -24.56
N VAL B 577 -4.30 2.64 -23.86
CA VAL B 577 -4.24 1.29 -23.32
C VAL B 577 -5.21 1.12 -22.16
N MET B 578 -5.65 2.24 -21.55
CA MET B 578 -6.72 2.14 -20.56
C MET B 578 -8.03 1.71 -21.21
N ILE B 579 -8.35 2.27 -22.38
CA ILE B 579 -9.41 1.72 -23.21
C ILE B 579 -9.18 0.24 -23.46
N GLN B 580 -8.01 -0.10 -24.02
CA GLN B 580 -7.75 -1.46 -24.51
C GLN B 580 -7.81 -2.50 -23.40
N LYS B 581 -7.54 -2.11 -22.16
CA LYS B 581 -7.62 -3.05 -21.05
C LYS B 581 -8.98 -3.04 -20.37
N VAL B 582 -9.53 -1.86 -20.11
CA VAL B 582 -10.79 -1.77 -19.37
C VAL B 582 -11.94 -2.36 -20.18
N ILE B 583 -11.97 -2.11 -21.50
CA ILE B 583 -13.10 -2.57 -22.28
C ILE B 583 -13.08 -4.10 -22.41
N LEU B 584 -11.90 -4.72 -22.44
CA LEU B 584 -11.81 -6.17 -22.52
C LEU B 584 -11.83 -6.85 -21.16
N HIS B 585 -11.66 -6.10 -20.07
CA HIS B 585 -11.69 -6.78 -18.78
C HIS B 585 -13.00 -6.57 -18.02
N ASP B 586 -13.56 -5.37 -18.04
CA ASP B 586 -14.73 -5.06 -17.22
C ASP B 586 -15.99 -4.79 -18.03
N VAL B 587 -15.88 -4.45 -19.32
CA VAL B 587 -17.06 -4.00 -20.06
C VAL B 587 -17.87 -5.18 -20.57
N LEU B 588 -17.21 -6.21 -21.14
CA LEU B 588 -17.98 -7.37 -21.60
C LEU B 588 -18.59 -8.16 -20.44
N LYS B 589 -17.91 -8.22 -19.29
CA LYS B 589 -18.48 -8.97 -18.17
C LYS B 589 -19.73 -8.29 -17.62
N PHE B 590 -19.64 -6.98 -17.34
CA PHE B 590 -20.81 -6.23 -16.89
C PHE B 590 -21.88 -6.19 -17.96
N LEU B 591 -21.49 -6.13 -19.23
CA LEU B 591 -22.46 -6.14 -20.32
C LEU B 591 -23.21 -7.47 -20.40
N PHE B 592 -22.49 -8.59 -20.22
CA PHE B 592 -23.15 -9.90 -20.22
C PHE B 592 -24.09 -10.05 -19.03
N VAL B 593 -23.66 -9.60 -17.86
CA VAL B 593 -24.54 -9.67 -16.68
C VAL B 593 -25.78 -8.79 -16.89
N TYR B 594 -25.59 -7.58 -17.41
CA TYR B 594 -26.72 -6.68 -17.66
C TYR B 594 -27.61 -7.20 -18.79
N ILE B 595 -27.06 -7.97 -19.72
CA ILE B 595 -27.87 -8.51 -20.80
C ILE B 595 -28.71 -9.68 -20.31
N VAL B 596 -28.12 -10.57 -19.50
CA VAL B 596 -28.88 -11.67 -18.94
C VAL B 596 -29.84 -11.16 -17.85
N PHE B 597 -29.62 -9.92 -17.41
CA PHE B 597 -30.51 -9.34 -16.42
C PHE B 597 -31.68 -8.68 -17.10
N LEU B 598 -31.39 -7.93 -18.15
CA LEU B 598 -32.43 -7.18 -18.86
C LEU B 598 -33.35 -8.10 -19.65
N LEU B 599 -32.82 -9.24 -20.11
CA LEU B 599 -33.62 -10.16 -20.91
C LEU B 599 -34.72 -10.80 -20.07
N GLY B 600 -34.39 -11.20 -18.84
CA GLY B 600 -35.40 -11.81 -17.98
C GLY B 600 -36.47 -10.84 -17.53
N PHE B 601 -36.05 -9.63 -17.13
CA PHE B 601 -37.04 -8.62 -16.74
C PHE B 601 -37.82 -8.11 -17.94
N GLY B 602 -37.24 -8.16 -19.13
CA GLY B 602 -37.95 -7.72 -20.33
C GLY B 602 -39.10 -8.63 -20.69
N VAL B 603 -38.89 -9.94 -20.61
CA VAL B 603 -39.97 -10.89 -20.89
C VAL B 603 -41.04 -10.81 -19.81
N ALA B 604 -40.62 -10.71 -18.55
CA ALA B 604 -41.57 -10.67 -17.43
C ALA B 604 -42.43 -9.41 -17.46
N LEU B 605 -41.81 -8.25 -17.71
CA LEU B 605 -42.56 -7.00 -17.72
C LEU B 605 -43.51 -6.95 -18.91
N ALA B 606 -43.11 -7.51 -20.05
CA ALA B 606 -44.00 -7.57 -21.20
C ALA B 606 -45.13 -8.57 -20.99
N SER B 607 -44.88 -9.63 -20.23
CA SER B 607 -45.93 -10.61 -19.95
C SER B 607 -46.90 -10.15 -18.87
N LEU B 608 -46.47 -9.26 -17.97
CA LEU B 608 -47.34 -8.81 -16.89
C LEU B 608 -48.45 -7.88 -17.38
N ILE B 609 -48.24 -7.18 -18.51
CA ILE B 609 -49.24 -6.23 -18.97
C ILE B 609 -50.41 -6.97 -19.62
N GLU B 610 -51.50 -6.22 -19.83
CA GLU B 610 -52.70 -6.74 -20.46
C GLU B 610 -52.94 -6.02 -21.78
N LYS B 611 -53.56 -6.73 -22.72
CA LYS B 611 -53.86 -6.16 -24.02
C LYS B 611 -55.06 -5.24 -23.91
N CYS B 612 -54.88 -3.99 -24.36
CA CYS B 612 -55.97 -3.03 -24.32
C CYS B 612 -57.01 -3.40 -25.39
N PRO B 613 -58.28 -2.97 -25.20
CA PRO B 613 -59.33 -3.33 -26.17
C PRO B 613 -59.28 -2.53 -27.46
N LYS B 614 -58.16 -1.87 -27.73
CA LYS B 614 -57.89 -1.13 -28.98
C LYS B 614 -58.88 0.00 -29.22
N ASP B 615 -59.54 0.49 -28.17
CA ASP B 615 -60.36 1.70 -28.32
C ASP B 615 -59.47 2.93 -28.42
N ASN B 616 -58.27 2.88 -27.87
CA ASN B 616 -57.26 3.93 -28.00
C ASN B 616 -55.93 3.27 -28.29
N LYS B 617 -55.11 3.94 -29.11
CA LYS B 617 -53.81 3.39 -29.48
C LYS B 617 -52.79 3.55 -28.35
N ASP B 618 -52.89 4.62 -27.56
CA ASP B 618 -51.95 4.86 -26.47
C ASP B 618 -52.34 4.01 -25.26
N CYS B 619 -52.13 2.70 -25.41
CA CYS B 619 -52.46 1.74 -24.37
C CYS B 619 -51.29 0.77 -24.21
N SER B 620 -50.94 0.50 -22.95
CA SER B 620 -49.93 -0.50 -22.58
C SER B 620 -48.59 -0.18 -23.25
N SER B 621 -47.91 0.83 -22.69
CA SER B 621 -46.63 1.28 -23.21
C SER B 621 -45.58 0.16 -23.20
N TYR B 622 -45.69 -0.78 -22.26
CA TYR B 622 -44.88 -1.99 -22.27
C TYR B 622 -45.59 -3.09 -23.07
N GLY B 623 -45.92 -2.75 -24.32
CA GLY B 623 -46.75 -3.60 -25.15
C GLY B 623 -46.14 -4.94 -25.51
N SER B 624 -45.08 -4.93 -26.32
CA SER B 624 -44.39 -6.13 -26.74
C SER B 624 -43.06 -6.26 -26.00
N PHE B 625 -42.36 -7.36 -26.28
CA PHE B 625 -41.04 -7.56 -25.69
C PHE B 625 -40.05 -6.53 -26.20
N SER B 626 -40.10 -6.24 -27.50
CA SER B 626 -39.16 -5.28 -28.09
C SER B 626 -39.39 -3.86 -27.54
N ASP B 627 -40.65 -3.49 -27.32
CA ASP B 627 -40.93 -2.18 -26.75
C ASP B 627 -40.60 -2.13 -25.27
N ALA B 628 -40.84 -3.23 -24.55
CA ALA B 628 -40.51 -3.29 -23.13
C ALA B 628 -39.00 -3.22 -22.90
N VAL B 629 -38.21 -3.83 -23.78
CA VAL B 629 -36.76 -3.74 -23.68
C VAL B 629 -36.29 -2.29 -23.77
N LEU B 630 -36.83 -1.54 -24.74
CA LEU B 630 -36.43 -0.14 -24.90
C LEU B 630 -36.91 0.72 -23.73
N GLU B 631 -38.16 0.53 -23.31
CA GLU B 631 -38.69 1.34 -22.21
C GLU B 631 -38.03 1.01 -20.89
N LEU B 632 -37.50 -0.22 -20.75
CA LEU B 632 -36.83 -0.62 -19.53
C LEU B 632 -35.34 -0.31 -19.58
N PHE B 633 -34.79 -0.10 -20.79
CA PHE B 633 -33.42 0.33 -20.92
C PHE B 633 -33.30 1.84 -20.74
N LYS B 634 -34.32 2.60 -21.16
CA LYS B 634 -34.29 4.04 -20.96
C LYS B 634 -34.26 4.40 -19.48
N LEU B 635 -34.81 3.55 -18.63
CA LEU B 635 -34.78 3.79 -17.18
C LEU B 635 -33.37 3.67 -16.60
N THR B 636 -32.47 2.95 -17.27
CA THR B 636 -31.13 2.73 -16.74
C THR B 636 -30.27 3.97 -16.89
N ILE B 637 -30.28 4.60 -18.07
CA ILE B 637 -29.43 5.76 -18.32
C ILE B 637 -29.90 6.95 -17.48
N GLY B 638 -31.20 7.22 -17.48
CA GLY B 638 -31.74 8.30 -16.70
C GLY B 638 -32.56 9.30 -17.48
N LEU B 639 -33.13 8.86 -18.60
CA LEU B 639 -34.01 9.70 -19.40
C LEU B 639 -35.30 8.95 -19.70
N GLY B 640 -36.39 9.71 -19.77
CA GLY B 640 -37.71 9.14 -20.02
C GLY B 640 -38.68 9.49 -18.90
N ASP B 641 -39.55 8.54 -18.57
CA ASP B 641 -40.53 8.75 -17.51
C ASP B 641 -40.93 7.40 -16.94
N LEU B 642 -41.38 7.42 -15.68
CA LEU B 642 -41.83 6.24 -14.97
C LEU B 642 -43.30 6.41 -14.62
N ASN B 643 -44.11 5.41 -14.97
CA ASN B 643 -45.54 5.44 -14.70
C ASN B 643 -45.95 4.14 -14.02
N ILE B 644 -47.11 4.20 -13.37
CA ILE B 644 -47.66 3.04 -12.67
C ILE B 644 -48.92 2.49 -13.32
N GLN B 645 -49.56 3.25 -14.21
CA GLN B 645 -50.78 2.80 -14.89
C GLN B 645 -50.40 2.35 -16.30
N GLN B 646 -49.80 1.17 -16.39
CA GLN B 646 -49.35 0.59 -17.64
C GLN B 646 -50.29 -0.51 -18.11
N ASN B 647 -51.59 -0.34 -17.85
CA ASN B 647 -52.64 -1.31 -18.21
C ASN B 647 -52.36 -2.68 -17.61
N SER B 648 -51.85 -2.72 -16.39
CA SER B 648 -51.52 -3.96 -15.71
C SER B 648 -52.57 -4.27 -14.65
N LYS B 649 -53.04 -5.52 -14.64
CA LYS B 649 -53.98 -5.96 -13.62
C LYS B 649 -53.32 -6.22 -12.27
N TYR B 650 -52.00 -6.17 -12.20
CA TYR B 650 -51.25 -6.39 -10.96
C TYR B 650 -50.26 -5.25 -10.77
N PRO B 651 -50.74 -4.08 -10.32
CA PRO B 651 -49.81 -2.95 -10.13
C PRO B 651 -48.83 -3.18 -8.98
N ILE B 652 -49.24 -3.92 -7.96
CA ILE B 652 -48.39 -4.22 -6.83
C ILE B 652 -47.24 -5.13 -7.25
N LEU B 653 -47.45 -5.89 -8.32
CA LEU B 653 -46.42 -6.74 -8.90
C LEU B 653 -45.61 -6.04 -9.98
N PHE B 654 -46.24 -5.17 -10.77
CA PHE B 654 -45.52 -4.37 -11.74
C PHE B 654 -44.52 -3.44 -11.06
N LEU B 655 -44.96 -2.76 -10.01
CA LEU B 655 -44.10 -1.82 -9.29
C LEU B 655 -42.97 -2.55 -8.58
N PHE B 656 -43.24 -3.74 -8.05
CA PHE B 656 -42.19 -4.52 -7.39
C PHE B 656 -41.06 -4.85 -8.36
N LEU B 657 -41.39 -5.34 -9.55
CA LEU B 657 -40.37 -5.67 -10.53
C LEU B 657 -39.65 -4.41 -11.03
N LEU B 658 -40.41 -3.33 -11.26
CA LEU B 658 -39.79 -2.11 -11.77
C LEU B 658 -38.85 -1.48 -10.75
N ILE B 659 -39.19 -1.59 -9.46
CA ILE B 659 -38.32 -1.05 -8.41
C ILE B 659 -37.11 -1.94 -8.21
N THR B 660 -37.31 -3.26 -8.20
CA THR B 660 -36.18 -4.15 -7.98
C THR B 660 -35.21 -4.16 -9.15
N TYR B 661 -35.66 -3.86 -10.37
CA TYR B 661 -34.70 -3.73 -11.47
C TYR B 661 -33.74 -2.57 -11.26
N VAL B 662 -34.28 -1.38 -10.98
CA VAL B 662 -33.39 -0.23 -10.78
C VAL B 662 -32.53 -0.43 -9.54
N ILE B 663 -33.08 -1.05 -8.48
CA ILE B 663 -32.31 -1.33 -7.28
C ILE B 663 -31.17 -2.29 -7.57
N LEU B 664 -31.45 -3.37 -8.28
CA LEU B 664 -30.43 -4.40 -8.50
C LEU B 664 -29.39 -4.06 -9.56
N THR B 665 -29.74 -3.16 -10.48
CA THR B 665 -28.80 -2.80 -11.53
C THR B 665 -28.17 -1.41 -11.35
N PHE B 666 -28.97 -0.35 -11.24
CA PHE B 666 -28.39 1.00 -11.21
C PHE B 666 -27.70 1.26 -9.88
N VAL B 667 -28.23 0.72 -8.80
CA VAL B 667 -27.64 0.92 -7.47
C VAL B 667 -26.50 -0.05 -7.22
N LEU B 668 -26.55 -1.24 -7.81
CA LEU B 668 -25.57 -2.29 -7.56
C LEU B 668 -24.56 -2.43 -8.71
N LEU B 669 -25.04 -2.76 -9.91
CA LEU B 669 -24.15 -3.11 -11.02
C LEU B 669 -23.42 -1.89 -11.59
N LEU B 670 -24.16 -0.81 -11.85
CA LEU B 670 -23.59 0.34 -12.57
C LEU B 670 -22.49 1.02 -11.77
N ASN B 671 -22.53 0.90 -10.44
CA ASN B 671 -21.50 1.50 -9.60
C ASN B 671 -20.50 0.47 -9.07
N MET B 672 -20.86 -0.81 -9.03
CA MET B 672 -19.86 -1.82 -8.70
C MET B 672 -18.88 -1.98 -9.85
N LEU B 673 -19.33 -1.73 -11.09
CA LEU B 673 -18.41 -1.62 -12.21
C LEU B 673 -17.38 -0.53 -11.97
N ILE B 674 -17.83 0.64 -11.48
CA ILE B 674 -16.93 1.74 -11.17
C ILE B 674 -15.94 1.32 -10.08
N ALA B 675 -16.44 0.62 -9.05
CA ALA B 675 -15.58 0.13 -7.98
C ALA B 675 -14.57 -0.88 -8.46
N LEU B 676 -14.93 -1.72 -9.43
CA LEU B 676 -14.01 -2.73 -9.95
C LEU B 676 -12.91 -2.09 -10.79
N MET B 677 -13.27 -1.14 -11.66
CA MET B 677 -12.23 -0.42 -12.40
C MET B 677 -11.41 0.50 -11.50
N GLY B 678 -11.94 0.90 -10.35
CA GLY B 678 -11.12 1.62 -9.38
C GLY B 678 -9.97 0.81 -8.83
N GLU B 679 -10.11 -0.52 -8.82
CA GLU B 679 -9.04 -1.45 -8.51
C GLU B 679 -8.21 -1.79 -9.74
N THR B 680 -8.85 -1.95 -10.89
CA THR B 680 -8.14 -2.34 -12.10
C THR B 680 -7.16 -1.26 -12.55
N VAL B 681 -7.61 0.01 -12.61
CA VAL B 681 -6.76 1.11 -13.03
C VAL B 681 -5.63 1.31 -12.03
N GLU B 682 -5.92 1.13 -10.74
CA GLU B 682 -4.88 1.23 -9.71
C GLU B 682 -3.84 0.14 -9.89
N ASN B 683 -4.26 -1.07 -10.27
CA ASN B 683 -3.32 -2.16 -10.45
C ASN B 683 -2.46 -1.97 -11.69
N VAL B 684 -3.06 -1.45 -12.77
CA VAL B 684 -2.36 -1.38 -14.05
C VAL B 684 -1.78 0.01 -14.33
N SER B 685 -1.84 0.92 -13.37
CA SER B 685 -1.25 2.24 -13.57
C SER B 685 0.28 2.15 -13.65
N LYS B 686 0.89 1.28 -12.85
CA LYS B 686 2.33 1.10 -12.90
C LYS B 686 2.77 0.20 -14.03
N GLU B 687 1.84 -0.50 -14.68
CA GLU B 687 2.15 -1.41 -15.77
C GLU B 687 2.06 -0.73 -17.13
N SER B 688 1.48 0.47 -17.19
CA SER B 688 1.21 1.12 -18.47
C SER B 688 2.47 1.62 -19.17
N GLU B 689 3.53 1.90 -18.41
CA GLU B 689 4.75 2.45 -19.00
C GLU B 689 5.41 1.46 -19.96
N ARG B 690 5.47 0.19 -19.56
CA ARG B 690 6.03 -0.83 -20.45
C ARG B 690 5.08 -1.17 -21.59
N ILE B 691 3.78 -1.07 -21.39
CA ILE B 691 2.86 -1.53 -22.43
C ILE B 691 2.66 -0.43 -23.49
N TRP B 692 2.95 0.83 -23.15
CA TRP B 692 3.01 1.84 -24.20
C TRP B 692 4.25 1.64 -25.07
N ARG B 693 5.38 1.38 -24.43
CA ARG B 693 6.64 1.18 -25.16
C ARG B 693 6.60 -0.09 -25.99
N LEU B 694 5.83 -1.09 -25.57
CA LEU B 694 5.68 -2.29 -26.38
C LEU B 694 4.97 -1.99 -27.70
N GLN B 695 3.86 -1.26 -27.66
CA GLN B 695 3.19 -0.85 -28.89
C GLN B 695 4.07 0.07 -29.72
N ARG B 696 4.85 0.93 -29.06
CA ARG B 696 5.77 1.80 -29.78
C ARG B 696 6.81 0.99 -30.53
N ALA B 697 7.43 0.00 -29.87
CA ALA B 697 8.42 -0.82 -30.54
C ALA B 697 7.81 -1.69 -31.64
N ARG B 698 6.57 -2.15 -31.43
CA ARG B 698 5.92 -2.97 -32.45
C ARG B 698 5.61 -2.15 -33.71
N THR B 699 5.11 -0.93 -33.54
CA THR B 699 4.88 -0.10 -34.72
C THR B 699 6.17 0.49 -35.27
N ILE B 700 7.25 0.47 -34.49
CA ILE B 700 8.56 0.86 -35.00
C ILE B 700 9.08 -0.23 -35.93
N LEU B 701 8.98 -1.49 -35.52
CA LEU B 701 9.53 -2.57 -36.33
C LEU B 701 8.58 -2.98 -37.45
N GLU B 702 7.30 -2.63 -37.34
CA GLU B 702 6.35 -2.96 -38.39
C GLU B 702 6.59 -2.15 -39.65
N PHE B 703 6.96 -0.87 -39.48
CA PHE B 703 7.26 -0.02 -40.63
C PHE B 703 8.55 -0.41 -41.33
N GLU B 704 9.41 -1.16 -40.65
CA GLU B 704 10.65 -1.61 -41.29
C GLU B 704 10.33 -2.54 -42.44
N LYS B 705 9.45 -3.51 -42.20
CA LYS B 705 9.11 -4.49 -43.22
C LYS B 705 8.50 -3.85 -44.46
N MET B 706 7.91 -2.66 -44.34
CA MET B 706 7.29 -1.98 -45.46
C MET B 706 8.31 -1.27 -46.36
N LEU B 707 9.56 -1.19 -45.94
CA LEU B 707 10.57 -0.49 -46.73
C LEU B 707 10.98 -1.30 -47.95
N PRO B 708 11.35 -0.64 -49.04
CA PRO B 708 11.94 -1.37 -50.17
C PRO B 708 13.35 -1.84 -49.83
N GLU B 709 13.85 -2.75 -50.66
CA GLU B 709 15.18 -3.32 -50.41
C GLU B 709 16.27 -2.30 -50.69
N TRP B 710 16.07 -1.42 -51.67
CA TRP B 710 17.08 -0.42 -51.98
C TRP B 710 17.14 0.67 -50.92
N LEU B 711 16.03 0.91 -50.21
CA LEU B 711 16.01 1.90 -49.14
C LEU B 711 16.69 1.40 -47.87
N ARG B 712 17.01 0.11 -47.80
CA ARG B 712 17.68 -0.48 -46.65
C ARG B 712 19.17 -0.14 -46.58
N SER B 713 19.65 0.76 -47.42
CA SER B 713 21.08 1.12 -47.41
C SER B 713 21.49 1.85 -46.14
N ARG B 714 20.53 2.45 -45.43
CA ARG B 714 20.82 3.16 -44.18
C ARG B 714 20.90 2.14 -43.03
N PHE B 715 21.98 1.38 -43.04
CA PHE B 715 22.28 0.43 -41.97
C PHE B 715 23.09 1.12 -40.89
N ARG B 716 23.62 0.34 -39.96
CA ARG B 716 24.44 0.87 -38.88
C ARG B 716 25.92 0.73 -39.22
N MET B 717 26.77 1.18 -38.30
CA MET B 717 28.21 1.09 -38.49
C MET B 717 28.64 -0.37 -38.39
N GLY B 718 29.51 -0.78 -39.31
CA GLY B 718 29.90 -2.17 -39.35
C GLY B 718 31.29 -2.36 -39.92
N GLU B 719 31.66 -3.63 -40.13
CA GLU B 719 32.97 -4.04 -40.62
C GLU B 719 34.08 -3.50 -39.71
N LEU B 720 34.11 -4.05 -38.49
CA LEU B 720 35.04 -3.55 -37.48
C LEU B 720 36.48 -3.97 -37.77
N CYS B 721 36.67 -5.21 -38.25
CA CYS B 721 37.96 -5.81 -38.56
C CYS B 721 38.88 -5.92 -37.36
N LYS B 722 38.35 -5.77 -36.14
CA LYS B 722 39.16 -5.87 -34.93
C LYS B 722 39.12 -7.27 -34.34
N VAL B 723 39.32 -8.27 -35.20
CA VAL B 723 39.35 -9.67 -34.80
C VAL B 723 40.55 -10.34 -35.45
N ALA B 724 40.63 -11.67 -35.36
CA ALA B 724 41.79 -12.42 -35.80
C ALA B 724 42.07 -12.28 -37.29
N GLU B 725 41.17 -12.80 -38.14
CA GLU B 725 41.41 -12.83 -39.58
C GLU B 725 40.14 -12.57 -40.39
N ASP B 726 39.28 -11.69 -39.92
CA ASP B 726 38.02 -11.43 -40.61
C ASP B 726 37.51 -10.05 -40.21
N ASP B 727 36.25 -9.77 -40.54
CA ASP B 727 35.54 -8.59 -40.09
C ASP B 727 34.39 -9.04 -39.19
N PHE B 728 34.34 -8.50 -37.98
CA PHE B 728 33.39 -8.97 -36.97
C PHE B 728 31.98 -8.43 -37.23
N ARG B 729 31.46 -8.85 -38.39
CA ARG B 729 30.14 -8.42 -38.80
C ARG B 729 29.95 -6.95 -38.63
N LEU B 730 28.86 -6.60 -37.98
CA LEU B 730 28.54 -5.19 -37.76
C LEU B 730 28.75 -4.87 -36.28
N CYS B 731 29.25 -3.67 -36.00
CA CYS B 731 29.57 -3.26 -34.64
C CYS B 731 29.07 -1.84 -34.43
N LEU B 732 28.07 -1.69 -33.56
CA LEU B 732 27.44 -0.40 -33.32
C LEU B 732 28.10 0.30 -32.13
N ARG B 733 28.49 1.56 -32.33
CA ARG B 733 29.10 2.36 -31.27
C ARG B 733 28.01 3.14 -30.54
N ILE B 734 27.89 2.90 -29.23
CA ILE B 734 27.01 3.67 -28.38
C ILE B 734 27.86 4.37 -27.32
N ASN B 735 27.33 5.46 -26.78
CA ASN B 735 28.01 6.27 -25.77
C ASN B 735 27.06 6.41 -24.59
N GLU B 736 27.11 5.43 -23.69
CA GLU B 736 26.23 5.42 -22.56
C GLU B 736 26.83 6.02 -21.30
N VAL B 737 26.01 6.71 -20.53
CA VAL B 737 26.45 7.30 -19.27
C VAL B 737 25.60 6.73 -18.15
N LYS B 738 26.19 6.68 -16.95
CA LYS B 738 25.47 6.22 -15.76
C LYS B 738 26.11 6.94 -14.56
N TRP B 739 25.35 7.86 -13.97
CA TRP B 739 25.92 8.73 -12.95
C TRP B 739 25.58 8.23 -11.55
N THR B 740 24.44 7.55 -11.39
CA THR B 740 24.13 6.93 -10.11
C THR B 740 25.08 5.78 -9.81
N GLU B 741 25.31 4.91 -10.81
CA GLU B 741 26.22 3.79 -10.62
C GLU B 741 27.65 4.27 -10.40
N TRP B 742 28.08 5.27 -11.16
CA TRP B 742 29.42 5.82 -10.96
C TRP B 742 29.55 6.54 -9.64
N LYS B 743 28.48 7.19 -9.17
CA LYS B 743 28.51 7.85 -7.87
C LYS B 743 28.61 6.83 -6.74
N THR B 744 27.91 5.70 -6.89
CA THR B 744 28.02 4.64 -5.87
C THR B 744 29.36 3.94 -5.94
N HIS B 745 29.94 3.80 -7.13
CA HIS B 745 31.23 3.12 -7.27
C HIS B 745 32.36 3.99 -6.76
N VAL B 746 32.34 5.29 -7.08
CA VAL B 746 33.40 6.20 -6.64
C VAL B 746 33.27 6.57 -5.17
N SER B 747 32.16 6.23 -4.53
CA SER B 747 31.97 6.57 -3.12
C SER B 747 32.90 5.80 -2.19
N PHE B 748 33.49 4.71 -2.66
CA PHE B 748 34.42 3.93 -1.85
C PHE B 748 35.86 4.16 -2.30
N PRO C 62 -14.91 -13.51 31.69
CA PRO C 62 -15.42 -14.79 32.22
C PRO C 62 -15.59 -14.75 33.74
N VAL C 63 -16.07 -15.86 34.31
CA VAL C 63 -16.30 -15.97 35.74
C VAL C 63 -15.67 -17.27 36.21
N PHE C 64 -15.39 -17.34 37.52
CA PHE C 64 -14.78 -18.52 38.12
C PHE C 64 -15.34 -18.71 39.52
N SER C 65 -15.01 -19.86 40.09
CA SER C 65 -15.37 -20.21 41.47
C SER C 65 -14.38 -19.60 42.44
N LYS C 66 -14.30 -20.16 43.65
CA LYS C 66 -13.35 -19.67 44.65
C LYS C 66 -11.92 -19.83 44.14
N PRO C 67 -11.04 -18.88 44.43
CA PRO C 67 -9.67 -18.96 43.90
C PRO C 67 -8.88 -20.09 44.52
N MET C 68 -7.85 -20.52 43.78
CA MET C 68 -6.98 -21.59 44.25
C MET C 68 -5.99 -21.11 45.32
N ASP C 69 -5.74 -19.81 45.40
CA ASP C 69 -4.80 -19.30 46.39
C ASP C 69 -5.16 -17.85 46.70
N SER C 70 -4.87 -17.44 47.93
CA SER C 70 -5.17 -16.09 48.38
C SER C 70 -4.25 -15.77 49.56
N ASN C 71 -4.24 -14.49 49.92
CA ASN C 71 -3.44 -14.02 51.06
C ASN C 71 -4.24 -13.05 51.92
N ILE C 72 -5.54 -13.25 52.02
CA ILE C 72 -6.40 -12.39 52.82
C ILE C 72 -6.18 -12.66 54.31
N LEU C 119 -5.25 -23.40 64.59
CA LEU C 119 -3.83 -23.14 64.40
C LEU C 119 -3.31 -23.87 63.17
N LYS C 120 -4.23 -24.33 62.33
CA LYS C 120 -3.83 -25.04 61.11
C LYS C 120 -3.44 -24.09 59.98
N LYS C 121 -3.90 -22.84 60.03
CA LYS C 121 -3.54 -21.87 59.00
C LYS C 121 -2.08 -21.44 59.07
N ARG C 122 -1.42 -21.65 60.21
CA ARG C 122 -0.02 -21.27 60.33
C ARG C 122 0.88 -22.12 59.45
N ILE C 123 0.59 -23.42 59.33
CA ILE C 123 1.34 -24.27 58.41
C ILE C 123 1.12 -23.82 56.97
N PHE C 124 -0.12 -23.47 56.63
CA PHE C 124 -0.44 -23.02 55.28
C PHE C 124 0.28 -21.71 54.95
N ALA C 125 0.37 -20.80 55.91
CA ALA C 125 1.12 -19.57 55.72
C ALA C 125 2.63 -19.81 55.69
N ALA C 126 3.12 -20.82 56.41
CA ALA C 126 4.55 -21.11 56.41
C ALA C 126 5.00 -21.71 55.08
N VAL C 127 4.18 -22.58 54.48
CA VAL C 127 4.57 -23.15 53.20
C VAL C 127 4.37 -22.20 52.04
N SER C 128 3.71 -21.06 52.27
CA SER C 128 3.45 -20.10 51.20
C SER C 128 4.75 -19.45 50.74
N GLU C 129 5.39 -18.68 51.62
CA GLU C 129 6.67 -18.06 51.26
C GLU C 129 7.84 -19.03 51.33
N GLY C 130 7.64 -20.21 51.91
CA GLY C 130 8.69 -21.21 51.98
C GLY C 130 9.77 -20.89 53.01
N CYS C 131 9.35 -20.72 54.26
CA CYS C 131 10.27 -20.46 55.37
C CYS C 131 10.56 -21.79 56.06
N VAL C 132 11.60 -22.47 55.60
CA VAL C 132 11.93 -23.80 56.14
C VAL C 132 12.37 -23.70 57.60
N GLU C 133 13.09 -22.63 57.95
CA GLU C 133 13.50 -22.43 59.33
C GLU C 133 12.28 -22.25 60.24
N GLU C 134 11.26 -21.57 59.74
CA GLU C 134 9.98 -21.53 60.45
C GLU C 134 9.21 -22.83 60.31
N LEU C 135 9.48 -23.59 59.26
CA LEU C 135 8.74 -24.83 59.00
C LEU C 135 9.23 -26.02 59.81
N VAL C 136 10.37 -25.87 60.48
CA VAL C 136 10.93 -26.98 61.24
C VAL C 136 10.07 -27.30 62.48
N GLU C 137 9.71 -26.28 63.26
CA GLU C 137 9.20 -26.52 64.61
C GLU C 137 7.71 -26.85 64.66
N LEU C 138 6.91 -26.28 63.77
CA LEU C 138 5.46 -26.52 63.86
C LEU C 138 5.13 -27.98 63.57
N LEU C 139 5.91 -28.65 62.73
CA LEU C 139 5.69 -30.08 62.51
C LEU C 139 6.01 -30.91 63.75
N VAL C 140 7.03 -30.53 64.51
CA VAL C 140 7.25 -31.17 65.81
C VAL C 140 6.06 -30.92 66.72
N GLU C 141 5.48 -29.71 66.65
CA GLU C 141 4.25 -29.43 67.38
C GLU C 141 3.08 -30.26 66.85
N LEU C 142 2.99 -30.42 65.53
CA LEU C 142 1.88 -31.11 64.89
C LEU C 142 1.94 -32.63 65.08
N GLN C 143 3.11 -33.16 65.43
CA GLN C 143 3.23 -34.61 65.63
C GLN C 143 2.37 -35.07 66.80
N GLU C 144 2.26 -34.24 67.84
CA GLU C 144 1.44 -34.56 69.01
C GLU C 144 0.30 -33.56 69.21
N LEU C 145 -0.01 -32.75 68.19
CA LEU C 145 -1.10 -31.79 68.28
C LEU C 145 -2.42 -32.55 68.18
N CYS C 146 -3.12 -32.65 69.32
CA CYS C 146 -4.40 -33.36 69.43
C CYS C 146 -4.27 -34.81 68.98
N ARG C 147 -3.13 -35.43 69.29
CA ARG C 147 -2.86 -36.81 68.88
C ARG C 147 -3.66 -37.77 69.76
N ARG C 148 -4.99 -37.72 69.67
CA ARG C 148 -5.85 -38.60 70.44
C ARG C 148 -6.70 -39.50 69.54
N ARG C 149 -7.63 -38.97 68.78
CA ARG C 149 -8.52 -39.88 68.04
C ARG C 149 -9.35 -40.73 69.00
N PHE C 157 -7.91 -37.55 65.90
CA PHE C 157 -8.24 -37.40 64.49
C PHE C 157 -7.19 -38.07 63.62
N LEU C 158 -7.63 -38.62 62.49
CA LEU C 158 -6.70 -39.27 61.57
C LEU C 158 -6.15 -38.26 60.56
N MET C 159 -5.28 -37.39 61.08
CA MET C 159 -4.58 -36.31 60.39
C MET C 159 -5.37 -35.64 59.25
N HIS C 160 -6.64 -35.33 59.50
CA HIS C 160 -7.43 -34.62 58.49
C HIS C 160 -7.17 -33.12 58.55
N LYS C 161 -6.66 -32.62 59.68
CA LYS C 161 -6.36 -31.20 59.82
C LYS C 161 -5.13 -30.79 59.03
N LEU C 162 -4.35 -31.74 58.51
CA LEU C 162 -3.20 -31.41 57.69
C LEU C 162 -3.65 -30.76 56.38
N THR C 163 -4.74 -31.25 55.81
CA THR C 163 -5.34 -30.68 54.61
C THR C 163 -6.51 -29.79 54.98
N ALA C 164 -6.95 -28.98 54.02
CA ALA C 164 -8.10 -28.12 54.21
C ALA C 164 -9.36 -28.79 53.64
N SER C 165 -10.49 -28.47 54.24
CA SER C 165 -11.76 -29.09 53.86
C SER C 165 -12.65 -28.19 53.01
N ASP C 166 -12.29 -26.92 52.82
CA ASP C 166 -13.12 -26.04 52.02
C ASP C 166 -12.97 -26.35 50.53
N THR C 167 -11.76 -26.63 50.08
CA THR C 167 -11.49 -26.93 48.68
C THR C 167 -10.64 -28.18 48.48
N GLY C 168 -10.31 -28.89 49.56
CA GLY C 168 -9.45 -30.06 49.46
C GLY C 168 -7.98 -29.75 49.31
N LYS C 169 -7.57 -28.52 49.57
CA LYS C 169 -6.18 -28.14 49.37
C LYS C 169 -5.30 -28.64 50.51
N THR C 170 -4.08 -29.03 50.17
CA THR C 170 -3.05 -29.39 51.14
C THR C 170 -1.90 -28.40 51.04
N CYS C 171 -0.94 -28.54 51.94
CA CYS C 171 0.23 -27.67 51.91
C CYS C 171 1.18 -28.01 50.78
N LEU C 172 1.11 -29.23 50.24
CA LEU C 172 2.01 -29.62 49.16
C LEU C 172 1.73 -28.79 47.90
N MET C 173 0.52 -28.90 47.36
CA MET C 173 0.18 -28.13 46.17
C MET C 173 0.10 -26.64 46.44
N LYS C 174 -0.08 -26.23 47.70
CA LYS C 174 0.03 -24.82 48.02
C LYS C 174 1.47 -24.34 47.91
N ALA C 175 2.42 -25.18 48.32
CA ALA C 175 3.84 -24.83 48.17
C ALA C 175 4.24 -24.83 46.70
N LEU C 176 3.73 -25.77 45.91
CA LEU C 176 4.00 -25.75 44.48
C LEU C 176 3.13 -24.74 43.73
N LEU C 177 2.19 -24.08 44.39
CA LEU C 177 1.38 -23.07 43.72
C LEU C 177 2.15 -21.79 43.49
N ASN C 178 3.08 -21.45 44.39
CA ASN C 178 3.94 -20.27 44.23
C ASN C 178 5.37 -20.72 44.45
N ILE C 179 6.19 -20.61 43.40
CA ILE C 179 7.56 -21.13 43.46
C ILE C 179 8.49 -20.05 43.98
N ASN C 180 9.29 -20.40 44.98
CA ASN C 180 10.35 -19.57 45.52
C ASN C 180 11.67 -20.31 45.33
N PRO C 181 12.80 -19.60 45.40
CA PRO C 181 14.09 -20.27 45.16
C PRO C 181 14.40 -21.39 46.14
N ASN C 182 13.81 -21.40 47.33
CA ASN C 182 13.96 -22.49 48.28
C ASN C 182 12.62 -23.20 48.37
N THR C 183 12.48 -24.32 47.65
CA THR C 183 11.22 -25.06 47.63
C THR C 183 11.47 -26.56 47.72
N LYS C 184 12.64 -27.02 47.30
CA LYS C 184 12.95 -28.44 47.28
C LYS C 184 13.00 -29.02 48.69
N GLU C 185 13.58 -28.27 49.64
CA GLU C 185 13.64 -28.71 51.02
C GLU C 185 12.24 -28.85 51.62
N ILE C 186 11.33 -27.95 51.26
CA ILE C 186 9.95 -28.03 51.74
C ILE C 186 9.29 -29.31 51.25
N VAL C 187 9.46 -29.63 49.96
CA VAL C 187 8.84 -30.83 49.40
C VAL C 187 9.43 -32.09 50.03
N ARG C 188 10.75 -32.15 50.19
CA ARG C 188 11.35 -33.33 50.79
C ARG C 188 11.01 -33.48 52.27
N ILE C 189 10.89 -32.37 53.00
CA ILE C 189 10.48 -32.44 54.40
C ILE C 189 9.03 -32.91 54.51
N LEU C 190 8.15 -32.41 53.64
CA LEU C 190 6.76 -32.84 53.67
C LEU C 190 6.62 -34.32 53.32
N LEU C 191 7.40 -34.80 52.34
CA LEU C 191 7.34 -36.22 52.00
C LEU C 191 7.90 -37.08 53.12
N ALA C 192 9.01 -36.65 53.74
CA ALA C 192 9.60 -37.41 54.84
C ALA C 192 8.68 -37.43 56.05
N PHE C 193 7.90 -36.37 56.26
CA PHE C 193 6.91 -36.38 57.34
C PHE C 193 5.70 -37.24 57.00
N ALA C 194 5.25 -37.22 55.74
CA ALA C 194 4.09 -37.98 55.36
C ALA C 194 4.35 -39.48 55.36
N GLU C 195 5.58 -39.89 55.03
CA GLU C 195 5.89 -41.31 55.06
C GLU C 195 6.02 -41.85 56.48
N GLU C 196 6.17 -40.98 57.48
CA GLU C 196 6.26 -41.43 58.86
C GLU C 196 4.91 -41.92 59.37
N ASN C 197 3.82 -41.21 59.03
CA ASN C 197 2.49 -41.54 59.49
C ASN C 197 1.77 -42.51 58.56
N ASP C 198 2.47 -43.05 57.56
CA ASP C 198 1.93 -44.06 56.64
C ASP C 198 0.69 -43.53 55.89
N ILE C 199 0.72 -42.26 55.53
CA ILE C 199 -0.39 -41.64 54.79
C ILE C 199 0.14 -40.95 53.54
N LEU C 200 1.32 -41.37 53.06
CA LEU C 200 1.91 -40.74 51.88
C LEU C 200 1.08 -41.00 50.64
N GLY C 201 0.48 -42.19 50.54
CA GLY C 201 -0.35 -42.49 49.38
C GLY C 201 -1.61 -41.64 49.33
N ARG C 202 -2.22 -41.39 50.48
CA ARG C 202 -3.37 -40.49 50.53
C ARG C 202 -2.95 -39.03 50.40
N PHE C 203 -1.75 -38.69 50.84
CA PHE C 203 -1.30 -37.30 50.79
C PHE C 203 -0.95 -36.88 49.36
N ILE C 204 -0.21 -37.72 48.64
CA ILE C 204 0.19 -37.36 47.28
C ILE C 204 -0.97 -37.50 46.30
N ASN C 205 -1.97 -38.30 46.62
CA ASN C 205 -3.16 -38.44 45.78
C ASN C 205 -4.31 -37.60 46.34
N ALA C 206 -4.04 -36.31 46.49
CA ALA C 206 -5.02 -35.35 46.97
C ALA C 206 -5.64 -34.61 45.80
N GLU C 207 -6.95 -34.41 45.84
CA GLU C 207 -7.69 -33.85 44.72
C GLU C 207 -8.53 -32.67 45.19
N TYR C 208 -8.68 -31.68 44.30
CA TYR C 208 -9.60 -30.58 44.53
C TYR C 208 -11.04 -31.08 44.52
N THR C 209 -11.91 -30.39 45.25
CA THR C 209 -13.29 -30.83 45.43
C THR C 209 -14.25 -29.64 45.22
N GLU C 210 -14.10 -28.96 44.09
CA GLU C 210 -15.05 -27.93 43.69
C GLU C 210 -15.48 -28.17 42.25
N GLU C 211 -16.45 -27.38 41.79
CA GLU C 211 -17.01 -27.57 40.46
C GLU C 211 -16.04 -27.14 39.37
N ALA C 212 -15.33 -26.04 39.59
CA ALA C 212 -14.39 -25.55 38.59
C ALA C 212 -13.16 -26.44 38.51
N TYR C 213 -12.62 -26.79 39.68
CA TYR C 213 -11.45 -27.64 39.74
C TYR C 213 -11.77 -28.92 40.49
N GLU C 214 -11.74 -30.04 39.80
CA GLU C 214 -12.02 -31.34 40.40
C GLU C 214 -11.04 -32.36 39.87
N GLY C 215 -10.42 -33.12 40.79
CA GLY C 215 -9.43 -34.11 40.43
C GLY C 215 -8.02 -33.57 40.26
N GLN C 216 -7.78 -32.30 40.63
CA GLN C 216 -6.48 -31.70 40.43
C GLN C 216 -5.49 -32.22 41.47
N THR C 217 -4.35 -32.71 41.00
CA THR C 217 -3.34 -33.30 41.88
C THR C 217 -2.12 -32.39 41.95
N ALA C 218 -1.22 -32.74 42.89
CA ALA C 218 -0.03 -31.93 43.11
C ALA C 218 0.95 -32.05 41.95
N LEU C 219 1.02 -33.24 41.33
CA LEU C 219 1.89 -33.42 40.18
C LEU C 219 1.46 -32.57 38.99
N ASN C 220 0.15 -32.39 38.84
CA ASN C 220 -0.37 -31.56 37.76
C ASN C 220 0.08 -30.11 37.90
N ILE C 221 0.12 -29.61 39.14
CA ILE C 221 0.61 -28.25 39.37
C ILE C 221 2.13 -28.20 39.32
N ALA C 222 2.80 -29.29 39.68
CA ALA C 222 4.26 -29.32 39.65
C ALA C 222 4.80 -29.31 38.23
N ILE C 223 4.09 -29.95 37.30
CA ILE C 223 4.56 -29.99 35.91
C ILE C 223 4.46 -28.61 35.27
N GLU C 224 3.32 -27.93 35.43
CA GLU C 224 3.09 -26.68 34.70
C GLU C 224 3.97 -25.54 35.19
N ARG C 225 4.52 -25.62 36.40
CA ARG C 225 5.40 -24.60 36.92
C ARG C 225 6.86 -24.80 36.52
N ARG C 226 7.10 -25.59 35.46
CA ARG C 226 8.44 -25.84 34.91
C ARG C 226 9.39 -26.41 35.96
N GLN C 227 8.85 -27.17 36.91
CA GLN C 227 9.66 -27.77 37.97
C GLN C 227 9.93 -29.24 37.64
N GLY C 228 10.75 -29.43 36.60
CA GLY C 228 11.08 -30.78 36.17
C GLY C 228 11.87 -31.55 37.20
N ASP C 229 12.74 -30.86 37.95
CA ASP C 229 13.51 -31.50 39.00
C ASP C 229 12.61 -31.91 40.17
N ILE C 230 11.61 -31.06 40.48
CA ILE C 230 10.67 -31.40 41.54
C ILE C 230 9.71 -32.49 41.09
N ALA C 231 9.34 -32.49 39.80
CA ALA C 231 8.34 -33.43 39.29
C ALA C 231 8.82 -34.88 39.39
N ALA C 232 10.14 -35.10 39.38
CA ALA C 232 10.67 -36.45 39.54
C ALA C 232 10.49 -36.98 40.95
N LEU C 233 10.25 -36.10 41.93
CA LEU C 233 10.15 -36.54 43.31
C LEU C 233 8.80 -37.18 43.60
N LEU C 234 7.71 -36.60 43.08
CA LEU C 234 6.38 -37.13 43.38
C LEU C 234 6.14 -38.48 42.70
N ILE C 235 6.69 -38.67 41.51
CA ILE C 235 6.52 -39.97 40.85
C ILE C 235 7.43 -41.00 41.52
N ALA C 236 8.56 -40.57 42.07
CA ALA C 236 9.39 -41.48 42.85
C ALA C 236 8.68 -41.91 44.13
N ALA C 237 7.98 -40.97 44.78
CA ALA C 237 7.14 -41.31 45.91
C ALA C 237 5.93 -42.14 45.49
N GLY C 238 5.49 -42.00 44.24
CA GLY C 238 4.38 -42.78 43.73
C GLY C 238 3.13 -41.97 43.48
N ALA C 239 2.93 -41.56 42.23
CA ALA C 239 1.74 -40.84 41.81
C ALA C 239 0.92 -41.71 40.87
N ASP C 240 -0.40 -41.53 40.90
CA ASP C 240 -1.28 -42.36 40.09
C ASP C 240 -1.17 -42.05 38.60
N VAL C 241 -0.59 -40.90 38.23
CA VAL C 241 -0.28 -40.50 36.85
C VAL C 241 -1.55 -40.34 36.02
N ASN C 242 -2.39 -41.37 35.98
CA ASN C 242 -3.63 -41.37 35.20
C ASN C 242 -4.75 -40.58 35.88
N ALA C 243 -4.45 -39.78 36.89
CA ALA C 243 -5.47 -39.01 37.58
C ALA C 243 -5.97 -37.89 36.66
N HIS C 244 -7.23 -38.00 36.23
CA HIS C 244 -7.78 -37.01 35.32
C HIS C 244 -8.06 -35.71 36.05
N ALA C 245 -8.35 -34.66 35.26
CA ALA C 245 -8.65 -33.34 35.80
C ALA C 245 -10.00 -32.87 35.30
N LYS C 246 -11.02 -33.71 35.47
CA LYS C 246 -12.36 -33.42 34.98
C LYS C 246 -12.95 -32.27 35.79
N GLY C 247 -12.94 -31.07 35.21
CA GLY C 247 -13.47 -29.90 35.88
C GLY C 247 -13.94 -28.88 34.88
N ALA C 248 -14.76 -27.94 35.37
CA ALA C 248 -15.32 -26.92 34.48
C ALA C 248 -14.24 -25.97 33.99
N PHE C 249 -13.22 -25.71 34.81
CA PHE C 249 -12.12 -24.85 34.38
C PHE C 249 -11.26 -25.55 33.35
N PHE C 250 -10.90 -26.81 33.60
CA PHE C 250 -10.05 -27.55 32.67
C PHE C 250 -10.80 -27.98 31.43
N ASN C 251 -12.14 -28.01 31.47
CA ASN C 251 -12.98 -28.36 30.32
C ASN C 251 -13.94 -27.20 30.10
N PRO C 252 -13.50 -26.15 29.40
CA PRO C 252 -14.38 -25.01 29.15
C PRO C 252 -15.35 -25.28 27.99
N LYS C 253 -16.45 -24.51 28.01
CA LYS C 253 -17.42 -24.63 26.93
C LYS C 253 -16.91 -23.92 25.67
N TYR C 254 -16.62 -22.64 25.79
CA TYR C 254 -16.04 -21.92 24.67
C TYR C 254 -14.53 -21.93 24.83
N GLN C 255 -13.86 -21.00 24.18
CA GLN C 255 -12.40 -20.91 24.24
C GLN C 255 -11.92 -19.72 25.05
N HIS C 256 -12.81 -19.09 25.84
CA HIS C 256 -12.47 -17.86 26.53
C HIS C 256 -12.74 -17.93 28.03
N GLU C 257 -12.95 -19.13 28.59
CA GLU C 257 -13.15 -19.21 30.04
C GLU C 257 -12.22 -20.21 30.70
N GLY C 258 -11.17 -20.65 30.01
CA GLY C 258 -10.28 -21.63 30.61
C GLY C 258 -9.22 -22.06 29.61
N PHE C 259 -8.38 -22.98 30.10
CA PHE C 259 -7.32 -23.54 29.28
C PHE C 259 -7.56 -25.03 29.27
N TYR C 260 -7.52 -25.63 28.10
CA TYR C 260 -7.79 -27.05 27.91
C TYR C 260 -6.52 -27.79 27.54
N PHE C 261 -6.33 -28.99 28.10
CA PHE C 261 -5.15 -29.78 27.83
C PHE C 261 -5.42 -31.29 27.82
N GLY C 262 -6.64 -31.71 27.52
CA GLY C 262 -6.97 -33.12 27.55
C GLY C 262 -7.15 -33.71 28.94
N GLU C 263 -7.17 -32.87 29.98
CA GLU C 263 -7.28 -33.22 31.39
C GLU C 263 -6.52 -34.50 31.80
N THR C 264 -5.33 -34.69 31.23
CA THR C 264 -4.42 -35.74 31.69
C THR C 264 -3.05 -35.13 31.98
N PRO C 265 -2.39 -35.59 33.05
CA PRO C 265 -1.11 -34.97 33.43
C PRO C 265 0.01 -35.20 32.44
N LEU C 266 -0.06 -36.25 31.62
CA LEU C 266 0.97 -36.48 30.62
C LEU C 266 0.95 -35.39 29.55
N ALA C 267 -0.25 -34.90 29.20
CA ALA C 267 -0.37 -33.85 28.21
C ALA C 267 0.02 -32.47 28.76
N LEU C 268 0.20 -32.33 30.07
CA LEU C 268 0.74 -31.08 30.60
C LEU C 268 2.13 -30.81 30.06
N ALA C 269 2.99 -31.83 30.07
CA ALA C 269 4.30 -31.72 29.45
C ALA C 269 4.24 -31.76 27.93
N ALA C 270 3.06 -32.01 27.36
CA ALA C 270 2.86 -31.98 25.92
C ALA C 270 2.20 -30.69 25.46
N CYS C 271 1.18 -30.21 26.18
CA CYS C 271 0.58 -28.93 25.84
C CYS C 271 1.51 -27.77 26.17
N THR C 272 2.34 -27.92 27.19
CA THR C 272 3.42 -26.98 27.47
C THR C 272 4.74 -27.61 27.05
N ASN C 273 5.65 -26.79 26.51
CA ASN C 273 6.88 -27.28 25.91
C ASN C 273 7.81 -27.79 27.03
N GLN C 274 7.58 -29.03 27.43
CA GLN C 274 8.40 -29.70 28.45
C GLN C 274 8.70 -31.13 27.98
N PRO C 275 9.65 -31.30 27.06
CA PRO C 275 9.92 -32.66 26.53
C PRO C 275 10.57 -33.58 27.55
N GLU C 276 11.34 -33.04 28.51
CA GLU C 276 12.01 -33.88 29.49
C GLU C 276 11.01 -34.64 30.35
N ILE C 277 9.92 -33.97 30.75
CA ILE C 277 8.90 -34.64 31.54
C ILE C 277 8.14 -35.65 30.69
N VAL C 278 8.04 -35.40 29.37
CA VAL C 278 7.47 -36.41 28.47
C VAL C 278 8.33 -37.67 28.48
N GLN C 279 9.65 -37.51 28.42
CA GLN C 279 10.53 -38.68 28.47
C GLN C 279 10.47 -39.37 29.82
N LEU C 280 10.35 -38.59 30.90
CA LEU C 280 10.25 -39.19 32.23
C LEU C 280 8.95 -39.97 32.41
N LEU C 281 7.85 -39.47 31.86
CA LEU C 281 6.58 -40.18 31.95
C LEU C 281 6.51 -41.37 31.01
N MET C 282 7.25 -41.33 29.90
CA MET C 282 7.25 -42.44 28.96
C MET C 282 7.96 -43.66 29.54
N GLU C 283 9.06 -43.46 30.25
CA GLU C 283 9.80 -44.58 30.83
C GLU C 283 9.10 -45.18 32.05
N HIS C 284 8.01 -44.58 32.52
CA HIS C 284 7.27 -45.14 33.64
C HIS C 284 6.54 -46.41 33.21
N GLU C 285 6.40 -47.34 34.15
CA GLU C 285 5.75 -48.61 33.86
C GLU C 285 4.24 -48.45 33.74
N GLN C 286 3.67 -47.50 34.48
CA GLN C 286 2.23 -47.26 34.48
C GLN C 286 1.98 -45.83 33.97
N THR C 287 1.74 -45.71 32.67
CA THR C 287 1.45 -44.44 32.04
C THR C 287 0.14 -44.43 31.26
N ASP C 288 -0.19 -45.54 30.59
CA ASP C 288 -1.41 -45.70 29.81
C ASP C 288 -1.53 -44.61 28.74
N ILE C 289 -0.69 -44.77 27.71
CA ILE C 289 -0.65 -43.79 26.63
C ILE C 289 -1.95 -43.79 25.83
N THR C 290 -2.61 -44.94 25.73
CA THR C 290 -3.88 -45.04 25.02
C THR C 290 -5.07 -44.83 25.94
N SER C 291 -5.04 -43.75 26.72
CA SER C 291 -6.08 -43.45 27.69
C SER C 291 -7.01 -42.37 27.16
N ARG C 292 -8.31 -42.58 27.31
CA ARG C 292 -9.31 -41.57 26.96
C ARG C 292 -9.49 -40.60 28.11
N ASP C 293 -10.54 -39.77 28.04
CA ASP C 293 -10.86 -38.83 29.10
C ASP C 293 -12.38 -38.59 29.07
N SER C 294 -12.82 -37.55 29.77
CA SER C 294 -14.25 -37.26 29.83
C SER C 294 -14.77 -36.79 28.48
N ARG C 295 -13.96 -36.05 27.73
CA ARG C 295 -14.31 -35.66 26.37
C ARG C 295 -13.95 -36.73 25.35
N GLY C 296 -13.40 -37.86 25.77
CA GLY C 296 -13.04 -38.93 24.86
C GLY C 296 -11.81 -38.66 24.03
N ASN C 297 -11.07 -37.59 24.31
CA ASN C 297 -9.88 -37.29 23.53
C ASN C 297 -8.72 -38.20 23.92
N ASN C 298 -7.63 -38.06 23.17
CA ASN C 298 -6.41 -38.76 23.50
C ASN C 298 -5.35 -37.67 23.51
N ILE C 299 -4.08 -38.02 23.66
CA ILE C 299 -3.03 -37.03 23.74
C ILE C 299 -2.87 -36.29 22.42
N LEU C 300 -2.94 -37.02 21.29
CA LEU C 300 -2.82 -36.39 19.99
C LEU C 300 -3.96 -35.41 19.73
N HIS C 301 -5.17 -35.73 20.19
CA HIS C 301 -6.28 -34.77 20.13
C HIS C 301 -5.97 -33.51 20.92
N ALA C 302 -5.32 -33.66 22.07
CA ALA C 302 -4.94 -32.50 22.88
C ALA C 302 -3.94 -31.62 22.14
N LEU C 303 -2.90 -32.23 21.56
CA LEU C 303 -1.94 -31.46 20.78
C LEU C 303 -2.59 -30.80 19.56
N VAL C 304 -3.58 -31.46 18.95
CA VAL C 304 -4.31 -30.85 17.86
C VAL C 304 -5.08 -29.63 18.34
N THR C 305 -5.67 -29.71 19.53
CA THR C 305 -6.48 -28.60 20.02
C THR C 305 -5.61 -27.40 20.40
N VAL C 306 -4.48 -27.63 21.07
CA VAL C 306 -3.64 -26.50 21.51
C VAL C 306 -2.87 -25.89 20.34
N ALA C 307 -2.67 -26.63 19.25
CA ALA C 307 -1.80 -26.24 18.16
C ALA C 307 -2.22 -24.90 17.54
N GLU C 308 -1.23 -24.23 16.94
CA GLU C 308 -1.43 -22.91 16.35
C GLU C 308 -1.47 -23.07 14.84
N ASP C 309 -2.49 -22.47 14.21
CA ASP C 309 -2.73 -22.71 12.79
C ASP C 309 -1.69 -22.03 11.91
N PHE C 310 -1.53 -20.71 12.06
CA PHE C 310 -0.61 -19.97 11.20
C PHE C 310 0.83 -20.32 11.55
N LYS C 311 1.70 -20.26 10.54
CA LYS C 311 3.11 -20.56 10.69
C LYS C 311 3.73 -19.32 11.37
N THR C 312 3.74 -19.36 12.70
CA THR C 312 4.24 -18.26 13.51
C THR C 312 5.61 -18.66 14.07
N GLN C 313 6.60 -18.66 13.18
CA GLN C 313 8.02 -18.99 13.48
C GLN C 313 8.06 -20.40 14.04
N ASN C 314 8.63 -20.63 15.21
CA ASN C 314 8.77 -21.97 15.77
C ASN C 314 7.57 -22.31 16.64
N ASP C 315 7.01 -23.50 16.44
CA ASP C 315 5.91 -24.02 17.24
C ASP C 315 6.27 -25.41 17.72
N PHE C 316 6.22 -25.61 19.03
CA PHE C 316 6.65 -26.89 19.63
C PHE C 316 5.69 -28.02 19.35
N VAL C 317 4.44 -27.72 18.98
CA VAL C 317 3.43 -28.77 18.84
C VAL C 317 3.73 -29.67 17.64
N LYS C 318 4.17 -29.10 16.52
CA LYS C 318 4.43 -29.90 15.33
C LYS C 318 5.66 -30.78 15.53
N ARG C 319 6.69 -30.26 16.18
CA ARG C 319 7.88 -31.04 16.48
C ARG C 319 7.57 -32.15 17.48
N MET C 320 6.79 -31.85 18.51
CA MET C 320 6.54 -32.81 19.57
C MET C 320 5.51 -33.87 19.15
N TYR C 321 4.77 -33.62 18.09
CA TYR C 321 3.87 -34.64 17.58
C TYR C 321 4.74 -35.80 17.13
N ASP C 322 5.79 -35.49 16.38
CA ASP C 322 6.72 -36.53 15.94
C ASP C 322 7.26 -37.33 17.12
N MET C 323 7.62 -36.63 18.21
CA MET C 323 8.18 -37.32 19.37
C MET C 323 7.17 -38.26 20.01
N ILE C 324 5.93 -37.79 20.23
CA ILE C 324 4.94 -38.63 20.90
C ILE C 324 4.55 -39.80 19.99
N LEU C 325 4.46 -39.57 18.68
CA LEU C 325 4.04 -40.64 17.79
C LEU C 325 5.15 -41.68 17.60
N LEU C 326 6.41 -41.24 17.57
CA LEU C 326 7.52 -42.18 17.44
C LEU C 326 7.76 -42.94 18.75
N ARG C 327 7.48 -42.31 19.89
CA ARG C 327 7.60 -43.03 21.15
C ARG C 327 6.45 -44.01 21.34
N SER C 328 5.27 -43.70 20.78
CA SER C 328 4.19 -44.67 20.78
C SER C 328 4.51 -45.85 19.88
N GLY C 329 4.89 -45.58 18.64
CA GLY C 329 5.30 -46.63 17.70
C GLY C 329 4.19 -47.57 17.29
N ASN C 330 2.95 -47.08 17.23
CA ASN C 330 1.83 -47.92 16.85
C ASN C 330 0.72 -47.02 16.30
N TRP C 331 -0.39 -47.63 15.89
CA TRP C 331 -1.47 -46.93 15.23
C TRP C 331 -2.68 -46.67 16.11
N GLU C 332 -2.67 -47.11 17.37
CA GLU C 332 -3.85 -46.93 18.21
C GLU C 332 -4.05 -45.46 18.62
N LEU C 333 -2.96 -44.70 18.73
CA LEU C 333 -3.10 -43.30 19.14
C LEU C 333 -3.72 -42.45 18.04
N GLU C 334 -3.54 -42.86 16.78
CA GLU C 334 -4.07 -42.10 15.65
C GLU C 334 -5.29 -42.73 15.01
N THR C 335 -5.87 -43.75 15.64
CA THR C 335 -7.10 -44.35 15.16
C THR C 335 -8.23 -44.29 16.17
N THR C 336 -7.97 -43.91 17.41
CA THR C 336 -9.04 -43.75 18.39
C THR C 336 -9.89 -42.53 18.04
N ARG C 337 -11.18 -42.65 18.35
CA ARG C 337 -12.15 -41.62 18.00
C ARG C 337 -12.56 -40.82 19.23
N ASN C 338 -13.10 -39.63 18.96
CA ASN C 338 -13.53 -38.71 20.00
C ASN C 338 -14.87 -39.15 20.58
N ASN C 339 -15.41 -38.33 21.48
CA ASN C 339 -16.76 -38.58 21.99
C ASN C 339 -17.80 -38.45 20.88
N ASP C 340 -17.57 -37.51 19.97
CA ASP C 340 -18.45 -37.42 18.81
C ASP C 340 -17.93 -38.46 17.85
N GLY C 341 -16.61 -38.65 17.81
CA GLY C 341 -16.00 -39.65 16.95
C GLY C 341 -15.14 -39.03 15.88
N LEU C 342 -13.87 -38.82 16.20
CA LEU C 342 -12.93 -38.16 15.28
C LEU C 342 -11.51 -38.60 15.63
N THR C 343 -10.90 -39.40 14.76
CA THR C 343 -9.47 -39.57 14.80
C THR C 343 -8.79 -38.27 14.36
N PRO C 344 -7.63 -37.93 14.94
CA PRO C 344 -7.14 -36.53 14.85
C PRO C 344 -6.91 -35.98 13.44
N LEU C 345 -6.93 -36.81 12.39
CA LEU C 345 -6.71 -36.30 11.05
C LEU C 345 -7.81 -35.32 10.62
N GLN C 346 -9.06 -35.63 10.93
CA GLN C 346 -10.15 -34.69 10.66
C GLN C 346 -10.43 -33.75 11.82
N LEU C 347 -9.92 -34.05 13.02
CA LEU C 347 -9.99 -33.07 14.10
C LEU C 347 -9.10 -31.88 13.81
N ALA C 348 -7.93 -32.13 13.19
CA ALA C 348 -7.09 -31.02 12.74
C ALA C 348 -7.75 -30.24 11.61
N ALA C 349 -8.67 -30.88 10.87
CA ALA C 349 -9.36 -30.18 9.79
C ALA C 349 -10.50 -29.33 10.33
N LYS C 350 -11.30 -29.87 11.25
CA LYS C 350 -12.46 -29.14 11.75
C LYS C 350 -12.03 -27.95 12.61
N MET C 351 -11.01 -28.13 13.45
CA MET C 351 -10.53 -27.04 14.29
C MET C 351 -9.77 -25.98 13.51
N GLY C 352 -9.43 -26.24 12.25
CA GLY C 352 -8.71 -25.27 11.45
C GLY C 352 -7.25 -25.15 11.80
N LYS C 353 -6.49 -26.23 11.57
CA LYS C 353 -5.05 -26.27 11.88
C LYS C 353 -4.34 -26.67 10.59
N ALA C 354 -3.81 -25.67 9.87
CA ALA C 354 -3.21 -25.93 8.57
C ALA C 354 -1.86 -26.63 8.70
N GLU C 355 -1.03 -26.19 9.65
CA GLU C 355 0.32 -26.75 9.78
C GLU C 355 0.27 -28.20 10.26
N ILE C 356 -0.57 -28.50 11.25
CA ILE C 356 -0.66 -29.86 11.77
C ILE C 356 -1.24 -30.79 10.72
N LEU C 357 -2.26 -30.34 9.99
CA LEU C 357 -2.83 -31.17 8.92
C LEU C 357 -1.85 -31.38 7.79
N LYS C 358 -1.06 -30.36 7.45
CA LYS C 358 -0.02 -30.51 6.43
C LYS C 358 1.03 -31.52 6.88
N TYR C 359 1.42 -31.49 8.15
CA TYR C 359 2.40 -32.43 8.66
C TYR C 359 1.85 -33.86 8.68
N ILE C 360 0.59 -34.03 9.10
CA ILE C 360 0.07 -35.39 9.26
C ILE C 360 -0.30 -35.99 7.91
N LEU C 361 -0.65 -35.16 6.92
CA LEU C 361 -0.99 -35.70 5.60
C LEU C 361 0.26 -36.15 4.86
N SER C 362 1.34 -35.39 4.95
CA SER C 362 2.61 -35.73 4.32
C SER C 362 3.62 -36.03 5.43
N ARG C 363 3.65 -37.28 5.87
CA ARG C 363 4.55 -37.72 6.93
C ARG C 363 5.13 -39.07 6.56
N GLU C 364 6.46 -39.16 6.52
CA GLU C 364 7.15 -40.41 6.25
C GLU C 364 8.29 -40.59 7.23
N ILE C 365 8.52 -41.83 7.64
CA ILE C 365 9.63 -42.20 8.51
C ILE C 365 10.64 -42.95 7.65
N LYS C 366 11.85 -42.40 7.52
CA LYS C 366 12.89 -43.00 6.70
C LYS C 366 13.60 -44.17 7.37
N GLU C 367 13.28 -44.47 8.63
CA GLU C 367 13.93 -45.54 9.37
C GLU C 367 13.07 -46.80 9.34
N LYS C 368 13.74 -47.95 9.45
CA LYS C 368 13.04 -49.22 9.53
C LYS C 368 12.41 -49.40 10.90
N ARG C 369 11.58 -50.44 11.03
CA ARG C 369 10.83 -50.84 12.21
C ARG C 369 9.69 -49.86 12.53
N LEU C 370 9.67 -48.72 11.83
CA LEU C 370 8.58 -47.75 11.93
C LEU C 370 8.25 -47.33 10.49
N ARG C 371 7.41 -48.12 9.83
CA ARG C 371 7.06 -47.83 8.44
C ARG C 371 5.55 -47.82 8.26
N SER C 372 4.82 -48.50 9.15
CA SER C 372 3.37 -48.48 9.09
C SER C 372 2.81 -47.10 9.46
N LEU C 373 3.55 -46.35 10.27
CA LEU C 373 3.11 -45.01 10.66
C LEU C 373 3.25 -44.01 9.52
N SER C 374 4.06 -44.31 8.51
CA SER C 374 4.28 -43.38 7.41
C SER C 374 3.03 -43.28 6.53
N ARG C 375 2.86 -42.11 5.93
CA ARG C 375 1.72 -41.84 5.06
C ARG C 375 2.10 -41.54 3.62
N LYS C 376 3.24 -40.90 3.38
CA LYS C 376 3.68 -40.52 2.04
C LYS C 376 4.90 -41.38 1.69
N PHE C 377 4.67 -42.49 1.00
CA PHE C 377 5.73 -43.37 0.54
C PHE C 377 6.29 -42.80 -0.75
N THR C 378 7.52 -42.29 -0.70
CA THR C 378 8.18 -41.80 -1.90
C THR C 378 8.67 -42.97 -2.75
N ASP C 379 8.74 -42.74 -4.06
CA ASP C 379 9.18 -43.77 -5.00
C ASP C 379 10.51 -43.42 -5.63
N TRP C 380 10.61 -42.28 -6.32
CA TRP C 380 11.87 -41.82 -6.88
C TRP C 380 11.89 -40.30 -6.84
N ALA C 381 13.10 -39.74 -6.71
CA ALA C 381 13.33 -38.30 -6.66
C ALA C 381 14.28 -37.95 -7.79
N TYR C 382 13.73 -37.70 -8.98
CA TYR C 382 14.54 -37.40 -10.17
C TYR C 382 14.68 -35.88 -10.34
N GLY C 383 15.30 -35.26 -9.34
CA GLY C 383 15.51 -33.83 -9.37
C GLY C 383 14.25 -33.04 -9.08
N PRO C 384 13.79 -32.27 -10.06
CA PRO C 384 12.58 -31.46 -9.84
C PRO C 384 11.31 -32.29 -9.74
N VAL C 385 11.31 -33.50 -10.29
CA VAL C 385 10.14 -34.37 -10.26
C VAL C 385 10.33 -35.43 -9.19
N SER C 386 9.26 -35.73 -8.45
CA SER C 386 9.30 -36.73 -7.39
C SER C 386 7.93 -37.38 -7.31
N SER C 387 7.81 -38.58 -7.87
CA SER C 387 6.55 -39.32 -7.83
C SER C 387 6.33 -39.85 -6.43
N SER C 388 5.48 -39.18 -5.66
CA SER C 388 5.20 -39.54 -4.28
C SER C 388 3.90 -40.34 -4.22
N LEU C 389 4.00 -41.57 -3.74
CA LEU C 389 2.83 -42.44 -3.58
C LEU C 389 2.17 -42.09 -2.25
N TYR C 390 1.03 -41.41 -2.31
CA TYR C 390 0.33 -40.98 -1.12
C TYR C 390 -0.72 -42.00 -0.70
N ASP C 391 -0.92 -42.11 0.62
CA ASP C 391 -1.91 -43.01 1.20
C ASP C 391 -3.14 -42.20 1.58
N LEU C 392 -4.32 -42.71 1.21
CA LEU C 392 -5.58 -42.10 1.57
C LEU C 392 -6.50 -43.17 2.16
N THR C 393 -6.87 -43.00 3.42
CA THR C 393 -7.77 -43.90 4.12
C THR C 393 -8.94 -43.15 4.76
N ASN C 394 -8.71 -41.93 5.25
CA ASN C 394 -9.77 -41.05 5.72
C ASN C 394 -9.80 -39.76 4.92
N VAL C 395 -9.28 -39.78 3.70
CA VAL C 395 -9.21 -38.60 2.85
C VAL C 395 -10.31 -38.61 1.80
N ASP C 396 -10.39 -39.69 1.02
CA ASP C 396 -11.46 -39.84 0.04
C ASP C 396 -12.80 -40.02 0.75
N THR C 397 -13.84 -39.40 0.20
CA THR C 397 -15.17 -39.52 0.77
C THR C 397 -15.75 -40.91 0.52
N THR C 398 -15.19 -41.92 1.18
CA THR C 398 -15.65 -43.29 0.99
C THR C 398 -16.81 -43.61 1.93
N THR C 399 -16.58 -43.53 3.24
CA THR C 399 -17.62 -43.82 4.21
C THR C 399 -18.30 -42.55 4.68
N ASP C 400 -17.61 -41.76 5.50
CA ASP C 400 -18.13 -40.52 6.08
C ASP C 400 -17.00 -39.84 6.85
N ASN C 401 -17.20 -38.54 7.10
CA ASN C 401 -16.32 -37.73 7.94
C ASN C 401 -14.88 -37.70 7.43
N SER C 402 -14.71 -37.73 6.12
CA SER C 402 -13.38 -37.61 5.55
C SER C 402 -12.84 -36.19 5.72
N VAL C 403 -11.51 -36.08 5.77
CA VAL C 403 -10.89 -34.77 5.94
C VAL C 403 -11.20 -33.86 4.77
N LEU C 404 -11.31 -34.41 3.56
CA LEU C 404 -11.70 -33.62 2.41
C LEU C 404 -13.13 -33.12 2.52
N GLU C 405 -14.03 -33.94 3.07
CA GLU C 405 -15.41 -33.52 3.26
C GLU C 405 -15.52 -32.50 4.39
N ILE C 406 -14.74 -32.67 5.45
CA ILE C 406 -14.79 -31.75 6.58
C ILE C 406 -14.22 -30.38 6.19
N THR C 407 -13.15 -30.37 5.40
CA THR C 407 -12.47 -29.11 5.08
C THR C 407 -13.24 -28.26 4.07
N VAL C 408 -14.25 -28.80 3.41
CA VAL C 408 -15.05 -28.02 2.49
C VAL C 408 -16.44 -27.68 3.04
N TYR C 409 -16.98 -28.49 3.94
CA TYR C 409 -18.25 -28.21 4.59
C TYR C 409 -18.03 -27.56 5.95
N ASN C 410 -17.19 -26.52 5.98
CA ASN C 410 -16.87 -25.80 7.20
C ASN C 410 -17.02 -24.31 6.95
N THR C 411 -17.44 -23.60 7.99
CA THR C 411 -17.72 -22.17 7.88
C THR C 411 -16.77 -21.29 8.69
N ASN C 412 -16.43 -21.69 9.92
CA ASN C 412 -15.63 -20.85 10.80
C ASN C 412 -14.16 -20.79 10.42
N ILE C 413 -13.71 -21.63 9.49
CA ILE C 413 -12.29 -21.66 9.12
C ILE C 413 -11.98 -20.44 8.25
N ASP C 414 -10.92 -19.71 8.64
CA ASP C 414 -10.44 -18.58 7.86
C ASP C 414 -9.13 -18.86 7.14
N ASN C 415 -8.39 -19.89 7.55
CA ASN C 415 -7.11 -20.24 6.93
C ASN C 415 -7.24 -21.28 5.83
N ARG C 416 -8.32 -21.23 5.06
CA ARG C 416 -8.52 -22.13 3.93
C ARG C 416 -7.79 -21.68 2.67
N HIS C 417 -6.97 -20.62 2.77
CA HIS C 417 -6.12 -20.23 1.65
C HIS C 417 -5.11 -21.34 1.33
N GLU C 418 -4.48 -21.88 2.36
CA GLU C 418 -3.49 -22.94 2.22
C GLU C 418 -4.00 -24.30 2.65
N MET C 419 -5.21 -24.37 3.22
CA MET C 419 -5.71 -25.62 3.77
C MET C 419 -6.18 -26.58 2.69
N LEU C 420 -6.75 -26.07 1.60
CA LEU C 420 -7.26 -26.93 0.54
C LEU C 420 -6.18 -27.39 -0.43
N THR C 421 -5.08 -26.63 -0.56
CA THR C 421 -4.06 -26.94 -1.56
C THR C 421 -2.92 -27.78 -0.98
N LEU C 422 -3.27 -28.92 -0.37
CA LEU C 422 -2.29 -29.93 0.00
C LEU C 422 -2.17 -30.99 -1.09
N GLU C 423 -1.18 -31.86 -0.90
CA GLU C 423 -0.89 -32.88 -1.90
C GLU C 423 -1.99 -33.94 -2.05
N PRO C 424 -2.51 -34.56 -0.99
CA PRO C 424 -3.57 -35.56 -1.18
C PRO C 424 -4.98 -34.98 -1.26
N LEU C 425 -5.12 -33.67 -1.46
CA LEU C 425 -6.43 -33.03 -1.56
C LEU C 425 -6.62 -32.30 -2.89
N HIS C 426 -5.62 -31.51 -3.29
CA HIS C 426 -5.72 -30.75 -4.54
C HIS C 426 -5.78 -31.67 -5.75
N THR C 427 -4.89 -32.66 -5.81
CA THR C 427 -4.93 -33.64 -6.90
C THR C 427 -6.19 -34.48 -6.87
N LEU C 428 -6.67 -34.85 -5.68
CA LEU C 428 -7.93 -35.57 -5.55
C LEU C 428 -9.10 -34.77 -6.13
N LEU C 429 -9.19 -33.49 -5.78
CA LEU C 429 -10.25 -32.63 -6.30
C LEU C 429 -10.13 -32.44 -7.80
N HIS C 430 -8.91 -32.26 -8.30
CA HIS C 430 -8.73 -32.09 -9.75
C HIS C 430 -9.12 -33.35 -10.52
N MET C 431 -8.75 -34.52 -10.00
CA MET C 431 -9.13 -35.76 -10.66
C MET C 431 -10.63 -35.99 -10.60
N LYS C 432 -11.27 -35.68 -9.47
CA LYS C 432 -12.72 -35.78 -9.38
C LYS C 432 -13.40 -34.85 -10.37
N TRP C 433 -12.89 -33.62 -10.51
CA TRP C 433 -13.46 -32.66 -11.44
C TRP C 433 -13.33 -33.13 -12.89
N LYS C 434 -12.13 -33.58 -13.27
CA LYS C 434 -11.91 -34.04 -14.64
C LYS C 434 -12.56 -35.39 -14.92
N LYS C 435 -12.97 -36.13 -13.89
CA LYS C 435 -13.61 -37.43 -14.08
C LYS C 435 -15.12 -37.35 -14.12
N PHE C 436 -15.77 -36.80 -13.09
CA PHE C 436 -17.23 -36.89 -13.04
C PHE C 436 -17.93 -35.62 -12.59
N ALA C 437 -17.26 -34.49 -12.47
CA ALA C 437 -17.91 -33.26 -12.04
C ALA C 437 -18.14 -32.26 -13.17
N LYS C 438 -17.20 -32.13 -14.10
CA LYS C 438 -17.39 -31.21 -15.23
C LYS C 438 -18.45 -31.73 -16.19
N HIS C 439 -18.42 -33.03 -16.49
CA HIS C 439 -19.36 -33.62 -17.43
C HIS C 439 -20.80 -33.55 -16.94
N MET C 440 -21.00 -33.53 -15.62
CA MET C 440 -22.34 -33.32 -15.07
C MET C 440 -22.66 -31.85 -14.85
N PHE C 441 -21.64 -31.00 -14.64
CA PHE C 441 -21.90 -29.57 -14.52
C PHE C 441 -22.40 -29.00 -15.84
N PHE C 442 -21.79 -29.40 -16.96
CA PHE C 442 -22.26 -28.91 -18.26
C PHE C 442 -23.64 -29.49 -18.59
N LEU C 443 -23.88 -30.74 -18.21
CA LEU C 443 -25.20 -31.34 -18.42
C LEU C 443 -26.27 -30.61 -17.62
N SER C 444 -25.97 -30.26 -16.36
CA SER C 444 -26.92 -29.51 -15.55
C SER C 444 -27.13 -28.11 -16.11
N PHE C 445 -26.07 -27.46 -16.60
CA PHE C 445 -26.22 -26.14 -17.19
C PHE C 445 -27.12 -26.18 -18.42
N CYS C 446 -26.91 -27.15 -19.31
CA CYS C 446 -27.75 -27.26 -20.51
C CYS C 446 -29.19 -27.60 -20.13
N PHE C 447 -29.38 -28.55 -19.23
CA PHE C 447 -30.72 -29.02 -18.89
C PHE C 447 -31.47 -28.06 -17.98
N TYR C 448 -30.79 -27.07 -17.41
CA TYR C 448 -31.45 -25.98 -16.73
C TYR C 448 -31.69 -24.77 -17.62
N PHE C 449 -30.79 -24.50 -18.58
CA PHE C 449 -31.02 -23.46 -19.55
C PHE C 449 -32.20 -23.80 -20.44
N PHE C 450 -32.35 -25.08 -20.82
CA PHE C 450 -33.53 -25.50 -21.57
C PHE C 450 -34.80 -25.35 -20.74
N TYR C 451 -34.75 -25.66 -19.45
CA TYR C 451 -35.92 -25.50 -18.60
C TYR C 451 -36.29 -24.03 -18.42
N ASN C 452 -35.29 -23.15 -18.37
CA ASN C 452 -35.57 -21.71 -18.29
C ASN C 452 -36.05 -21.15 -19.61
N ILE C 453 -35.59 -21.71 -20.74
CA ILE C 453 -36.01 -21.23 -22.05
C ILE C 453 -37.43 -21.67 -22.35
N THR C 454 -37.80 -22.91 -21.97
CA THR C 454 -39.16 -23.37 -22.19
C THR C 454 -40.18 -22.66 -21.32
N LEU C 455 -39.74 -21.88 -20.33
CA LEU C 455 -40.66 -21.03 -19.58
C LEU C 455 -41.07 -19.81 -20.39
N THR C 456 -40.24 -19.38 -21.33
CA THR C 456 -40.60 -18.23 -22.18
C THR C 456 -41.72 -18.59 -23.14
N LEU C 457 -41.74 -19.82 -23.64
CA LEU C 457 -42.79 -20.25 -24.55
C LEU C 457 -44.14 -20.44 -23.87
N VAL C 458 -44.17 -20.42 -22.54
CA VAL C 458 -45.42 -20.52 -21.79
C VAL C 458 -45.83 -19.16 -21.22
N SER C 459 -44.86 -18.42 -20.69
CA SER C 459 -45.17 -17.12 -20.07
C SER C 459 -45.52 -16.07 -21.11
N TYR C 460 -44.59 -15.77 -22.01
CA TYR C 460 -44.81 -14.71 -22.98
C TYR C 460 -45.84 -15.08 -24.05
N TYR C 461 -46.06 -16.37 -24.29
CA TYR C 461 -47.02 -16.85 -25.26
C TYR C 461 -48.24 -17.46 -24.57
N ARG C 462 -48.75 -16.78 -23.55
CA ARG C 462 -49.89 -17.27 -22.79
C ARG C 462 -51.17 -17.15 -23.60
N PRO C 463 -52.17 -18.01 -23.34
CA PRO C 463 -53.44 -17.88 -24.05
C PRO C 463 -54.26 -16.70 -23.57
N ARG C 464 -54.00 -15.53 -24.16
CA ARG C 464 -54.73 -14.31 -23.80
C ARG C 464 -56.19 -14.39 -24.22
N LEU C 482 -47.94 -28.28 -33.02
CA LEU C 482 -47.98 -29.23 -31.91
C LEU C 482 -46.88 -28.93 -30.91
N GLN C 483 -47.00 -27.79 -30.24
CA GLN C 483 -46.01 -27.34 -29.26
C GLN C 483 -46.39 -27.73 -27.82
N LEU C 484 -47.14 -28.82 -27.66
CA LEU C 484 -47.55 -29.27 -26.34
C LEU C 484 -46.59 -30.26 -25.72
N LEU C 485 -45.44 -30.53 -26.36
CA LEU C 485 -44.51 -31.50 -25.80
C LEU C 485 -43.76 -30.96 -24.60
N GLY C 486 -43.63 -29.63 -24.49
CA GLY C 486 -42.94 -29.00 -23.39
C GLY C 486 -43.82 -28.35 -22.35
N ARG C 487 -45.12 -28.66 -22.32
CA ARG C 487 -46.02 -28.01 -21.37
C ARG C 487 -45.85 -28.60 -19.97
N MET C 488 -45.56 -29.90 -19.87
CA MET C 488 -45.39 -30.56 -18.59
C MET C 488 -43.94 -30.86 -18.24
N PHE C 489 -43.00 -30.59 -19.16
CA PHE C 489 -41.58 -30.74 -18.86
C PHE C 489 -41.16 -29.79 -17.74
N VAL C 490 -41.62 -28.54 -17.81
CA VAL C 490 -41.34 -27.57 -16.75
C VAL C 490 -41.93 -28.04 -15.42
N LEU C 491 -43.11 -28.67 -15.47
CA LEU C 491 -43.75 -29.15 -14.24
C LEU C 491 -42.93 -30.25 -13.58
N ILE C 492 -42.52 -31.27 -14.35
CA ILE C 492 -41.78 -32.38 -13.77
C ILE C 492 -40.39 -31.93 -13.33
N TRP C 493 -39.77 -31.00 -14.04
CA TRP C 493 -38.44 -30.57 -13.61
C TRP C 493 -38.52 -29.64 -12.40
N ALA C 494 -39.57 -28.82 -12.29
CA ALA C 494 -39.78 -28.08 -11.06
C ALA C 494 -40.05 -29.02 -9.89
N MET C 495 -40.77 -30.12 -10.14
CA MET C 495 -41.00 -31.11 -9.10
C MET C 495 -39.69 -31.74 -8.64
N CYS C 496 -38.82 -32.10 -9.59
CA CYS C 496 -37.52 -32.69 -9.23
C CYS C 496 -36.64 -31.69 -8.49
N ILE C 497 -36.63 -30.44 -8.94
CA ILE C 497 -35.84 -29.41 -8.28
C ILE C 497 -36.34 -29.19 -6.86
N SER C 498 -37.67 -29.16 -6.68
CA SER C 498 -38.23 -28.96 -5.35
C SER C 498 -37.94 -30.15 -4.44
N VAL C 499 -38.08 -31.37 -4.96
CA VAL C 499 -37.86 -32.55 -4.13
C VAL C 499 -36.38 -32.74 -3.79
N LYS C 500 -35.48 -32.13 -4.57
CA LYS C 500 -34.08 -32.15 -4.16
C LYS C 500 -33.73 -31.01 -3.20
N GLU C 501 -34.23 -29.80 -3.47
CA GLU C 501 -33.91 -28.66 -2.62
C GLU C 501 -34.58 -28.75 -1.26
N GLY C 502 -35.73 -29.43 -1.15
CA GLY C 502 -36.32 -29.66 0.15
C GLY C 502 -35.48 -30.55 1.04
N ILE C 503 -34.82 -31.55 0.48
CA ILE C 503 -33.85 -32.35 1.23
C ILE C 503 -32.62 -31.53 1.55
N ALA C 504 -32.11 -30.78 0.57
CA ALA C 504 -30.89 -30.01 0.76
C ALA C 504 -31.05 -28.86 1.74
N ILE C 505 -32.26 -28.35 1.95
CA ILE C 505 -32.44 -27.17 2.79
C ILE C 505 -32.60 -27.57 4.26
N PHE C 506 -33.00 -28.80 4.55
CA PHE C 506 -33.09 -29.24 5.93
C PHE C 506 -31.97 -30.21 6.31
N LEU C 507 -31.19 -30.68 5.34
CA LEU C 507 -29.98 -31.42 5.68
C LEU C 507 -28.93 -30.50 6.31
N LEU C 508 -28.94 -29.21 5.94
CA LEU C 508 -27.99 -28.27 6.51
C LEU C 508 -28.46 -27.82 7.89
N ARG C 509 -27.49 -27.45 8.73
CA ARG C 509 -27.73 -26.94 10.06
C ARG C 509 -27.77 -25.42 10.05
N PRO C 510 -28.43 -24.79 11.04
CA PRO C 510 -28.45 -23.32 11.09
C PRO C 510 -27.07 -22.70 11.29
N SER C 511 -26.07 -23.47 11.71
CA SER C 511 -24.72 -22.93 11.83
C SER C 511 -24.08 -22.67 10.47
N ASP C 512 -24.55 -23.36 9.42
CA ASP C 512 -23.98 -23.17 8.09
C ASP C 512 -24.43 -21.85 7.48
N LEU C 513 -25.62 -21.38 7.84
CA LEU C 513 -26.14 -20.13 7.29
C LEU C 513 -25.57 -18.90 8.00
N GLN C 514 -24.85 -19.09 9.11
CA GLN C 514 -24.29 -17.96 9.83
C GLN C 514 -23.20 -17.25 9.03
N SER C 515 -22.50 -18.00 8.18
CA SER C 515 -21.49 -17.40 7.31
C SER C 515 -22.17 -16.52 6.25
N ILE C 516 -21.50 -15.43 5.90
CA ILE C 516 -22.06 -14.52 4.90
C ILE C 516 -22.08 -15.17 3.53
N LEU C 517 -20.99 -15.82 3.15
CA LEU C 517 -20.89 -16.49 1.86
C LEU C 517 -21.28 -17.97 1.95
N SER C 518 -22.47 -18.22 2.50
CA SER C 518 -22.96 -19.58 2.60
C SER C 518 -23.58 -20.03 1.29
N ASP C 519 -23.66 -21.34 1.12
CA ASP C 519 -24.24 -21.94 -0.08
C ASP C 519 -25.74 -22.19 0.04
N ALA C 520 -26.35 -21.81 1.15
CA ALA C 520 -27.78 -22.03 1.36
C ALA C 520 -28.64 -20.99 0.65
N TRP C 521 -28.08 -19.82 0.32
CA TRP C 521 -28.86 -18.78 -0.36
C TRP C 521 -29.27 -19.24 -1.75
N PHE C 522 -28.35 -19.82 -2.50
CA PHE C 522 -28.70 -20.36 -3.82
C PHE C 522 -29.57 -21.59 -3.71
N HIS C 523 -29.34 -22.43 -2.69
CA HIS C 523 -30.19 -23.59 -2.44
C HIS C 523 -31.63 -23.20 -2.12
N PHE C 524 -31.84 -22.01 -1.57
CA PHE C 524 -33.14 -21.47 -1.22
C PHE C 524 -33.79 -20.73 -2.38
N VAL C 525 -32.97 -20.02 -3.18
CA VAL C 525 -33.48 -19.37 -4.39
C VAL C 525 -33.93 -20.42 -5.40
N PHE C 526 -33.15 -21.48 -5.59
CA PHE C 526 -33.55 -22.57 -6.47
C PHE C 526 -34.83 -23.23 -5.99
N PHE C 527 -35.03 -23.30 -4.67
CA PHE C 527 -36.25 -23.88 -4.14
C PHE C 527 -37.45 -23.00 -4.44
N ILE C 528 -37.31 -21.69 -4.22
CA ILE C 528 -38.38 -20.74 -4.56
C ILE C 528 -38.74 -20.82 -6.03
N GLN C 529 -37.71 -20.95 -6.89
CA GLN C 529 -37.94 -21.04 -8.33
C GLN C 529 -38.77 -22.26 -8.70
N ALA C 530 -38.83 -23.27 -7.85
CA ALA C 530 -39.67 -24.44 -8.09
C ALA C 530 -41.05 -24.30 -7.44
N VAL C 531 -41.11 -23.76 -6.21
CA VAL C 531 -42.40 -23.62 -5.54
C VAL C 531 -43.31 -22.65 -6.29
N LEU C 532 -42.75 -21.54 -6.78
CA LEU C 532 -43.60 -20.61 -7.52
C LEU C 532 -44.11 -21.23 -8.83
N VAL C 533 -43.27 -22.00 -9.53
CA VAL C 533 -43.69 -22.61 -10.78
C VAL C 533 -44.78 -23.65 -10.53
N ILE C 534 -44.58 -24.50 -9.51
CA ILE C 534 -45.60 -25.52 -9.24
C ILE C 534 -46.89 -24.90 -8.70
N LEU C 535 -46.80 -23.80 -7.95
CA LEU C 535 -48.01 -23.11 -7.50
C LEU C 535 -48.76 -22.50 -8.68
N SER C 536 -48.02 -21.95 -9.62
CA SER C 536 -48.65 -21.37 -10.79
C SER C 536 -49.37 -22.45 -11.59
N VAL C 537 -48.67 -23.54 -11.89
CA VAL C 537 -49.29 -24.57 -12.72
C VAL C 537 -50.39 -25.30 -11.96
N PHE C 538 -50.39 -25.21 -10.61
CA PHE C 538 -51.50 -25.74 -9.84
C PHE C 538 -52.71 -24.82 -9.91
N LEU C 539 -52.48 -23.51 -9.85
CA LEU C 539 -53.57 -22.54 -9.89
C LEU C 539 -54.08 -22.29 -11.30
N TYR C 540 -53.33 -22.67 -12.34
CA TYR C 540 -53.78 -22.44 -13.71
C TYR C 540 -54.96 -23.34 -14.05
N LEU C 541 -54.82 -24.65 -13.80
CA LEU C 541 -55.89 -25.58 -14.09
C LEU C 541 -56.97 -25.61 -13.01
N PHE C 542 -56.77 -24.90 -11.90
CA PHE C 542 -57.81 -24.73 -10.89
C PHE C 542 -58.66 -23.50 -11.11
N ALA C 543 -58.29 -22.64 -12.07
CA ALA C 543 -59.05 -21.46 -12.48
C ALA C 543 -59.27 -20.50 -11.31
N TYR C 544 -58.16 -19.90 -10.87
CA TYR C 544 -58.20 -18.83 -9.87
C TYR C 544 -57.78 -17.48 -10.42
N LYS C 545 -57.41 -17.41 -11.71
CA LYS C 545 -56.93 -16.19 -12.36
C LYS C 545 -55.69 -15.65 -11.62
N GLU C 546 -54.86 -16.56 -11.11
CA GLU C 546 -53.59 -16.22 -10.49
C GLU C 546 -52.43 -16.95 -11.17
N TYR C 547 -52.66 -17.48 -12.37
CA TYR C 547 -51.61 -18.19 -13.11
C TYR C 547 -50.54 -17.25 -13.65
N LEU C 548 -50.74 -15.93 -13.55
CA LEU C 548 -49.72 -14.96 -13.90
C LEU C 548 -49.13 -14.26 -12.68
N ALA C 549 -49.67 -14.51 -11.49
CA ALA C 549 -49.15 -13.84 -10.29
C ALA C 549 -47.83 -14.45 -9.84
N CYS C 550 -47.74 -15.78 -9.80
CA CYS C 550 -46.52 -16.44 -9.35
C CYS C 550 -45.64 -16.92 -10.50
N LEU C 551 -46.19 -17.04 -11.71
CA LEU C 551 -45.38 -17.51 -12.83
C LEU C 551 -44.44 -16.42 -13.34
N VAL C 552 -44.87 -15.16 -13.31
CA VAL C 552 -44.02 -14.08 -13.77
C VAL C 552 -42.90 -13.82 -12.77
N LEU C 553 -43.17 -13.99 -11.47
CA LEU C 553 -42.12 -13.83 -10.47
C LEU C 553 -41.14 -14.98 -10.53
N ALA C 554 -41.65 -16.20 -10.76
CA ALA C 554 -40.78 -17.35 -11.00
C ALA C 554 -39.91 -17.14 -12.23
N MET C 555 -40.45 -16.53 -13.28
CA MET C 555 -39.69 -16.24 -14.48
C MET C 555 -38.56 -15.25 -14.19
N ALA C 556 -38.91 -14.12 -13.56
CA ALA C 556 -37.92 -13.08 -13.29
C ALA C 556 -36.87 -13.56 -12.29
N LEU C 557 -37.24 -14.49 -11.41
CA LEU C 557 -36.25 -15.07 -10.51
C LEU C 557 -35.41 -16.13 -11.22
N GLY C 558 -35.98 -16.85 -12.18
CA GLY C 558 -35.24 -17.90 -12.85
C GLY C 558 -34.20 -17.38 -13.81
N TRP C 559 -34.50 -16.30 -14.54
CA TRP C 559 -33.46 -15.70 -15.36
C TRP C 559 -32.41 -15.01 -14.50
N ALA C 560 -32.81 -14.52 -13.32
CA ALA C 560 -31.83 -13.98 -12.38
C ALA C 560 -31.11 -15.07 -11.61
N ASN C 561 -31.58 -16.32 -11.68
CA ASN C 561 -30.93 -17.42 -10.99
C ASN C 561 -29.74 -17.95 -11.78
N MET C 562 -29.53 -17.47 -13.00
CA MET C 562 -28.44 -17.97 -13.83
C MET C 562 -27.07 -17.54 -13.35
N LEU C 563 -26.99 -16.66 -12.34
CA LEU C 563 -25.70 -16.22 -11.83
C LEU C 563 -25.18 -17.16 -10.75
N TYR C 564 -25.74 -18.36 -10.65
CA TYR C 564 -25.15 -19.44 -9.87
C TYR C 564 -24.30 -20.37 -10.72
N TYR C 565 -24.72 -20.64 -11.96
CA TYR C 565 -24.02 -21.56 -12.83
C TYR C 565 -22.76 -20.96 -13.46
N THR C 566 -22.32 -19.80 -12.96
CA THR C 566 -21.02 -19.25 -13.31
C THR C 566 -19.91 -19.71 -12.35
N ARG C 567 -20.07 -20.90 -11.77
CA ARG C 567 -19.01 -21.46 -10.94
C ARG C 567 -17.76 -21.76 -11.77
N GLY C 568 -17.93 -22.19 -13.02
CA GLY C 568 -16.84 -22.28 -13.96
C GLY C 568 -16.47 -20.91 -14.49
N PHE C 569 -15.61 -20.91 -15.51
CA PHE C 569 -15.13 -19.70 -16.17
C PHE C 569 -14.44 -18.78 -15.15
N GLN C 570 -13.18 -19.09 -14.84
CA GLN C 570 -12.42 -18.42 -13.78
C GLN C 570 -12.53 -16.89 -13.80
N SER C 571 -12.36 -16.28 -14.98
CA SER C 571 -12.50 -14.84 -15.07
C SER C 571 -13.93 -14.39 -14.83
N MET C 572 -14.90 -15.13 -15.35
CA MET C 572 -16.30 -14.82 -15.09
C MET C 572 -16.70 -15.26 -13.69
N GLY C 573 -16.11 -16.34 -13.18
CA GLY C 573 -16.35 -16.75 -11.81
C GLY C 573 -15.81 -15.77 -10.78
N MET C 574 -14.86 -14.93 -11.18
CA MET C 574 -14.41 -13.84 -10.32
C MET C 574 -15.53 -12.83 -10.05
N TYR C 575 -16.54 -12.78 -10.93
CA TYR C 575 -17.50 -11.69 -10.94
C TYR C 575 -18.72 -11.96 -10.06
N SER C 576 -19.09 -13.22 -9.85
CA SER C 576 -20.31 -13.52 -9.11
C SER C 576 -20.13 -13.35 -7.61
N VAL C 577 -18.94 -13.64 -7.09
CA VAL C 577 -18.72 -13.45 -5.66
C VAL C 577 -18.67 -11.96 -5.33
N MET C 578 -18.37 -11.10 -6.32
CA MET C 578 -18.49 -9.66 -6.09
C MET C 578 -19.93 -9.26 -5.83
N ILE C 579 -20.87 -9.82 -6.61
CA ILE C 579 -22.30 -9.71 -6.27
C ILE C 579 -22.52 -10.21 -4.85
N GLN C 580 -22.11 -11.45 -4.57
CA GLN C 580 -22.48 -12.12 -3.32
C GLN C 580 -21.92 -11.41 -2.09
N LYS C 581 -20.83 -10.67 -2.23
CA LYS C 581 -20.26 -9.92 -1.12
C LYS C 581 -20.78 -8.49 -1.06
N VAL C 582 -20.82 -7.78 -2.19
CA VAL C 582 -21.20 -6.38 -2.20
C VAL C 582 -22.66 -6.22 -1.81
N ILE C 583 -23.54 -7.11 -2.30
CA ILE C 583 -24.96 -6.92 -2.02
C ILE C 583 -25.27 -7.19 -0.55
N LEU C 584 -24.53 -8.09 0.10
CA LEU C 584 -24.75 -8.36 1.52
C LEU C 584 -23.94 -7.45 2.43
N HIS C 585 -22.97 -6.72 1.90
CA HIS C 585 -22.21 -5.85 2.80
C HIS C 585 -22.60 -4.39 2.68
N ASP C 586 -22.82 -3.88 1.47
CA ASP C 586 -23.07 -2.46 1.27
C ASP C 586 -24.47 -2.12 0.81
N VAL C 587 -25.21 -3.08 0.25
CA VAL C 587 -26.49 -2.73 -0.38
C VAL C 587 -27.60 -2.65 0.67
N LEU C 588 -27.68 -3.63 1.59
CA LEU C 588 -28.72 -3.54 2.62
C LEU C 588 -28.49 -2.37 3.58
N LYS C 589 -27.23 -2.02 3.88
CA LYS C 589 -26.99 -0.92 4.80
C LYS C 589 -27.41 0.41 4.18
N PHE C 590 -26.96 0.68 2.95
CA PHE C 590 -27.36 1.90 2.25
C PHE C 590 -28.85 1.90 1.97
N LEU C 591 -29.43 0.73 1.71
CA LEU C 591 -30.87 0.63 1.47
C LEU C 591 -31.66 0.95 2.73
N PHE C 592 -31.21 0.48 3.89
CA PHE C 592 -31.89 0.79 5.14
C PHE C 592 -31.76 2.28 5.48
N VAL C 593 -30.59 2.87 5.26
CA VAL C 593 -30.43 4.29 5.51
C VAL C 593 -31.32 5.10 4.57
N TYR C 594 -31.35 4.72 3.28
CA TYR C 594 -32.19 5.42 2.32
C TYR C 594 -33.67 5.20 2.58
N ILE C 595 -34.03 4.07 3.19
CA ILE C 595 -35.44 3.81 3.50
C ILE C 595 -35.88 4.64 4.70
N VAL C 596 -35.04 4.70 5.74
CA VAL C 596 -35.37 5.53 6.90
C VAL C 596 -35.24 7.01 6.56
N PHE C 597 -34.59 7.30 5.44
CA PHE C 597 -34.47 8.67 5.01
C PHE C 597 -35.66 9.07 4.19
N LEU C 598 -36.06 8.21 3.28
CA LEU C 598 -37.16 8.52 2.36
C LEU C 598 -38.51 8.49 3.09
N LEU C 599 -38.62 7.68 4.15
CA LEU C 599 -39.87 7.58 4.87
C LEU C 599 -40.19 8.88 5.61
N GLY C 600 -39.18 9.48 6.24
CA GLY C 600 -39.41 10.72 6.95
C GLY C 600 -39.71 11.89 6.04
N PHE C 601 -38.96 12.01 4.95
CA PHE C 601 -39.24 13.07 3.98
C PHE C 601 -40.55 12.82 3.24
N GLY C 602 -40.95 11.56 3.09
CA GLY C 602 -42.20 11.27 2.41
C GLY C 602 -43.41 11.72 3.19
N VAL C 603 -43.41 11.49 4.51
CA VAL C 603 -44.52 11.94 5.35
C VAL C 603 -44.54 13.47 5.43
N ALA C 604 -43.35 14.09 5.56
CA ALA C 604 -43.27 15.54 5.69
C ALA C 604 -43.72 16.24 4.41
N LEU C 605 -43.26 15.76 3.26
CA LEU C 605 -43.61 16.40 1.99
C LEU C 605 -45.09 16.23 1.68
N ALA C 606 -45.67 15.09 2.06
CA ALA C 606 -47.10 14.89 1.86
C ALA C 606 -47.92 15.72 2.84
N SER C 607 -47.39 15.98 4.04
CA SER C 607 -48.10 16.80 5.01
C SER C 607 -47.98 18.29 4.72
N LEU C 608 -46.93 18.71 4.01
CA LEU C 608 -46.75 20.13 3.73
C LEU C 608 -47.73 20.65 2.69
N ILE C 609 -48.24 19.79 1.81
CA ILE C 609 -49.12 20.25 0.74
C ILE C 609 -50.51 20.54 1.30
N GLU C 610 -51.32 21.23 0.49
CA GLU C 610 -52.69 21.57 0.84
C GLU C 610 -53.65 20.86 -0.11
N LYS C 611 -54.85 20.55 0.39
CA LYS C 611 -55.86 19.90 -0.41
C LYS C 611 -56.50 20.91 -1.36
N CYS C 612 -56.48 20.60 -2.65
CA CYS C 612 -57.09 21.48 -3.63
C CYS C 612 -58.62 21.42 -3.50
N PRO C 613 -59.33 22.48 -3.95
CA PRO C 613 -60.80 22.48 -3.80
C PRO C 613 -61.53 21.62 -4.82
N LYS C 614 -60.80 20.71 -5.48
CA LYS C 614 -61.34 19.71 -6.41
C LYS C 614 -62.04 20.35 -7.62
N ASP C 615 -61.73 21.61 -7.92
CA ASP C 615 -62.22 22.19 -9.17
C ASP C 615 -61.47 21.64 -10.37
N ASN C 616 -60.23 21.19 -10.17
CA ASN C 616 -59.45 20.50 -11.19
C ASN C 616 -58.79 19.29 -10.55
N LYS C 617 -58.66 18.21 -11.32
CA LYS C 617 -58.07 16.99 -10.79
C LYS C 617 -56.55 17.08 -10.71
N ASP C 618 -55.91 17.82 -11.61
CA ASP C 618 -54.46 17.97 -11.62
C ASP C 618 -54.05 19.02 -10.58
N CYS C 619 -54.20 18.63 -9.32
CA CYS C 619 -53.88 19.49 -8.18
C CYS C 619 -53.08 18.69 -7.15
N SER C 620 -52.01 19.31 -6.65
CA SER C 620 -51.19 18.77 -5.57
C SER C 620 -50.63 17.39 -5.95
N SER C 621 -49.61 17.43 -6.82
CA SER C 621 -48.98 16.20 -7.30
C SER C 621 -48.40 15.37 -6.16
N TYR C 622 -47.98 16.02 -5.07
CA TYR C 622 -47.60 15.32 -3.85
C TYR C 622 -48.82 15.13 -2.94
N GLY C 623 -49.85 14.51 -3.51
CA GLY C 623 -51.15 14.41 -2.85
C GLY C 623 -51.17 13.58 -1.58
N SER C 624 -50.95 12.28 -1.70
CA SER C 624 -50.93 11.38 -0.57
C SER C 624 -49.50 10.96 -0.26
N PHE C 625 -49.35 10.16 0.80
CA PHE C 625 -48.04 9.64 1.16
C PHE C 625 -47.52 8.68 0.09
N SER C 626 -48.39 7.82 -0.44
CA SER C 626 -47.98 6.85 -1.45
C SER C 626 -47.55 7.54 -2.74
N ASP C 627 -48.24 8.63 -3.12
CA ASP C 627 -47.86 9.36 -4.32
C ASP C 627 -46.60 10.19 -4.08
N ALA C 628 -46.45 10.75 -2.87
CA ALA C 628 -45.26 11.52 -2.55
C ALA C 628 -44.01 10.64 -2.51
N VAL C 629 -44.14 9.39 -2.05
CA VAL C 629 -43.02 8.46 -2.07
C VAL C 629 -42.53 8.23 -3.49
N LEU C 630 -43.45 8.00 -4.42
CA LEU C 630 -43.05 7.74 -5.80
C LEU C 630 -42.47 8.99 -6.46
N GLU C 631 -43.11 10.15 -6.25
CA GLU C 631 -42.63 11.38 -6.86
C GLU C 631 -41.29 11.82 -6.27
N LEU C 632 -41.01 11.42 -5.03
CA LEU C 632 -39.76 11.78 -4.37
C LEU C 632 -38.67 10.74 -4.63
N PHE C 633 -39.08 9.53 -5.02
CA PHE C 633 -38.11 8.51 -5.43
C PHE C 633 -37.68 8.71 -6.87
N LYS C 634 -38.57 9.21 -7.73
CA LYS C 634 -38.21 9.48 -9.12
C LYS C 634 -37.11 10.54 -9.21
N LEU C 635 -37.05 11.45 -8.24
CA LEU C 635 -36.00 12.47 -8.21
C LEU C 635 -34.63 11.88 -7.93
N THR C 636 -34.55 10.71 -7.30
CA THR C 636 -33.26 10.13 -6.94
C THR C 636 -32.55 9.54 -8.16
N ILE C 637 -33.28 8.78 -8.99
CA ILE C 637 -32.65 8.14 -10.13
C ILE C 637 -32.23 9.17 -11.16
N GLY C 638 -33.12 10.11 -11.48
CA GLY C 638 -32.80 11.16 -12.43
C GLY C 638 -33.78 11.28 -13.58
N LEU C 639 -35.01 10.84 -13.38
CA LEU C 639 -36.06 10.96 -14.38
C LEU C 639 -37.29 11.58 -13.76
N GLY C 640 -38.02 12.37 -14.55
CA GLY C 640 -39.21 13.06 -14.09
C GLY C 640 -39.09 14.56 -14.27
N ASP C 641 -39.63 15.30 -13.31
CA ASP C 641 -39.59 16.75 -13.36
C ASP C 641 -39.69 17.30 -11.95
N LEU C 642 -39.15 18.50 -11.77
CA LEU C 642 -39.17 19.21 -10.49
C LEU C 642 -39.96 20.49 -10.65
N ASN C 643 -40.93 20.71 -9.76
CA ASN C 643 -41.77 21.90 -9.80
C ASN C 643 -41.79 22.55 -8.42
N ILE C 644 -42.17 23.82 -8.40
CA ILE C 644 -42.27 24.57 -7.16
C ILE C 644 -43.70 24.93 -6.78
N GLN C 645 -44.65 24.84 -7.71
CA GLN C 645 -46.05 25.16 -7.44
C GLN C 645 -46.81 23.85 -7.25
N GLN C 646 -46.62 23.25 -6.08
CA GLN C 646 -47.24 21.98 -5.72
C GLN C 646 -48.41 22.18 -4.76
N ASN C 647 -49.13 23.30 -4.93
CA ASN C 647 -50.27 23.67 -4.09
C ASN C 647 -49.89 23.76 -2.61
N SER C 648 -48.69 24.26 -2.33
CA SER C 648 -48.18 24.40 -0.98
C SER C 648 -48.27 25.84 -0.52
N LYS C 649 -48.78 26.06 0.68
CA LYS C 649 -48.83 27.39 1.27
C LYS C 649 -47.47 27.85 1.79
N TYR C 650 -46.47 26.98 1.81
CA TYR C 650 -45.13 27.33 2.28
C TYR C 650 -44.12 26.88 1.23
N PRO C 651 -43.98 27.65 0.15
CA PRO C 651 -43.01 27.26 -0.89
C PRO C 651 -41.56 27.36 -0.42
N ILE C 652 -41.27 28.30 0.48
CA ILE C 652 -39.92 28.48 1.01
C ILE C 652 -39.54 27.29 1.87
N LEU C 653 -40.54 26.59 2.42
CA LEU C 653 -40.32 25.38 3.18
C LEU C 653 -40.37 24.11 2.33
N PHE C 654 -41.22 24.09 1.31
CA PHE C 654 -41.25 22.97 0.37
C PHE C 654 -39.92 22.86 -0.37
N LEU C 655 -39.41 23.99 -0.87
CA LEU C 655 -38.17 23.98 -1.63
C LEU C 655 -36.98 23.63 -0.74
N PHE C 656 -37.01 24.07 0.52
CA PHE C 656 -35.93 23.73 1.45
C PHE C 656 -35.81 22.22 1.64
N LEU C 657 -36.95 21.55 1.89
CA LEU C 657 -36.94 20.11 2.07
C LEU C 657 -36.57 19.38 0.78
N LEU C 658 -37.10 19.85 -0.35
CA LEU C 658 -36.82 19.19 -1.62
C LEU C 658 -35.35 19.33 -2.01
N ILE C 659 -34.73 20.47 -1.68
CA ILE C 659 -33.32 20.65 -2.00
C ILE C 659 -32.45 19.86 -1.04
N THR C 660 -32.79 19.88 0.25
CA THR C 660 -31.96 19.16 1.22
C THR C 660 -32.08 17.64 1.06
N TYR C 661 -33.18 17.12 0.51
CA TYR C 661 -33.23 15.69 0.23
C TYR C 661 -32.21 15.30 -0.84
N VAL C 662 -32.22 15.99 -1.98
CA VAL C 662 -31.28 15.63 -3.03
C VAL C 662 -29.85 15.89 -2.58
N ILE C 663 -29.62 16.96 -1.81
CA ILE C 663 -28.28 17.25 -1.28
C ILE C 663 -27.81 16.15 -0.34
N LEU C 664 -28.67 15.73 0.58
CA LEU C 664 -28.25 14.75 1.58
C LEU C 664 -28.18 13.30 1.10
N THR C 665 -28.91 12.99 0.04
CA THR C 665 -28.90 11.62 -0.47
C THR C 665 -28.12 11.46 -1.76
N PHE C 666 -28.45 12.20 -2.83
CA PHE C 666 -27.81 11.97 -4.12
C PHE C 666 -26.36 12.44 -4.12
N VAL C 667 -26.08 13.53 -3.40
CA VAL C 667 -24.73 14.08 -3.35
C VAL C 667 -23.89 13.36 -2.30
N LEU C 668 -24.51 12.85 -1.24
CA LEU C 668 -23.81 12.24 -0.12
C LEU C 668 -23.89 10.71 -0.15
N LEU C 669 -25.09 10.16 -0.07
CA LEU C 669 -25.27 8.71 0.11
C LEU C 669 -24.95 7.93 -1.16
N LEU C 670 -25.49 8.36 -2.30
CA LEU C 670 -25.40 7.59 -3.53
C LEU C 670 -23.95 7.45 -4.02
N ASN C 671 -23.10 8.40 -3.66
CA ASN C 671 -21.70 8.34 -4.05
C ASN C 671 -20.77 7.92 -2.91
N MET C 672 -21.21 8.07 -1.65
CA MET C 672 -20.42 7.50 -0.57
C MET C 672 -20.53 5.98 -0.58
N LEU C 673 -21.66 5.45 -1.07
CA LEU C 673 -21.75 4.02 -1.33
C LEU C 673 -20.68 3.58 -2.33
N ILE C 674 -20.49 4.36 -3.40
CA ILE C 674 -19.46 4.07 -4.39
C ILE C 674 -18.08 4.11 -3.74
N ALA C 675 -17.84 5.12 -2.90
CA ALA C 675 -16.57 5.23 -2.18
C ALA C 675 -16.33 4.07 -1.23
N LEU C 676 -17.38 3.54 -0.59
CA LEU C 676 -17.23 2.43 0.33
C LEU C 676 -16.92 1.14 -0.40
N MET C 677 -17.62 0.88 -1.51
CA MET C 677 -17.26 -0.29 -2.31
C MET C 677 -15.93 -0.14 -3.01
N GLY C 678 -15.45 1.09 -3.23
CA GLY C 678 -14.10 1.28 -3.73
C GLY C 678 -13.03 0.78 -2.78
N GLU C 679 -13.33 0.76 -1.48
CA GLU C 679 -12.49 0.12 -0.47
C GLU C 679 -12.78 -1.36 -0.32
N THR C 680 -14.06 -1.75 -0.40
CA THR C 680 -14.44 -3.14 -0.21
C THR C 680 -13.87 -4.03 -1.32
N VAL C 681 -14.04 -3.62 -2.58
CA VAL C 681 -13.55 -4.41 -3.70
C VAL C 681 -12.02 -4.47 -3.68
N GLU C 682 -11.39 -3.37 -3.29
CA GLU C 682 -9.93 -3.35 -3.16
C GLU C 682 -9.46 -4.32 -2.08
N ASN C 683 -10.21 -4.41 -0.97
CA ASN C 683 -9.83 -5.31 0.10
C ASN C 683 -10.04 -6.77 -0.28
N VAL C 684 -11.12 -7.07 -1.00
CA VAL C 684 -11.48 -8.46 -1.28
C VAL C 684 -11.04 -8.92 -2.67
N SER C 685 -10.29 -8.10 -3.40
CA SER C 685 -9.80 -8.52 -4.71
C SER C 685 -8.78 -9.65 -4.58
N LYS C 686 -7.93 -9.59 -3.55
CA LYS C 686 -6.96 -10.65 -3.32
C LYS C 686 -7.55 -11.86 -2.62
N GLU C 687 -8.76 -11.74 -2.09
CA GLU C 687 -9.42 -12.83 -1.38
C GLU C 687 -10.32 -13.65 -2.30
N SER C 688 -10.59 -13.17 -3.51
CA SER C 688 -11.56 -13.82 -4.40
C SER C 688 -11.05 -15.14 -4.97
N GLU C 689 -9.72 -15.32 -5.06
CA GLU C 689 -9.18 -16.53 -5.67
C GLU C 689 -9.50 -17.77 -4.84
N ARG C 690 -9.38 -17.66 -3.51
CA ARG C 690 -9.74 -18.78 -2.65
C ARG C 690 -11.26 -18.97 -2.56
N ILE C 691 -12.05 -17.91 -2.67
CA ILE C 691 -13.48 -18.06 -2.45
C ILE C 691 -14.16 -18.55 -3.72
N TRP C 692 -13.54 -18.39 -4.89
CA TRP C 692 -14.06 -19.07 -6.08
C TRP C 692 -13.80 -20.56 -5.99
N ARG C 693 -12.58 -20.94 -5.57
CA ARG C 693 -12.22 -22.34 -5.47
C ARG C 693 -13.00 -23.04 -4.36
N LEU C 694 -13.42 -22.31 -3.33
CA LEU C 694 -14.28 -22.90 -2.31
C LEU C 694 -15.63 -23.31 -2.87
N GLN C 695 -16.28 -22.43 -3.63
CA GLN C 695 -17.54 -22.79 -4.27
C GLN C 695 -17.33 -23.91 -5.29
N ARG C 696 -16.19 -23.88 -5.99
CA ARG C 696 -15.89 -24.95 -6.94
C ARG C 696 -15.77 -26.30 -6.24
N ALA C 697 -15.05 -26.36 -5.13
CA ALA C 697 -14.91 -27.62 -4.39
C ALA C 697 -16.24 -28.05 -3.78
N ARG C 698 -17.05 -27.09 -3.32
CA ARG C 698 -18.34 -27.44 -2.73
C ARG C 698 -19.28 -28.03 -3.77
N THR C 699 -19.35 -27.43 -4.96
CA THR C 699 -20.19 -28.03 -6.01
C THR C 699 -19.54 -29.26 -6.63
N ILE C 700 -18.23 -29.46 -6.44
CA ILE C 700 -17.59 -30.70 -6.85
C ILE C 700 -18.03 -31.84 -5.94
N LEU C 701 -18.00 -31.61 -4.62
CA LEU C 701 -18.33 -32.67 -3.68
C LEU C 701 -19.84 -32.85 -3.53
N GLU C 702 -20.62 -31.83 -3.90
CA GLU C 702 -22.08 -31.94 -3.80
C GLU C 702 -22.63 -32.92 -4.82
N PHE C 703 -22.05 -32.94 -6.03
CA PHE C 703 -22.50 -33.87 -7.06
C PHE C 703 -22.11 -35.31 -6.75
N GLU C 704 -21.15 -35.51 -5.86
CA GLU C 704 -20.76 -36.86 -5.49
C GLU C 704 -21.91 -37.55 -4.79
N LYS C 705 -22.54 -36.87 -3.83
CA LYS C 705 -23.62 -37.45 -3.07
C LYS C 705 -24.81 -37.85 -3.94
N MET C 706 -24.96 -37.23 -5.11
CA MET C 706 -26.06 -37.53 -6.01
C MET C 706 -25.84 -38.79 -6.84
N LEU C 707 -24.64 -39.37 -6.78
CA LEU C 707 -24.36 -40.55 -7.59
C LEU C 707 -25.02 -41.79 -6.98
N PRO C 708 -25.39 -42.76 -7.81
CA PRO C 708 -25.85 -44.04 -7.28
C PRO C 708 -24.69 -44.84 -6.71
N GLU C 709 -25.04 -45.86 -5.94
CA GLU C 709 -24.01 -46.67 -5.28
C GLU C 709 -23.26 -47.52 -6.29
N TRP C 710 -23.93 -47.99 -7.34
CA TRP C 710 -23.27 -48.82 -8.35
C TRP C 710 -22.34 -47.99 -9.22
N LEU C 711 -22.60 -46.69 -9.36
CA LEU C 711 -21.74 -45.81 -10.15
C LEU C 711 -20.46 -45.44 -9.40
N ARG C 712 -20.39 -45.74 -8.11
CA ARG C 712 -19.21 -45.45 -7.30
C ARG C 712 -18.05 -46.41 -7.56
N SER C 713 -18.13 -47.26 -8.57
CA SER C 713 -17.05 -48.20 -8.86
C SER C 713 -15.78 -47.51 -9.34
N ARG C 714 -15.89 -46.28 -9.84
CA ARG C 714 -14.72 -45.52 -10.29
C ARG C 714 -14.04 -44.86 -9.09
N PHE C 715 -13.39 -45.71 -8.30
CA PHE C 715 -12.60 -45.25 -7.15
C PHE C 715 -11.16 -44.98 -7.61
N ARG C 716 -10.28 -44.77 -6.66
CA ARG C 716 -8.86 -44.53 -6.94
C ARG C 716 -8.07 -45.81 -6.80
N MET C 717 -6.76 -45.71 -7.04
CA MET C 717 -5.88 -46.85 -6.94
C MET C 717 -5.73 -47.23 -5.47
N GLY C 718 -5.79 -48.53 -5.20
CA GLY C 718 -5.76 -48.98 -3.83
C GLY C 718 -5.18 -50.37 -3.69
N GLU C 719 -5.25 -50.90 -2.47
CA GLU C 719 -4.72 -52.21 -2.10
C GLU C 719 -3.22 -52.29 -2.42
N LEU C 720 -2.44 -51.49 -1.67
CA LEU C 720 -1.02 -51.38 -1.93
C LEU C 720 -0.26 -52.64 -1.52
N CYS C 721 -0.63 -53.24 -0.38
CA CYS C 721 -0.02 -54.43 0.21
C CYS C 721 1.45 -54.21 0.57
N LYS C 722 1.92 -52.97 0.62
CA LYS C 722 3.31 -52.68 0.97
C LYS C 722 3.46 -52.38 2.46
N VAL C 723 2.86 -53.24 3.29
CA VAL C 723 2.95 -53.12 4.74
C VAL C 723 3.26 -54.48 5.33
N ALA C 724 3.17 -54.60 6.65
CA ALA C 724 3.58 -55.81 7.36
C ALA C 724 2.79 -57.04 6.96
N GLU C 725 1.49 -57.07 7.28
CA GLU C 725 0.68 -58.26 7.05
C GLU C 725 -0.74 -57.93 6.62
N ASP C 726 -0.91 -56.90 5.79
CA ASP C 726 -2.24 -56.50 5.36
C ASP C 726 -2.12 -55.71 4.06
N ASP C 727 -3.20 -55.03 3.68
CA ASP C 727 -3.22 -54.10 2.57
C ASP C 727 -3.50 -52.71 3.13
N PHE C 728 -2.62 -51.75 2.81
CA PHE C 728 -2.69 -50.42 3.42
C PHE C 728 -3.79 -49.57 2.79
N ARG C 729 -5.02 -50.08 2.96
CA ARG C 729 -6.18 -49.39 2.43
C ARG C 729 -5.97 -48.99 1.00
N LEU C 730 -6.25 -47.73 0.73
CA LEU C 730 -6.11 -47.21 -0.62
C LEU C 730 -4.90 -46.29 -0.66
N CYS C 731 -4.17 -46.30 -1.76
CA CYS C 731 -2.95 -45.52 -1.91
C CYS C 731 -2.94 -44.87 -3.30
N LEU C 732 -3.04 -43.54 -3.32
CA LEU C 732 -3.13 -42.80 -4.58
C LEU C 732 -1.75 -42.35 -5.02
N ARG C 733 -1.40 -42.62 -6.27
CA ARG C 733 -0.13 -42.22 -6.84
C ARG C 733 -0.27 -40.87 -7.52
N ILE C 734 0.48 -39.89 -7.05
CA ILE C 734 0.55 -38.58 -7.70
C ILE C 734 1.99 -38.35 -8.15
N ASN C 735 2.15 -37.49 -9.15
CA ASN C 735 3.45 -37.16 -9.72
C ASN C 735 3.59 -35.65 -9.69
N GLU C 736 4.08 -35.15 -8.56
CA GLU C 736 4.23 -33.72 -8.39
C GLU C 736 5.60 -33.19 -8.72
N VAL C 737 5.65 -32.00 -9.29
CA VAL C 737 6.92 -31.36 -9.62
C VAL C 737 6.98 -30.03 -8.89
N LYS C 738 8.21 -29.59 -8.60
CA LYS C 738 8.45 -28.29 -7.97
C LYS C 738 9.83 -27.82 -8.42
N TRP C 739 9.82 -26.78 -9.26
CA TRP C 739 11.06 -26.35 -9.90
C TRP C 739 11.70 -25.18 -9.17
N THR C 740 10.88 -24.34 -8.52
CA THR C 740 11.43 -23.28 -7.69
C THR C 740 12.14 -23.85 -6.47
N GLU C 741 11.50 -24.81 -5.78
CA GLU C 741 12.11 -25.42 -4.61
C GLU C 741 13.34 -26.22 -4.99
N TRP C 742 13.30 -26.96 -6.11
CA TRP C 742 14.48 -27.70 -6.54
C TRP C 742 15.59 -26.77 -7.01
N LYS C 743 15.23 -25.62 -7.60
CA LYS C 743 16.24 -24.66 -8.01
C LYS C 743 16.92 -24.02 -6.80
N THR C 744 16.16 -23.76 -5.75
CA THR C 744 16.75 -23.22 -4.52
C THR C 744 17.57 -24.27 -3.79
N HIS C 745 17.14 -25.55 -3.85
CA HIS C 745 17.87 -26.60 -3.15
C HIS C 745 19.16 -26.95 -3.87
N VAL C 746 19.14 -27.03 -5.20
CA VAL C 746 20.32 -27.36 -5.97
C VAL C 746 21.29 -26.20 -6.08
N SER C 747 20.88 -24.99 -5.68
CA SER C 747 21.76 -23.83 -5.76
C SER C 747 22.94 -23.90 -4.80
N PHE C 748 22.87 -24.75 -3.79
CA PHE C 748 23.97 -24.91 -2.84
C PHE C 748 24.73 -26.21 -3.09
N PRO D 62 8.83 31.48 18.44
CA PRO D 62 8.63 32.09 19.77
C PRO D 62 9.53 33.29 20.00
N VAL D 63 9.41 33.91 21.18
CA VAL D 63 10.21 35.07 21.54
C VAL D 63 10.79 34.83 22.93
N PHE D 64 11.86 35.56 23.24
CA PHE D 64 12.53 35.44 24.53
C PHE D 64 13.05 36.81 24.96
N SER D 65 13.50 36.87 26.21
CA SER D 65 14.12 38.05 26.78
C SER D 65 15.59 38.11 26.40
N LYS D 66 16.39 38.87 27.16
CA LYS D 66 17.82 38.96 26.91
C LYS D 66 18.47 37.59 27.03
N PRO D 67 19.45 37.27 26.18
CA PRO D 67 20.05 35.94 26.21
C PRO D 67 20.88 35.70 27.47
N MET D 68 21.03 34.42 27.81
CA MET D 68 21.82 34.03 28.97
C MET D 68 23.31 34.15 28.74
N ASP D 69 23.76 34.17 27.49
CA ASP D 69 25.18 34.27 27.20
C ASP D 69 25.36 34.88 25.82
N SER D 70 26.46 35.61 25.65
CA SER D 70 26.78 36.26 24.39
C SER D 70 28.27 36.50 24.32
N ASN D 71 28.74 36.87 23.13
CA ASN D 71 30.15 37.17 22.92
C ASN D 71 30.32 38.44 22.09
N ILE D 72 29.42 39.40 22.25
CA ILE D 72 29.49 40.66 21.51
C ILE D 72 30.61 41.53 22.06
N LEU D 119 36.63 47.08 34.50
CA LEU D 119 37.55 45.98 34.28
C LEU D 119 36.98 44.66 34.79
N LYS D 120 35.67 44.65 35.06
CA LYS D 120 35.01 43.44 35.54
C LYS D 120 34.67 42.47 34.42
N LYS D 121 34.58 42.95 33.18
CA LYS D 121 34.27 42.07 32.06
C LYS D 121 35.43 41.15 31.71
N ARG D 122 36.65 41.47 32.15
CA ARG D 122 37.80 40.62 31.85
C ARG D 122 37.70 39.27 32.57
N ILE D 123 37.22 39.26 33.80
CA ILE D 123 37.00 38.00 34.50
C ILE D 123 35.94 37.17 33.79
N PHE D 124 34.87 37.84 33.34
CA PHE D 124 33.79 37.14 32.63
C PHE D 124 34.27 36.54 31.32
N ALA D 125 35.14 37.27 30.60
CA ALA D 125 35.73 36.73 29.39
C ALA D 125 36.74 35.62 29.68
N ALA D 126 37.44 35.69 30.82
CA ALA D 126 38.42 34.67 31.16
C ALA D 126 37.74 33.35 31.53
N VAL D 127 36.61 33.41 32.24
CA VAL D 127 35.93 32.17 32.60
C VAL D 127 35.14 31.59 31.43
N SER D 128 35.01 32.33 30.33
CA SER D 128 34.24 31.84 29.19
C SER D 128 34.95 30.68 28.51
N GLU D 129 36.13 30.93 27.94
CA GLU D 129 36.91 29.86 27.32
C GLU D 129 37.64 28.99 28.33
N GLY D 130 37.71 29.42 29.59
CA GLY D 130 38.36 28.63 30.62
C GLY D 130 39.86 28.65 30.54
N CYS D 131 40.45 29.84 30.59
CA CYS D 131 41.90 30.00 30.57
C CYS D 131 42.37 30.16 32.00
N VAL D 132 42.71 29.04 32.65
CA VAL D 132 43.09 29.05 34.05
C VAL D 132 44.42 29.78 34.24
N GLU D 133 45.34 29.64 33.28
CA GLU D 133 46.61 30.36 33.35
C GLU D 133 46.39 31.87 33.29
N GLU D 134 45.41 32.30 32.48
CA GLU D 134 44.99 33.71 32.52
C GLU D 134 44.14 34.00 33.75
N LEU D 135 43.50 32.99 34.31
CA LEU D 135 42.60 33.21 35.45
C LEU D 135 43.33 33.32 36.79
N VAL D 136 44.62 33.00 36.81
CA VAL D 136 45.38 33.05 38.06
C VAL D 136 45.55 34.48 38.56
N GLU D 137 45.98 35.39 37.69
CA GLU D 137 46.50 36.68 38.15
C GLU D 137 45.42 37.72 38.43
N LEU D 138 44.32 37.71 37.69
CA LEU D 138 43.31 38.75 37.87
C LEU D 138 42.64 38.63 39.24
N LEU D 139 42.53 37.42 39.77
CA LEU D 139 42.00 37.28 41.12
C LEU D 139 42.94 37.85 42.19
N VAL D 140 44.26 37.72 41.99
CA VAL D 140 45.21 38.41 42.86
C VAL D 140 45.01 39.92 42.73
N GLU D 141 44.73 40.39 41.51
CA GLU D 141 44.39 41.79 41.32
C GLU D 141 43.07 42.15 41.99
N LEU D 142 42.08 41.26 41.90
CA LEU D 142 40.74 41.51 42.42
C LEU D 142 40.67 41.45 43.94
N GLN D 143 41.67 40.82 44.59
CA GLN D 143 41.66 40.74 46.04
C GLN D 143 41.78 42.12 46.67
N GLU D 144 42.54 43.03 46.05
CA GLU D 144 42.69 44.39 46.54
C GLU D 144 42.17 45.42 45.55
N LEU D 145 41.39 45.00 44.56
CA LEU D 145 40.81 45.93 43.59
C LEU D 145 39.69 46.71 44.27
N CYS D 146 39.94 47.98 44.54
CA CYS D 146 38.99 48.88 45.21
C CYS D 146 38.55 48.33 46.57
N ARG D 147 39.48 47.68 47.27
CA ARG D 147 39.19 47.07 48.56
C ARG D 147 39.07 48.15 49.64
N ARG D 148 38.06 49.01 49.52
CA ARG D 148 37.82 50.07 50.48
C ARG D 148 36.48 49.94 51.18
N ARG D 149 35.36 50.09 50.48
CA ARG D 149 34.08 50.10 51.20
C ARG D 149 34.01 51.27 52.18
N PHE D 157 33.43 48.40 48.54
CA PHE D 157 32.25 47.64 48.14
C PHE D 157 32.30 46.22 48.68
N LEU D 158 31.13 45.67 48.99
CA LEU D 158 31.07 44.30 49.49
C LEU D 158 30.94 43.31 48.34
N MET D 159 32.05 43.17 47.61
CA MET D 159 32.24 42.29 46.45
C MET D 159 31.01 42.10 45.57
N HIS D 160 30.32 43.20 45.25
CA HIS D 160 29.18 43.11 44.35
C HIS D 160 29.63 43.12 42.89
N LYS D 161 30.85 43.63 42.63
CA LYS D 161 31.37 43.66 41.27
C LYS D 161 31.77 42.28 40.76
N LEU D 162 31.84 41.28 41.64
CA LEU D 162 32.15 39.92 41.20
C LEU D 162 31.04 39.37 40.31
N THR D 163 29.79 39.67 40.65
CA THR D 163 28.63 39.30 39.85
C THR D 163 28.19 40.48 38.99
N ALA D 164 27.35 40.18 38.00
CA ALA D 164 26.78 41.21 37.15
C ALA D 164 25.40 41.61 37.66
N SER D 165 25.04 42.86 37.42
CA SER D 165 23.78 43.41 37.90
C SER D 165 22.70 43.53 36.83
N ASP D 166 23.03 43.27 35.56
CA ASP D 166 22.02 43.36 34.52
C ASP D 166 21.06 42.19 34.55
N THR D 167 21.58 40.97 34.80
CA THR D 167 20.77 39.77 34.84
C THR D 167 21.06 38.91 36.07
N GLY D 168 21.91 39.37 36.98
CA GLY D 168 22.28 38.58 38.14
C GLY D 168 23.28 37.48 37.87
N LYS D 169 23.94 37.50 36.72
CA LYS D 169 24.87 36.44 36.37
C LYS D 169 26.19 36.57 37.10
N THR D 170 26.76 35.44 37.48
CA THR D 170 28.11 35.37 38.05
C THR D 170 29.01 34.61 37.09
N CYS D 171 30.30 34.56 37.43
CA CYS D 171 31.25 33.82 36.62
C CYS D 171 31.10 32.31 36.79
N LEU D 172 30.51 31.85 37.89
CA LEU D 172 30.34 30.42 38.11
C LEU D 172 29.41 29.80 37.06
N MET D 173 28.16 30.26 37.01
CA MET D 173 27.23 29.73 36.04
C MET D 173 27.58 30.14 34.61
N LYS D 174 28.38 31.19 34.43
CA LYS D 174 28.90 31.49 33.10
C LYS D 174 29.93 30.45 32.67
N ALA D 175 30.76 29.99 33.61
CA ALA D 175 31.71 28.93 33.30
C ALA D 175 31.01 27.61 33.04
N LEU D 176 29.97 27.32 33.81
CA LEU D 176 29.17 26.12 33.54
C LEU D 176 28.20 26.28 32.38
N LEU D 177 28.08 27.49 31.81
CA LEU D 177 27.20 27.68 30.67
C LEU D 177 27.80 27.12 29.39
N ASN D 178 29.12 27.14 29.25
CA ASN D 178 29.81 26.55 28.10
C ASN D 178 30.92 25.65 28.63
N ILE D 179 30.80 24.35 28.38
CA ILE D 179 31.75 23.39 28.95
C ILE D 179 32.93 23.21 28.02
N ASN D 180 34.13 23.33 28.57
CA ASN D 180 35.39 23.06 27.90
C ASN D 180 36.09 21.93 28.64
N PRO D 181 37.06 21.26 28.00
CA PRO D 181 37.72 20.12 28.67
C PRO D 181 38.43 20.48 29.97
N ASN D 182 38.81 21.74 30.16
CA ASN D 182 39.40 22.20 31.42
C ASN D 182 38.40 23.13 32.08
N THR D 183 37.63 22.59 33.04
CA THR D 183 36.61 23.38 33.71
C THR D 183 36.60 23.11 35.22
N LYS D 184 37.10 21.95 35.63
CA LYS D 184 37.07 21.59 37.05
C LYS D 184 37.98 22.49 37.87
N GLU D 185 39.16 22.82 37.33
CA GLU D 185 40.08 23.73 38.02
C GLU D 185 39.47 25.11 38.20
N ILE D 186 38.70 25.58 37.22
CA ILE D 186 38.03 26.87 37.34
C ILE D 186 37.03 26.86 38.47
N VAL D 187 36.22 25.79 38.57
CA VAL D 187 35.21 25.70 39.62
C VAL D 187 35.87 25.62 40.99
N ARG D 188 36.91 24.79 41.12
CA ARG D 188 37.56 24.67 42.42
C ARG D 188 38.30 25.95 42.82
N ILE D 189 38.89 26.67 41.86
CA ILE D 189 39.54 27.94 42.17
C ILE D 189 38.52 28.98 42.59
N LEU D 190 37.37 29.03 41.90
CA LEU D 190 36.32 29.97 42.28
C LEU D 190 35.76 29.67 43.66
N LEU D 191 35.58 28.38 43.99
CA LEU D 191 35.08 28.04 45.32
C LEU D 191 36.11 28.35 46.40
N ALA D 192 37.39 28.05 46.13
CA ALA D 192 38.44 28.35 47.10
C ALA D 192 38.62 29.86 47.30
N PHE D 193 38.35 30.66 46.27
CA PHE D 193 38.38 32.11 46.43
C PHE D 193 37.16 32.62 47.16
N ALA D 194 35.98 32.04 46.90
CA ALA D 194 34.75 32.51 47.53
C ALA D 194 34.73 32.17 49.02
N GLU D 195 35.32 31.04 49.41
CA GLU D 195 35.34 30.69 50.83
C GLU D 195 36.32 31.55 51.61
N GLU D 196 37.23 32.25 50.94
CA GLU D 196 38.17 33.12 51.65
C GLU D 196 37.47 34.38 52.15
N ASN D 197 36.58 34.96 51.35
CA ASN D 197 35.89 36.19 51.71
C ASN D 197 34.59 35.93 52.47
N ASP D 198 34.32 34.67 52.86
CA ASP D 198 33.15 34.29 53.65
C ASP D 198 31.84 34.68 52.96
N ILE D 199 31.80 34.55 51.63
CA ILE D 199 30.60 34.84 50.86
C ILE D 199 30.25 33.66 49.96
N LEU D 200 30.70 32.47 50.33
CA LEU D 200 30.42 31.28 49.54
C LEU D 200 28.94 30.95 49.52
N GLY D 201 28.25 31.17 50.65
CA GLY D 201 26.82 30.90 50.71
C GLY D 201 26.02 31.82 49.81
N ARG D 202 26.40 33.10 49.74
CA ARG D 202 25.75 34.02 48.83
C ARG D 202 26.18 33.79 47.39
N PHE D 203 27.40 33.29 47.18
CA PHE D 203 27.89 33.09 45.82
C PHE D 203 27.24 31.89 45.16
N ILE D 204 27.15 30.76 45.89
CA ILE D 204 26.57 29.57 45.30
C ILE D 204 25.05 29.66 45.21
N ASN D 205 24.43 30.50 46.03
CA ASN D 205 22.99 30.72 45.96
C ASN D 205 22.67 32.01 45.19
N ALA D 206 23.16 32.05 43.96
CA ALA D 206 22.94 33.18 43.07
C ALA D 206 21.81 32.85 42.10
N GLU D 207 20.93 33.83 41.87
CA GLU D 207 19.73 33.61 41.07
C GLU D 207 19.63 34.64 39.96
N TYR D 208 19.07 34.21 38.84
CA TYR D 208 18.74 35.13 37.75
C TYR D 208 17.62 36.08 38.19
N THR D 209 17.61 37.27 37.61
CA THR D 209 16.68 38.32 38.01
C THR D 209 16.03 38.96 36.78
N GLU D 210 15.47 38.13 35.91
CA GLU D 210 14.67 38.62 34.78
C GLU D 210 13.35 37.86 34.74
N GLU D 211 12.47 38.30 33.85
CA GLU D 211 11.13 37.73 33.78
C GLU D 211 11.15 36.33 33.19
N ALA D 212 11.97 36.10 32.16
CA ALA D 212 12.03 34.78 31.54
C ALA D 212 12.73 33.77 32.46
N TYR D 213 13.85 34.19 33.02
CA TYR D 213 14.61 33.33 33.93
C TYR D 213 14.70 33.96 35.31
N GLU D 214 14.07 33.32 36.28
CA GLU D 214 14.08 33.82 37.65
C GLU D 214 14.27 32.66 38.60
N GLY D 215 15.21 32.80 39.54
CA GLY D 215 15.53 31.74 40.48
C GLY D 215 16.49 30.70 39.97
N GLN D 216 17.11 30.93 38.82
CA GLN D 216 18.01 29.94 38.23
C GLN D 216 19.34 29.93 38.97
N THR D 217 19.76 28.76 39.43
CA THR D 217 20.98 28.60 40.20
C THR D 217 22.06 27.91 39.37
N ALA D 218 23.27 27.90 39.91
CA ALA D 218 24.41 27.31 39.20
C ALA D 218 24.31 25.79 39.16
N LEU D 219 23.74 25.18 40.20
CA LEU D 219 23.56 23.74 40.22
C LEU D 219 22.57 23.29 39.15
N ASN D 220 21.55 24.11 38.88
CA ASN D 220 20.58 23.79 37.85
C ASN D 220 21.22 23.73 36.47
N ILE D 221 22.17 24.63 36.20
CA ILE D 221 22.88 24.59 34.94
C ILE D 221 23.95 23.50 34.94
N ALA D 222 24.51 23.19 36.10
CA ALA D 222 25.53 22.14 36.18
C ALA D 222 24.94 20.76 35.94
N ILE D 223 23.69 20.52 36.36
CA ILE D 223 23.08 19.22 36.17
C ILE D 223 22.80 18.96 34.69
N GLU D 224 22.20 19.94 34.01
CA GLU D 224 21.72 19.71 32.64
C GLU D 224 22.87 19.56 31.64
N ARG D 225 24.07 20.03 31.97
CA ARG D 225 25.22 19.89 31.09
C ARG D 225 25.95 18.57 31.28
N ARG D 226 25.29 17.57 31.86
CA ARG D 226 25.82 16.22 32.06
C ARG D 226 27.13 16.23 32.86
N GLN D 227 27.27 17.21 33.76
CA GLN D 227 28.48 17.34 34.57
C GLN D 227 28.21 16.77 35.96
N GLY D 228 28.07 15.45 35.99
CA GLY D 228 27.80 14.76 37.26
C GLY D 228 28.96 14.86 38.22
N ASP D 229 30.19 14.86 37.71
CA ASP D 229 31.36 15.00 38.57
C ASP D 229 31.46 16.41 39.14
N ILE D 230 31.08 17.41 38.34
CA ILE D 230 31.08 18.79 38.82
C ILE D 230 29.91 19.02 39.78
N ALA D 231 28.77 18.37 39.53
CA ALA D 231 27.57 18.61 40.31
C ALA D 231 27.76 18.19 41.77
N ALA D 232 28.66 17.25 42.04
CA ALA D 232 28.93 16.85 43.42
C ALA D 232 29.69 17.93 44.19
N LEU D 233 30.31 18.87 43.49
CA LEU D 233 31.12 19.89 44.18
C LEU D 233 30.24 20.98 44.80
N LEU D 234 29.21 21.41 44.09
CA LEU D 234 28.37 22.50 44.61
C LEU D 234 27.54 22.05 45.80
N ILE D 235 27.08 20.80 45.80
CA ILE D 235 26.32 20.32 46.95
C ILE D 235 27.25 20.05 48.12
N ALA D 236 28.51 19.70 47.84
CA ALA D 236 29.49 19.58 48.92
C ALA D 236 29.79 20.94 49.53
N ALA D 237 29.88 21.97 48.70
CA ALA D 237 29.99 23.33 49.21
C ALA D 237 28.71 23.80 49.89
N GLY D 238 27.57 23.24 49.52
CA GLY D 238 26.31 23.55 50.15
C GLY D 238 25.36 24.33 49.27
N ALA D 239 24.44 23.63 48.61
CA ALA D 239 23.41 24.25 47.80
C ALA D 239 22.05 24.05 48.45
N ASP D 240 21.15 25.02 48.21
CA ASP D 240 19.85 24.97 48.85
C ASP D 240 18.95 23.86 48.28
N VAL D 241 19.30 23.31 47.11
CA VAL D 241 18.64 22.17 46.48
C VAL D 241 17.19 22.48 46.12
N ASN D 242 16.40 22.93 47.09
CA ASN D 242 14.99 23.25 46.90
C ASN D 242 14.76 24.58 46.21
N ALA D 243 15.79 25.19 45.62
CA ALA D 243 15.66 26.47 44.94
C ALA D 243 14.84 26.27 43.66
N HIS D 244 13.64 26.83 43.63
CA HIS D 244 12.77 26.68 42.48
C HIS D 244 13.27 27.52 41.31
N ALA D 245 12.69 27.26 40.14
CA ALA D 245 13.04 27.99 38.93
C ALA D 245 11.81 28.64 38.32
N LYS D 246 11.06 29.38 39.14
CA LYS D 246 9.82 30.00 38.70
C LYS D 246 10.12 31.10 37.70
N GLY D 247 9.93 30.80 36.41
CA GLY D 247 10.18 31.77 35.36
C GLY D 247 9.31 31.49 34.16
N ALA D 248 9.20 32.51 33.30
CA ALA D 248 8.36 32.38 32.11
C ALA D 248 8.95 31.37 31.13
N PHE D 249 10.28 31.26 31.07
CA PHE D 249 10.90 30.30 30.18
C PHE D 249 10.72 28.88 30.72
N PHE D 250 10.95 28.68 32.02
CA PHE D 250 10.81 27.36 32.61
C PHE D 250 9.35 26.95 32.78
N ASN D 251 8.42 27.90 32.76
CA ASN D 251 6.99 27.65 32.85
C ASN D 251 6.32 28.27 31.64
N PRO D 252 6.32 27.58 30.51
CA PRO D 252 5.69 28.13 29.31
C PRO D 252 4.18 27.97 29.32
N LYS D 253 3.52 28.81 28.53
CA LYS D 253 2.07 28.72 28.40
C LYS D 253 1.69 27.54 27.50
N TYR D 254 2.17 27.55 26.27
CA TYR D 254 1.94 26.43 25.39
C TYR D 254 3.12 25.50 25.48
N GLN D 255 3.31 24.65 24.47
CA GLN D 255 4.40 23.69 24.46
C GLN D 255 5.49 24.06 23.46
N HIS D 256 5.48 25.30 22.95
CA HIS D 256 6.38 25.68 21.88
C HIS D 256 7.20 26.94 22.21
N GLU D 257 7.26 27.35 23.48
CA GLU D 257 8.08 28.50 23.82
C GLU D 257 9.04 28.22 24.96
N GLY D 258 9.26 26.95 25.30
CA GLY D 258 10.15 26.65 26.41
C GLY D 258 10.16 25.16 26.69
N PHE D 259 10.96 24.83 27.71
CA PHE D 259 11.08 23.46 28.15
C PHE D 259 10.66 23.46 29.61
N TYR D 260 9.80 22.54 30.00
CA TYR D 260 9.26 22.45 31.35
C TYR D 260 9.80 21.22 32.06
N PHE D 261 10.12 21.38 33.34
CA PHE D 261 10.67 20.26 34.12
C PHE D 261 10.24 20.30 35.58
N GLY D 262 9.10 20.90 35.91
CA GLY D 262 8.66 21.01 37.27
C GLY D 262 9.37 22.05 38.10
N GLU D 263 10.20 22.89 37.46
CA GLU D 263 11.04 23.92 38.06
C GLU D 263 11.67 23.55 39.41
N THR D 264 12.10 22.31 39.55
CA THR D 264 12.90 21.88 40.69
C THR D 264 14.17 21.20 40.22
N PRO D 265 15.30 21.45 40.87
CA PRO D 265 16.57 20.89 40.40
C PRO D 265 16.66 19.37 40.48
N LEU D 266 15.89 18.74 41.37
CA LEU D 266 15.90 17.29 41.45
C LEU D 266 15.33 16.66 40.19
N ALA D 267 14.31 17.30 39.59
CA ALA D 267 13.72 16.79 38.38
C ALA D 267 14.58 17.04 37.14
N LEU D 268 15.63 17.86 37.24
CA LEU D 268 16.57 18.00 36.14
C LEU D 268 17.24 16.67 35.82
N ALA D 269 17.71 15.97 36.85
CA ALA D 269 18.24 14.63 36.68
C ALA D 269 17.15 13.59 36.45
N ALA D 270 15.88 13.99 36.55
CA ALA D 270 14.76 13.11 36.26
C ALA D 270 14.17 13.37 34.88
N CYS D 271 14.01 14.64 34.49
CA CYS D 271 13.55 14.95 33.14
C CYS D 271 14.62 14.66 32.10
N THR D 272 15.88 14.78 32.47
CA THR D 272 16.99 14.33 31.64
C THR D 272 17.55 13.04 32.24
N ASN D 273 17.96 12.11 31.37
CA ASN D 273 18.36 10.78 31.79
C ASN D 273 19.71 10.86 32.52
N GLN D 274 19.63 11.19 33.81
CA GLN D 274 20.79 11.26 34.69
C GLN D 274 20.47 10.58 36.02
N PRO D 275 20.50 9.24 36.05
CA PRO D 275 20.13 8.55 37.30
C PRO D 275 21.14 8.72 38.42
N GLU D 276 22.42 8.92 38.09
CA GLU D 276 23.45 9.05 39.12
C GLU D 276 23.20 10.29 39.98
N ILE D 277 22.80 11.40 39.36
CA ILE D 277 22.50 12.61 40.13
C ILE D 277 21.22 12.43 40.93
N VAL D 278 20.29 11.58 40.45
CA VAL D 278 19.12 11.24 41.24
C VAL D 278 19.54 10.52 42.52
N GLN D 279 20.46 9.56 42.40
CA GLN D 279 20.95 8.86 43.59
C GLN D 279 21.73 9.80 44.51
N LEU D 280 22.50 10.74 43.94
CA LEU D 280 23.23 11.68 44.77
C LEU D 280 22.30 12.63 45.52
N LEU D 281 21.22 13.06 44.88
CA LEU D 281 20.26 13.95 45.55
C LEU D 281 19.39 13.19 46.54
N MET D 282 19.17 11.90 46.32
CA MET D 282 18.35 11.12 47.25
C MET D 282 19.06 10.90 48.59
N GLU D 283 20.38 10.67 48.55
CA GLU D 283 21.11 10.46 49.79
C GLU D 283 21.36 11.74 50.57
N HIS D 284 21.00 12.90 50.03
CA HIS D 284 21.14 14.14 50.75
C HIS D 284 20.13 14.22 51.90
N GLU D 285 20.53 14.90 52.97
CA GLU D 285 19.65 15.00 54.14
C GLU D 285 18.53 15.99 53.90
N GLN D 286 18.77 17.01 53.08
CA GLN D 286 17.78 18.04 52.78
C GLN D 286 17.48 17.99 51.28
N THR D 287 16.43 17.26 50.92
CA THR D 287 16.00 17.14 49.54
C THR D 287 14.53 17.50 49.35
N ASP D 288 13.67 17.14 50.30
CA ASP D 288 12.23 17.43 50.27
C ASP D 288 11.59 16.86 49.00
N ILE D 289 11.45 15.53 49.00
CA ILE D 289 10.91 14.83 47.84
C ILE D 289 9.44 15.19 47.64
N THR D 290 8.71 15.44 48.73
CA THR D 290 7.30 15.81 48.65
C THR D 290 7.11 17.34 48.57
N SER D 291 7.83 17.97 47.65
CA SER D 291 7.80 19.41 47.48
C SER D 291 6.94 19.79 46.28
N ARG D 292 6.08 20.79 46.47
CA ARG D 292 5.27 21.34 45.38
C ARG D 292 6.09 22.39 44.63
N ASP D 293 5.41 23.14 43.76
CA ASP D 293 6.04 24.22 43.01
C ASP D 293 4.98 25.28 42.71
N SER D 294 5.30 26.20 41.80
CA SER D 294 4.36 27.26 41.46
C SER D 294 3.14 26.72 40.73
N ARG D 295 3.34 25.70 39.90
CA ARG D 295 2.20 25.02 39.27
C ARG D 295 1.60 23.93 40.14
N GLY D 296 2.12 23.74 41.35
CA GLY D 296 1.59 22.72 42.25
C GLY D 296 1.94 21.30 41.89
N ASN D 297 2.83 21.09 40.92
CA ASN D 297 3.20 19.75 40.52
C ASN D 297 4.15 19.12 41.53
N ASN D 298 4.44 17.84 41.30
CA ASN D 298 5.43 17.15 42.11
C ASN D 298 6.37 16.54 41.07
N ILE D 299 7.31 15.71 41.50
CA ILE D 299 8.28 15.14 40.58
C ILE D 299 7.60 14.17 39.62
N LEU D 300 6.68 13.35 40.14
CA LEU D 300 5.97 12.40 39.27
C LEU D 300 5.13 13.11 38.23
N HIS D 301 4.53 14.25 38.57
CA HIS D 301 3.84 15.08 37.58
C HIS D 301 4.80 15.56 36.50
N ALA D 302 6.03 15.91 36.87
CA ALA D 302 7.03 16.34 35.90
C ALA D 302 7.38 15.20 34.94
N LEU D 303 7.64 14.01 35.47
CA LEU D 303 7.90 12.85 34.61
C LEU D 303 6.71 12.52 33.72
N VAL D 304 5.49 12.71 34.23
CA VAL D 304 4.31 12.50 33.40
C VAL D 304 4.28 13.51 32.24
N THR D 305 4.64 14.75 32.52
CA THR D 305 4.58 15.78 31.49
C THR D 305 5.65 15.57 30.41
N VAL D 306 6.88 15.22 30.80
CA VAL D 306 7.94 15.07 29.81
C VAL D 306 7.79 13.77 29.01
N ALA D 307 7.08 12.78 29.57
CA ALA D 307 7.02 11.44 29.01
C ALA D 307 6.51 11.43 27.57
N GLU D 308 6.91 10.39 26.84
CA GLU D 308 6.57 10.24 25.43
C GLU D 308 5.49 9.18 25.30
N ASP D 309 4.42 9.50 24.57
CA ASP D 309 3.25 8.64 24.53
C ASP D 309 3.49 7.36 23.74
N PHE D 310 3.91 7.49 22.49
CA PHE D 310 4.11 6.32 21.64
C PHE D 310 5.33 5.53 22.09
N LYS D 311 5.25 4.21 21.89
CA LYS D 311 6.34 3.30 22.27
C LYS D 311 7.42 3.48 21.20
N THR D 312 8.33 4.41 21.48
CA THR D 312 9.42 4.75 20.56
C THR D 312 10.71 4.15 21.12
N GLN D 313 10.81 2.82 20.99
CA GLN D 313 11.98 2.02 21.42
C GLN D 313 12.18 2.24 22.92
N ASN D 314 13.36 2.66 23.38
CA ASN D 314 13.62 2.81 24.81
C ASN D 314 13.31 4.23 25.25
N ASP D 315 12.58 4.35 26.36
CA ASP D 315 12.26 5.64 26.96
C ASP D 315 12.63 5.58 28.44
N PHE D 316 13.45 6.53 28.87
CA PHE D 316 13.97 6.52 30.24
C PHE D 316 12.92 6.88 31.28
N VAL D 317 11.82 7.52 30.87
CA VAL D 317 10.84 8.01 31.82
C VAL D 317 10.11 6.87 32.51
N LYS D 318 9.74 5.82 31.76
CA LYS D 318 8.99 4.71 32.35
C LYS D 318 9.86 3.90 33.30
N ARG D 319 11.14 3.70 32.93
CA ARG D 319 12.06 3.00 33.81
C ARG D 319 12.35 3.81 35.07
N MET D 320 12.54 5.12 34.92
CA MET D 320 12.94 5.95 36.06
C MET D 320 11.76 6.27 36.98
N TYR D 321 10.54 6.05 36.51
CA TYR D 321 9.39 6.21 37.39
C TYR D 321 9.53 5.16 38.47
N ASP D 322 9.82 3.92 38.08
CA ASP D 322 10.02 2.87 39.06
C ASP D 322 11.09 3.24 40.07
N MET D 323 12.19 3.85 39.61
CA MET D 323 13.28 4.21 40.51
C MET D 323 12.84 5.26 41.52
N ILE D 324 12.18 6.33 41.05
CA ILE D 324 11.79 7.40 41.96
C ILE D 324 10.72 6.92 42.93
N LEU D 325 9.79 6.07 42.46
CA LEU D 325 8.72 5.62 43.33
C LEU D 325 9.23 4.60 44.36
N LEU D 326 10.18 3.75 43.97
CA LEU D 326 10.74 2.79 44.92
C LEU D 326 11.68 3.47 45.91
N ARG D 327 12.36 4.54 45.49
CA ARG D 327 13.19 5.28 46.43
C ARG D 327 12.34 6.11 47.38
N SER D 328 11.17 6.56 46.92
CA SER D 328 10.24 7.22 47.83
C SER D 328 9.68 6.24 48.85
N GLY D 329 9.15 5.12 48.37
CA GLY D 329 8.65 4.07 49.25
C GLY D 329 7.43 4.45 50.05
N ASN D 330 6.57 5.31 49.52
CA ASN D 330 5.37 5.74 50.22
C ASN D 330 4.36 6.22 49.19
N TRP D 331 3.18 6.64 49.68
CA TRP D 331 2.07 7.00 48.82
C TRP D 331 1.84 8.50 48.68
N GLU D 332 2.64 9.34 49.34
CA GLU D 332 2.39 10.78 49.27
C GLU D 332 2.75 11.35 47.90
N LEU D 333 3.73 10.76 47.21
CA LEU D 333 4.12 11.29 45.91
C LEU D 333 3.06 11.02 44.84
N GLU D 334 2.27 9.97 45.04
CA GLU D 334 1.24 9.60 44.05
C GLU D 334 -0.17 9.94 44.51
N THR D 335 -0.31 10.69 45.59
CA THR D 335 -1.61 11.15 46.06
C THR D 335 -1.73 12.65 46.14
N THR D 336 -0.63 13.39 45.99
CA THR D 336 -0.70 14.85 45.97
C THR D 336 -1.36 15.33 44.69
N ARG D 337 -2.09 16.43 44.79
CA ARG D 337 -2.87 16.96 43.69
C ARG D 337 -2.20 18.20 43.11
N ASN D 338 -2.58 18.51 41.88
CA ASN D 338 -2.04 19.64 41.14
C ASN D 338 -2.67 20.94 41.62
N ASN D 339 -2.33 22.04 40.96
CA ASN D 339 -2.98 23.31 41.25
C ASN D 339 -4.45 23.27 40.87
N ASP D 340 -4.77 22.56 39.79
CA ASP D 340 -6.17 22.36 39.46
C ASP D 340 -6.62 21.21 40.33
N GLY D 341 -5.73 20.25 40.57
CA GLY D 341 -6.04 19.10 41.41
C GLY D 341 -6.05 17.80 40.64
N LEU D 342 -4.89 17.17 40.53
CA LEU D 342 -4.75 15.94 39.77
C LEU D 342 -3.56 15.15 40.31
N THR D 343 -3.84 14.02 40.97
CA THR D 343 -2.81 13.04 41.20
C THR D 343 -2.43 12.38 39.87
N PRO D 344 -1.15 12.02 39.68
CA PRO D 344 -0.64 11.76 38.32
C PRO D 344 -1.35 10.65 37.53
N LEU D 345 -2.21 9.85 38.16
CA LEU D 345 -2.89 8.78 37.42
C LEU D 345 -3.81 9.34 36.33
N GLN D 346 -4.54 10.41 36.64
CA GLN D 346 -5.36 11.08 35.63
C GLN D 346 -4.63 12.20 34.91
N LEU D 347 -3.49 12.65 35.43
CA LEU D 347 -2.65 13.57 34.66
C LEU D 347 -2.03 12.86 33.48
N ALA D 348 -1.66 11.59 33.65
CA ALA D 348 -1.19 10.79 32.52
C ALA D 348 -2.31 10.53 31.53
N ALA D 349 -3.57 10.58 31.97
CA ALA D 349 -4.70 10.38 31.07
C ALA D 349 -5.01 11.64 30.28
N LYS D 350 -5.05 12.79 30.95
CA LYS D 350 -5.42 14.03 30.28
C LYS D 350 -4.34 14.47 29.29
N MET D 351 -3.06 14.32 29.65
CA MET D 351 -1.98 14.70 28.76
C MET D 351 -1.80 13.73 27.60
N GLY D 352 -2.46 12.56 27.65
CA GLY D 352 -2.34 11.60 26.57
C GLY D 352 -1.04 10.84 26.58
N LYS D 353 -0.81 10.05 27.62
CA LYS D 353 0.40 9.25 27.77
C LYS D 353 -0.01 7.80 27.95
N ALA D 354 0.03 7.02 26.87
CA ALA D 354 -0.47 5.65 26.92
C ALA D 354 0.48 4.73 27.67
N GLU D 355 1.79 4.87 27.45
CA GLU D 355 2.76 3.98 28.07
C GLU D 355 2.82 4.18 29.59
N ILE D 356 2.85 5.44 30.03
CA ILE D 356 2.93 5.74 31.45
C ILE D 356 1.65 5.30 32.16
N LEU D 357 0.49 5.54 31.54
CA LEU D 357 -0.76 5.10 32.13
C LEU D 357 -0.87 3.59 32.19
N LYS D 358 -0.38 2.90 31.15
CA LYS D 358 -0.35 1.45 31.16
C LYS D 358 0.55 0.92 32.27
N TYR D 359 1.70 1.57 32.48
CA TYR D 359 2.60 1.13 33.54
C TYR D 359 2.00 1.38 34.92
N ILE D 360 1.36 2.54 35.12
CA ILE D 360 0.88 2.89 36.46
C ILE D 360 -0.39 2.11 36.80
N LEU D 361 -1.18 1.74 35.79
CA LEU D 361 -2.41 1.00 36.07
C LEU D 361 -2.10 -0.45 36.42
N SER D 362 -1.14 -1.07 35.74
CA SER D 362 -0.71 -2.43 36.00
C SER D 362 0.72 -2.37 36.53
N ARG D 363 0.85 -2.22 37.85
CA ARG D 363 2.15 -2.13 38.51
C ARG D 363 2.09 -2.94 39.79
N GLU D 364 3.01 -3.90 39.93
CA GLU D 364 3.12 -4.70 41.14
C GLU D 364 4.58 -4.83 41.53
N ILE D 365 4.84 -4.82 42.84
CA ILE D 365 6.17 -5.02 43.39
C ILE D 365 6.19 -6.41 44.02
N LYS D 366 7.06 -7.28 43.51
CA LYS D 366 7.14 -8.66 43.99
C LYS D 366 7.92 -8.80 45.29
N GLU D 367 8.50 -7.72 45.79
CA GLU D 367 9.31 -7.75 47.00
C GLU D 367 8.49 -7.30 48.20
N LYS D 368 8.86 -7.80 49.38
CA LYS D 368 8.21 -7.41 50.62
C LYS D 368 8.67 -6.00 51.02
N ARG D 369 8.00 -5.44 52.02
CA ARG D 369 8.21 -4.11 52.60
C ARG D 369 7.76 -3.00 51.65
N LEU D 370 7.45 -3.36 50.41
CA LEU D 370 6.88 -2.43 49.42
C LEU D 370 5.73 -3.18 48.74
N ARG D 371 4.56 -3.15 49.36
CA ARG D 371 3.40 -3.86 48.82
C ARG D 371 2.20 -2.93 48.71
N SER D 372 2.18 -1.87 49.51
CA SER D 372 1.11 -0.89 49.42
C SER D 372 1.18 -0.09 48.12
N LEU D 373 2.38 0.05 47.55
CA LEU D 373 2.53 0.76 46.29
C LEU D 373 2.01 -0.03 45.11
N SER D 374 1.85 -1.35 45.25
CA SER D 374 1.40 -2.19 44.15
C SER D 374 -0.07 -1.93 43.84
N ARG D 375 -0.43 -2.12 42.58
CA ARG D 375 -1.79 -1.91 42.11
C ARG D 375 -2.46 -3.17 41.57
N LYS D 376 -1.70 -4.07 40.95
CA LYS D 376 -2.24 -5.29 40.35
C LYS D 376 -1.74 -6.48 41.17
N PHE D 377 -2.55 -6.91 42.12
CA PHE D 377 -2.23 -8.07 42.95
C PHE D 377 -2.63 -9.32 42.17
N THR D 378 -1.64 -10.09 41.74
CA THR D 378 -1.91 -11.34 41.06
C THR D 378 -2.31 -12.42 42.08
N ASP D 379 -3.13 -13.37 41.62
CA ASP D 379 -3.61 -14.45 42.47
C ASP D 379 -3.03 -15.79 42.06
N TRP D 380 -3.25 -16.22 40.82
CA TRP D 380 -2.66 -17.45 40.31
C TRP D 380 -2.38 -17.29 38.83
N ALA D 381 -1.34 -17.97 38.36
CA ALA D 381 -0.93 -17.96 36.96
C ALA D 381 -0.96 -19.39 36.45
N TYR D 382 -2.12 -19.82 35.96
CA TYR D 382 -2.30 -21.18 35.48
C TYR D 382 -2.09 -21.25 33.97
N GLY D 383 -0.87 -20.92 33.56
CA GLY D 383 -0.51 -20.94 32.17
C GLY D 383 -1.09 -19.78 31.40
N PRO D 384 -1.97 -20.07 30.43
CA PRO D 384 -2.57 -18.99 29.63
C PRO D 384 -3.53 -18.12 30.42
N VAL D 385 -4.10 -18.63 31.50
CA VAL D 385 -5.05 -17.88 32.32
C VAL D 385 -4.34 -17.36 33.56
N SER D 386 -4.66 -16.13 33.94
CA SER D 386 -4.06 -15.51 35.12
C SER D 386 -5.09 -14.56 35.72
N SER D 387 -5.74 -14.99 36.80
CA SER D 387 -6.73 -14.17 37.48
C SER D 387 -6.00 -13.08 38.26
N SER D 388 -5.99 -11.87 37.69
CA SER D 388 -5.30 -10.73 38.28
C SER D 388 -6.32 -9.87 39.02
N LEU D 389 -6.11 -9.71 40.33
CA LEU D 389 -6.98 -8.88 41.17
C LEU D 389 -6.48 -7.44 41.04
N TYR D 390 -7.24 -6.61 40.33
CA TYR D 390 -6.87 -5.23 40.08
C TYR D 390 -7.49 -4.30 41.13
N ASP D 391 -6.75 -3.25 41.46
CA ASP D 391 -7.20 -2.24 42.40
C ASP D 391 -7.70 -1.02 41.64
N LEU D 392 -8.87 -0.53 42.02
CA LEU D 392 -9.43 0.69 41.44
C LEU D 392 -9.86 1.62 42.56
N THR D 393 -9.23 2.79 42.60
CA THR D 393 -9.54 3.83 43.57
C THR D 393 -9.82 5.17 42.92
N ASN D 394 -9.14 5.49 41.82
CA ASN D 394 -9.44 6.65 40.99
C ASN D 394 -9.80 6.24 39.58
N VAL D 395 -10.27 5.01 39.39
CA VAL D 395 -10.62 4.48 38.09
C VAL D 395 -12.12 4.49 37.86
N ASP D 396 -12.88 3.89 38.78
CA ASP D 396 -14.33 3.93 38.70
C ASP D 396 -14.83 5.35 38.95
N THR D 397 -15.87 5.75 38.22
CA THR D 397 -16.44 7.07 38.39
C THR D 397 -17.24 7.15 39.68
N THR D 398 -16.55 7.12 40.82
CA THR D 398 -17.22 7.17 42.11
C THR D 398 -17.46 8.60 42.55
N THR D 399 -16.39 9.38 42.72
CA THR D 399 -16.52 10.76 43.13
C THR D 399 -16.48 11.71 41.94
N ASP D 400 -15.31 11.90 41.35
CA ASP D 400 -15.10 12.79 40.21
C ASP D 400 -13.66 12.62 39.72
N ASN D 401 -13.43 13.07 38.49
CA ASN D 401 -12.10 13.15 37.88
C ASN D 401 -11.42 11.77 37.82
N SER D 402 -12.19 10.72 37.61
CA SER D 402 -11.61 9.40 37.44
C SER D 402 -10.89 9.29 36.10
N VAL D 403 -9.88 8.41 36.04
CA VAL D 403 -9.12 8.24 34.81
C VAL D 403 -10.00 7.72 33.69
N LEU D 404 -10.99 6.88 34.02
CA LEU D 404 -11.93 6.41 33.01
C LEU D 404 -12.80 7.55 32.49
N GLU D 405 -13.19 8.47 33.37
CA GLU D 405 -13.99 9.61 32.92
C GLU D 405 -13.15 10.60 32.13
N ILE D 406 -11.88 10.78 32.51
CA ILE D 406 -11.01 11.72 31.80
C ILE D 406 -10.66 11.18 30.42
N THR D 407 -10.42 9.88 30.30
CA THR D 407 -9.97 9.30 29.04
C THR D 407 -11.07 9.21 27.99
N VAL D 408 -12.33 9.40 28.36
CA VAL D 408 -13.41 9.38 27.39
C VAL D 408 -13.96 10.78 27.10
N TYR D 409 -13.87 11.71 28.04
CA TYR D 409 -14.29 13.09 27.83
C TYR D 409 -13.10 13.97 27.45
N ASN D 410 -12.33 13.51 26.47
CA ASN D 410 -11.16 14.22 26.00
C ASN D 410 -11.21 14.31 24.47
N THR D 411 -10.69 15.41 23.94
CA THR D 411 -10.73 15.67 22.51
C THR D 411 -9.38 15.67 21.84
N ASN D 412 -8.36 16.27 22.48
CA ASN D 412 -7.05 16.42 21.83
C ASN D 412 -6.25 15.13 21.77
N ILE D 413 -6.69 14.07 22.44
CA ILE D 413 -5.93 12.83 22.45
C ILE D 413 -6.11 12.10 21.12
N ASP D 414 -4.98 11.71 20.51
CA ASP D 414 -4.99 10.94 19.28
C ASP D 414 -4.59 9.49 19.47
N ASN D 415 -3.94 9.16 20.59
CA ASN D 415 -3.49 7.80 20.86
C ASN D 415 -4.50 7.01 21.68
N ARG D 416 -5.79 7.21 21.45
CA ARG D 416 -6.84 6.46 22.13
C ARG D 416 -7.11 5.10 21.49
N HIS D 417 -6.30 4.70 20.49
CA HIS D 417 -6.39 3.36 19.95
C HIS D 417 -6.05 2.32 21.00
N GLU D 418 -4.98 2.55 21.76
CA GLU D 418 -4.53 1.65 22.81
C GLU D 418 -4.81 2.18 24.21
N MET D 419 -5.30 3.42 24.34
CA MET D 419 -5.48 4.03 25.64
C MET D 419 -6.70 3.48 26.37
N LEU D 420 -7.77 3.17 25.65
CA LEU D 420 -9.00 2.68 26.28
C LEU D 420 -8.94 1.19 26.60
N THR D 421 -8.14 0.42 25.88
CA THR D 421 -8.13 -1.04 26.03
C THR D 421 -7.05 -1.51 27.01
N LEU D 422 -7.06 -0.96 28.22
CA LEU D 422 -6.26 -1.48 29.31
C LEU D 422 -7.08 -2.44 30.18
N GLU D 423 -6.39 -3.09 31.10
CA GLU D 423 -7.02 -4.11 31.94
C GLU D 423 -8.07 -3.56 32.91
N PRO D 424 -7.82 -2.50 33.69
CA PRO D 424 -8.86 -2.00 34.60
C PRO D 424 -9.83 -1.02 33.95
N LEU D 425 -9.87 -0.92 32.63
CA LEU D 425 -10.77 -0.02 31.93
C LEU D 425 -11.69 -0.75 30.97
N HIS D 426 -11.14 -1.66 30.15
CA HIS D 426 -11.94 -2.40 29.17
C HIS D 426 -12.95 -3.31 29.86
N THR D 427 -12.51 -4.07 30.86
CA THR D 427 -13.42 -4.92 31.62
C THR D 427 -14.44 -4.10 32.40
N LEU D 428 -14.04 -2.96 32.95
CA LEU D 428 -14.96 -2.06 33.64
C LEU D 428 -16.07 -1.58 32.70
N LEU D 429 -15.69 -1.13 31.50
CA LEU D 429 -16.67 -0.66 30.53
C LEU D 429 -17.57 -1.79 30.06
N HIS D 430 -17.02 -2.99 29.85
CA HIS D 430 -17.84 -4.12 29.42
C HIS D 430 -18.84 -4.53 30.50
N MET D 431 -18.41 -4.55 31.77
CA MET D 431 -19.32 -4.87 32.86
C MET D 431 -20.39 -3.80 33.02
N LYS D 432 -20.03 -2.53 32.91
CA LYS D 432 -21.02 -1.46 32.96
C LYS D 432 -22.04 -1.58 31.83
N TRP D 433 -21.58 -1.92 30.62
CA TRP D 433 -22.48 -2.09 29.49
C TRP D 433 -23.44 -3.25 29.70
N LYS D 434 -22.91 -4.40 30.10
CA LYS D 434 -23.75 -5.57 30.33
C LYS D 434 -24.62 -5.45 31.58
N LYS D 435 -24.33 -4.52 32.48
CA LYS D 435 -25.12 -4.34 33.68
C LYS D 435 -26.22 -3.31 33.55
N PHE D 436 -25.90 -2.07 33.17
CA PHE D 436 -26.92 -1.02 33.21
C PHE D 436 -26.92 -0.07 32.02
N ALA D 437 -26.18 -0.36 30.95
CA ALA D 437 -26.16 0.53 29.79
C ALA D 437 -26.94 0.00 28.60
N LYS D 438 -26.88 -1.31 28.34
CA LYS D 438 -27.64 -1.88 27.23
C LYS D 438 -29.13 -1.87 27.51
N HIS D 439 -29.52 -2.25 28.74
CA HIS D 439 -30.93 -2.32 29.12
C HIS D 439 -31.61 -0.96 29.08
N MET D 440 -30.86 0.12 29.29
CA MET D 440 -31.41 1.46 29.13
C MET D 440 -31.26 2.00 27.71
N PHE D 441 -30.25 1.53 26.96
CA PHE D 441 -30.13 1.93 25.57
C PHE D 441 -31.31 1.41 24.74
N PHE D 442 -31.69 0.15 24.95
CA PHE D 442 -32.84 -0.39 24.22
C PHE D 442 -34.13 0.28 24.67
N LEU D 443 -34.25 0.58 25.97
CA LEU D 443 -35.42 1.29 26.47
C LEU D 443 -35.53 2.68 25.85
N SER D 444 -34.41 3.40 25.75
CA SER D 444 -34.42 4.71 25.12
C SER D 444 -34.74 4.61 23.63
N PHE D 445 -34.21 3.59 22.95
CA PHE D 445 -34.52 3.40 21.54
C PHE D 445 -36.00 3.16 21.32
N CYS D 446 -36.61 2.28 22.12
CA CYS D 446 -38.04 2.00 21.98
C CYS D 446 -38.88 3.24 22.32
N PHE D 447 -38.54 3.93 23.41
CA PHE D 447 -39.34 5.05 23.88
C PHE D 447 -39.11 6.31 23.08
N TYR D 448 -38.08 6.34 22.23
CA TYR D 448 -37.91 7.40 21.24
C TYR D 448 -38.51 7.05 19.90
N PHE D 449 -38.47 5.78 19.50
CA PHE D 449 -39.14 5.36 18.28
C PHE D 449 -40.66 5.51 18.42
N PHE D 450 -41.21 5.22 19.60
CA PHE D 450 -42.64 5.47 19.82
C PHE D 450 -42.96 6.96 19.78
N TYR D 451 -42.09 7.80 20.32
CA TYR D 451 -42.32 9.24 20.27
C TYR D 451 -42.23 9.77 18.85
N ASN D 452 -41.35 9.21 18.01
CA ASN D 452 -41.27 9.61 16.62
C ASN D 452 -42.43 9.06 15.80
N ILE D 453 -42.95 7.89 16.17
CA ILE D 453 -44.07 7.30 15.44
C ILE D 453 -45.37 8.03 15.77
N THR D 454 -45.55 8.43 17.03
CA THR D 454 -46.76 9.17 17.40
C THR D 454 -46.79 10.57 16.81
N LEU D 455 -45.67 11.05 16.25
CA LEU D 455 -45.68 12.31 15.51
C LEU D 455 -46.35 12.15 14.15
N THR D 456 -46.33 10.94 13.58
CA THR D 456 -46.97 10.72 12.29
C THR D 456 -48.49 10.78 12.42
N LEU D 457 -49.03 10.32 13.55
CA LEU D 457 -50.48 10.35 13.76
C LEU D 457 -51.00 11.76 14.01
N VAL D 458 -50.12 12.73 14.24
CA VAL D 458 -50.52 14.11 14.42
C VAL D 458 -50.21 14.95 13.18
N SER D 459 -49.04 14.72 12.57
CA SER D 459 -48.64 15.51 11.40
C SER D 459 -49.44 15.13 10.17
N TYR D 460 -49.34 13.87 9.75
CA TYR D 460 -49.99 13.44 8.52
C TYR D 460 -51.52 13.37 8.65
N TYR D 461 -52.03 13.23 9.87
CA TYR D 461 -53.46 13.15 10.12
C TYR D 461 -53.96 14.42 10.80
N ARG D 462 -53.52 15.58 10.29
CA ARG D 462 -53.89 16.86 10.87
C ARG D 462 -55.35 17.18 10.55
N PRO D 463 -56.02 17.98 11.40
CA PRO D 463 -57.40 18.38 11.11
C PRO D 463 -57.47 19.41 10.00
N ARG D 464 -57.51 18.94 8.75
CA ARG D 464 -57.59 19.82 7.59
C ARG D 464 -58.94 20.53 7.53
N LEU D 482 -61.17 7.11 19.91
CA LEU D 482 -60.59 7.83 21.04
C LEU D 482 -59.07 7.80 20.98
N GLN D 483 -58.52 8.48 19.97
CA GLN D 483 -57.09 8.53 19.74
C GLN D 483 -56.43 9.77 20.37
N LEU D 484 -57.02 10.29 21.44
CA LEU D 484 -56.50 11.47 22.11
C LEU D 484 -55.53 11.14 23.24
N LEU D 485 -55.19 9.86 23.43
CA LEU D 485 -54.30 9.51 24.52
C LEU D 485 -52.85 9.90 24.23
N GLY D 486 -52.49 10.02 22.96
CA GLY D 486 -51.15 10.38 22.56
C GLY D 486 -50.97 11.80 22.08
N ARG D 487 -51.93 12.69 22.33
CA ARG D 487 -51.82 14.06 21.83
C ARG D 487 -50.83 14.87 22.67
N MET D 488 -50.76 14.61 23.98
CA MET D 488 -49.87 15.34 24.86
C MET D 488 -48.64 14.53 25.29
N PHE D 489 -48.55 13.26 24.89
CA PHE D 489 -47.35 12.47 25.14
C PHE D 489 -46.14 13.06 24.43
N VAL D 490 -46.32 13.47 23.17
CA VAL D 490 -45.25 14.12 22.43
C VAL D 490 -44.85 15.42 23.10
N LEU D 491 -45.82 16.14 23.67
CA LEU D 491 -45.52 17.42 24.34
C LEU D 491 -44.65 17.20 25.57
N ILE D 492 -45.03 16.26 26.45
CA ILE D 492 -44.28 16.05 27.68
C ILE D 492 -42.92 15.43 27.37
N TRP D 493 -42.82 14.59 26.35
CA TRP D 493 -41.50 14.02 26.05
C TRP D 493 -40.59 15.02 25.36
N ALA D 494 -41.14 15.92 24.54
CA ALA D 494 -40.34 17.01 24.02
C ALA D 494 -39.89 17.94 25.14
N MET D 495 -40.74 18.15 26.15
CA MET D 495 -40.35 18.94 27.31
C MET D 495 -39.19 18.29 28.07
N CYS D 496 -39.28 16.98 28.28
CA CYS D 496 -38.20 16.26 28.97
C CYS D 496 -36.90 16.29 28.17
N ILE D 497 -37.00 16.07 26.85
CA ILE D 497 -35.83 16.10 25.98
C ILE D 497 -35.19 17.48 26.01
N SER D 498 -36.00 18.54 25.96
CA SER D 498 -35.48 19.89 25.99
C SER D 498 -34.84 20.21 27.33
N VAL D 499 -35.48 19.81 28.43
CA VAL D 499 -34.93 20.14 29.75
C VAL D 499 -33.68 19.32 30.05
N LYS D 500 -33.47 18.20 29.35
CA LYS D 500 -32.19 17.51 29.49
C LYS D 500 -31.11 18.07 28.57
N GLU D 501 -31.47 18.36 27.31
CA GLU D 501 -30.48 18.85 26.36
C GLU D 501 -30.05 20.27 26.66
N GLY D 502 -30.91 21.08 27.30
CA GLY D 502 -30.48 22.39 27.75
C GLY D 502 -29.40 22.34 28.81
N ILE D 503 -29.47 21.37 29.72
CA ILE D 503 -28.39 21.16 30.67
C ILE D 503 -27.15 20.61 29.97
N ALA D 504 -27.35 19.64 29.09
CA ALA D 504 -26.22 18.99 28.41
C ALA D 504 -25.49 19.93 27.45
N ILE D 505 -26.15 20.97 26.95
CA ILE D 505 -25.51 21.81 25.93
C ILE D 505 -24.69 22.92 26.58
N PHE D 506 -24.97 23.28 27.83
CA PHE D 506 -24.17 24.28 28.51
C PHE D 506 -23.25 23.67 29.57
N LEU D 507 -23.43 22.38 29.90
CA LEU D 507 -22.43 21.71 30.72
C LEU D 507 -21.12 21.51 29.98
N LEU D 508 -21.18 21.39 28.65
CA LEU D 508 -19.97 21.24 27.86
C LEU D 508 -19.28 22.59 27.64
N ARG D 509 -17.97 22.54 27.48
CA ARG D 509 -17.15 23.70 27.20
C ARG D 509 -16.97 23.89 25.71
N PRO D 510 -16.66 25.11 25.25
CA PRO D 510 -16.41 25.31 23.81
C PRO D 510 -15.19 24.55 23.29
N SER D 511 -14.31 24.07 24.16
CA SER D 511 -13.18 23.28 23.71
C SER D 511 -13.61 21.89 23.24
N ASP D 512 -14.76 21.41 23.71
CA ASP D 512 -15.23 20.08 23.29
C ASP D 512 -15.76 20.10 21.86
N LEU D 513 -16.30 21.23 21.41
CA LEU D 513 -16.85 21.33 20.07
C LEU D 513 -15.77 21.56 19.02
N GLN D 514 -14.53 21.83 19.44
CA GLN D 514 -13.45 22.08 18.48
C GLN D 514 -13.12 20.82 17.68
N SER D 515 -13.31 19.65 18.29
CA SER D 515 -13.08 18.39 17.57
C SER D 515 -14.16 18.20 16.50
N ILE D 516 -13.76 17.59 15.39
CA ILE D 516 -14.69 17.37 14.28
C ILE D 516 -15.75 16.34 14.67
N LEU D 517 -15.32 15.25 15.29
CA LEU D 517 -16.23 14.19 15.73
C LEU D 517 -16.68 14.38 17.18
N SER D 518 -17.19 15.57 17.48
CA SER D 518 -17.69 15.86 18.81
C SER D 518 -19.09 15.31 18.99
N ASP D 519 -19.47 15.10 20.25
CA ASP D 519 -20.79 14.60 20.59
C ASP D 519 -21.82 15.70 20.80
N ALA D 520 -21.45 16.96 20.60
CA ALA D 520 -22.36 18.07 20.80
C ALA D 520 -23.30 18.27 19.62
N TRP D 521 -22.94 17.77 18.43
CA TRP D 521 -23.80 17.94 17.26
C TRP D 521 -25.11 17.20 17.43
N PHE D 522 -25.06 15.96 17.91
CA PHE D 522 -26.28 15.22 18.17
C PHE D 522 -27.02 15.78 19.38
N HIS D 523 -26.29 16.25 20.40
CA HIS D 523 -26.91 16.90 21.55
C HIS D 523 -27.67 18.17 21.17
N PHE D 524 -27.25 18.83 20.09
CA PHE D 524 -27.87 20.04 19.57
C PHE D 524 -29.01 19.74 18.61
N VAL D 525 -28.86 18.68 17.80
CA VAL D 525 -29.94 18.25 16.92
C VAL D 525 -31.12 17.74 17.74
N PHE D 526 -30.84 16.95 18.79
CA PHE D 526 -31.90 16.49 19.68
C PHE D 526 -32.60 17.66 20.37
N PHE D 527 -31.85 18.72 20.67
CA PHE D 527 -32.45 19.89 21.29
C PHE D 527 -33.38 20.61 20.32
N ILE D 528 -32.93 20.81 19.07
CA ILE D 528 -33.77 21.41 18.04
C ILE D 528 -35.04 20.60 17.84
N GLN D 529 -34.92 19.26 17.85
CA GLN D 529 -36.08 18.39 17.67
C GLN D 529 -37.12 18.58 18.76
N ALA D 530 -36.73 19.12 19.91
CA ALA D 530 -37.68 19.42 20.99
C ALA D 530 -38.20 20.86 20.91
N VAL D 531 -37.32 21.82 20.61
CA VAL D 531 -37.77 23.22 20.54
C VAL D 531 -38.77 23.43 19.41
N LEU D 532 -38.54 22.79 18.25
CA LEU D 532 -39.51 22.96 17.17
C LEU D 532 -40.86 22.32 17.52
N VAL D 533 -40.85 21.16 18.18
CA VAL D 533 -42.11 20.50 18.55
C VAL D 533 -42.87 21.34 19.57
N ILE D 534 -42.17 21.84 20.60
CA ILE D 534 -42.86 22.63 21.60
C ILE D 534 -43.33 23.97 21.04
N LEU D 535 -42.58 24.56 20.10
CA LEU D 535 -43.04 25.78 19.46
C LEU D 535 -44.28 25.53 18.61
N SER D 536 -44.31 24.41 17.93
CA SER D 536 -45.47 24.08 17.12
C SER D 536 -46.69 23.90 18.01
N VAL D 537 -46.57 23.10 19.06
CA VAL D 537 -47.74 22.83 19.89
C VAL D 537 -48.12 24.06 20.70
N PHE D 538 -47.18 25.02 20.86
CA PHE D 538 -47.54 26.29 21.48
C PHE D 538 -48.30 27.19 20.52
N LEU D 539 -47.89 27.20 19.24
CA LEU D 539 -48.56 28.03 18.25
C LEU D 539 -49.85 27.42 17.72
N TYR D 540 -50.07 26.11 17.93
CA TYR D 540 -51.29 25.49 17.44
C TYR D 540 -52.51 25.96 18.22
N LEU D 541 -52.44 25.91 19.55
CA LEU D 541 -53.55 26.36 20.38
C LEU D 541 -53.59 27.87 20.56
N PHE D 542 -52.58 28.60 20.07
CA PHE D 542 -52.61 30.05 20.05
C PHE D 542 -53.18 30.62 18.77
N ALA D 543 -53.44 29.76 17.76
CA ALA D 543 -54.07 30.13 16.49
C ALA D 543 -53.28 31.21 15.76
N TYR D 544 -52.10 30.81 15.29
CA TYR D 544 -51.28 31.66 14.42
C TYR D 544 -51.15 31.11 13.01
N LYS D 545 -51.75 29.95 12.72
CA LYS D 545 -51.66 29.27 11.43
C LYS D 545 -50.18 28.99 11.07
N GLU D 546 -49.38 28.68 12.10
CA GLU D 546 -48.00 28.27 11.93
C GLU D 546 -47.74 26.90 12.57
N TYR D 547 -48.81 26.16 12.86
CA TYR D 547 -48.67 24.83 13.46
C TYR D 547 -48.13 23.80 12.48
N LEU D 548 -48.01 24.14 11.20
CA LEU D 548 -47.36 23.28 10.22
C LEU D 548 -46.00 23.80 9.78
N ALA D 549 -45.61 25.00 10.22
CA ALA D 549 -44.32 25.56 9.80
C ALA D 549 -43.17 24.89 10.53
N CYS D 550 -43.28 24.72 11.84
CA CYS D 550 -42.21 24.12 12.63
C CYS D 550 -42.43 22.65 12.92
N LEU D 551 -43.67 22.16 12.80
CA LEU D 551 -43.92 20.75 13.09
C LEU D 551 -43.43 19.85 11.97
N VAL D 552 -43.53 20.30 10.72
CA VAL D 552 -43.06 19.48 9.60
C VAL D 552 -41.54 19.44 9.58
N LEU D 553 -40.87 20.54 9.97
CA LEU D 553 -39.41 20.53 10.03
C LEU D 553 -38.93 19.69 11.20
N ALA D 554 -39.64 19.75 12.33
CA ALA D 554 -39.36 18.85 13.44
C ALA D 554 -39.54 17.40 13.06
N MET D 555 -40.55 17.10 12.24
CA MET D 555 -40.78 15.74 11.76
C MET D 555 -39.62 15.26 10.89
N ALA D 556 -39.27 16.07 9.88
CA ALA D 556 -38.21 15.68 8.95
C ALA D 556 -36.86 15.60 9.64
N LEU D 557 -36.66 16.39 10.70
CA LEU D 557 -35.43 16.28 11.48
C LEU D 557 -35.47 15.08 12.42
N GLY D 558 -36.65 14.73 12.92
CA GLY D 558 -36.74 13.63 13.87
C GLY D 558 -36.56 12.27 13.23
N TRP D 559 -37.11 12.08 12.02
CA TRP D 559 -36.83 10.83 11.32
C TRP D 559 -35.39 10.78 10.85
N ALA D 560 -34.79 11.94 10.56
CA ALA D 560 -33.37 11.99 10.24
C ALA D 560 -32.50 11.92 11.48
N ASN D 561 -33.08 12.06 12.67
CA ASN D 561 -32.31 11.99 13.90
C ASN D 561 -32.08 10.55 14.33
N MET D 562 -32.69 9.59 13.65
CA MET D 562 -32.55 8.18 14.03
C MET D 562 -31.17 7.62 13.75
N LEU D 563 -30.30 8.36 13.08
CA LEU D 563 -28.96 7.87 12.78
C LEU D 563 -27.99 8.17 13.93
N TYR D 564 -28.52 8.51 15.10
CA TYR D 564 -27.73 8.54 16.32
C TYR D 564 -27.84 7.25 17.12
N TYR D 565 -29.03 6.64 17.13
CA TYR D 565 -29.25 5.43 17.92
C TYR D 565 -28.70 4.18 17.26
N THR D 566 -27.86 4.34 16.23
CA THR D 566 -27.08 3.24 15.68
C THR D 566 -25.72 3.10 16.35
N ARG D 567 -25.60 3.50 17.62
CA ARG D 567 -24.37 3.29 18.36
C ARG D 567 -24.09 1.80 18.55
N GLY D 568 -25.13 0.99 18.74
CA GLY D 568 -25.01 -0.45 18.70
C GLY D 568 -24.89 -0.94 17.27
N PHE D 569 -24.98 -2.27 17.13
CA PHE D 569 -24.87 -2.94 15.83
C PHE D 569 -23.56 -2.61 15.14
N GLN D 570 -22.49 -3.29 15.55
CA GLN D 570 -21.11 -3.01 15.12
C GLN D 570 -20.98 -2.79 13.61
N SER D 571 -21.57 -3.67 12.80
CA SER D 571 -21.51 -3.50 11.36
C SER D 571 -22.29 -2.27 10.91
N MET D 572 -23.47 -2.05 11.50
CA MET D 572 -24.24 -0.86 11.19
C MET D 572 -23.63 0.38 11.85
N GLY D 573 -23.03 0.21 13.04
CA GLY D 573 -22.33 1.31 13.67
C GLY D 573 -21.10 1.76 12.92
N MET D 574 -20.55 0.91 12.05
CA MET D 574 -19.48 1.32 11.17
C MET D 574 -19.95 2.39 10.18
N TYR D 575 -21.26 2.47 9.93
CA TYR D 575 -21.79 3.24 8.82
C TYR D 575 -22.09 4.70 9.18
N SER D 576 -22.42 4.97 10.45
CA SER D 576 -22.83 6.32 10.84
C SER D 576 -21.65 7.27 10.94
N VAL D 577 -20.49 6.77 11.37
CA VAL D 577 -19.33 7.66 11.45
C VAL D 577 -18.84 8.01 10.05
N MET D 578 -19.17 7.20 9.04
CA MET D 578 -18.87 7.58 7.66
C MET D 578 -19.67 8.82 7.26
N ILE D 579 -20.95 8.87 7.62
CA ILE D 579 -21.73 10.11 7.53
C ILE D 579 -21.00 11.23 8.26
N GLN D 580 -20.70 11.00 9.55
CA GLN D 580 -20.22 12.08 10.42
C GLN D 580 -18.88 12.63 9.97
N LYS D 581 -18.08 11.85 9.26
CA LYS D 581 -16.80 12.32 8.75
C LYS D 581 -16.91 12.87 7.34
N VAL D 582 -17.59 12.17 6.44
CA VAL D 582 -17.66 12.58 5.04
C VAL D 582 -18.41 13.88 4.90
N ILE D 583 -19.52 14.06 5.65
CA ILE D 583 -20.31 15.27 5.45
C ILE D 583 -19.57 16.50 5.96
N LEU D 584 -18.74 16.36 7.00
CA LEU D 584 -17.97 17.48 7.52
C LEU D 584 -16.63 17.66 6.81
N HIS D 585 -16.18 16.68 6.05
CA HIS D 585 -14.90 16.89 5.39
C HIS D 585 -15.02 17.22 3.92
N ASP D 586 -15.93 16.57 3.18
CA ASP D 586 -16.02 16.74 1.74
C ASP D 586 -17.29 17.43 1.27
N VAL D 587 -18.35 17.45 2.08
CA VAL D 587 -19.64 17.93 1.58
C VAL D 587 -19.71 19.46 1.64
N LEU D 588 -19.28 20.07 2.76
CA LEU D 588 -19.32 21.52 2.82
C LEU D 588 -18.32 22.17 1.86
N LYS D 589 -17.17 21.54 1.62
CA LYS D 589 -16.19 22.14 0.72
C LYS D 589 -16.70 22.13 -0.73
N PHE D 590 -17.18 20.97 -1.19
CA PHE D 590 -17.75 20.88 -2.54
C PHE D 590 -19.02 21.72 -2.65
N LEU D 591 -19.79 21.82 -1.56
CA LEU D 591 -20.99 22.64 -1.56
C LEU D 591 -20.65 24.12 -1.68
N PHE D 592 -19.61 24.58 -0.99
CA PHE D 592 -19.19 25.97 -1.10
C PHE D 592 -18.65 26.28 -2.49
N VAL D 593 -17.86 25.36 -3.06
CA VAL D 593 -17.36 25.57 -4.41
C VAL D 593 -18.52 25.60 -5.41
N TYR D 594 -19.47 24.68 -5.28
CA TYR D 594 -20.62 24.66 -6.17
C TYR D 594 -21.53 25.86 -5.97
N ILE D 595 -21.56 26.42 -4.76
CA ILE D 595 -22.38 27.60 -4.50
C ILE D 595 -21.75 28.84 -5.11
N VAL D 596 -20.43 29.00 -4.96
CA VAL D 596 -19.76 30.14 -5.57
C VAL D 596 -19.67 29.95 -7.08
N PHE D 597 -19.92 28.74 -7.54
CA PHE D 597 -19.91 28.48 -8.97
C PHE D 597 -21.26 28.78 -9.56
N LEU D 598 -22.31 28.32 -8.89
CA LEU D 598 -23.67 28.48 -9.40
C LEU D 598 -24.14 29.93 -9.30
N LEU D 599 -23.62 30.66 -8.32
CA LEU D 599 -24.04 32.05 -8.14
C LEU D 599 -23.57 32.92 -9.29
N GLY D 600 -22.33 32.73 -9.73
CA GLY D 600 -21.80 33.52 -10.83
C GLY D 600 -22.48 33.21 -12.15
N PHE D 601 -22.66 31.92 -12.44
CA PHE D 601 -23.35 31.54 -13.66
C PHE D 601 -24.83 31.89 -13.61
N GLY D 602 -25.41 31.95 -12.41
CA GLY D 602 -26.81 32.30 -12.29
C GLY D 602 -27.08 33.75 -12.65
N VAL D 603 -26.22 34.66 -12.19
CA VAL D 603 -26.37 36.08 -12.52
C VAL D 603 -26.09 36.29 -14.00
N ALA D 604 -25.06 35.63 -14.54
CA ALA D 604 -24.68 35.82 -15.94
C ALA D 604 -25.77 35.30 -16.88
N LEU D 605 -26.31 34.10 -16.60
CA LEU D 605 -27.31 33.52 -17.47
C LEU D 605 -28.61 34.32 -17.41
N ALA D 606 -28.95 34.87 -16.25
CA ALA D 606 -30.13 35.71 -16.14
C ALA D 606 -29.93 37.06 -16.82
N SER D 607 -28.69 37.56 -16.83
CA SER D 607 -28.41 38.83 -17.49
C SER D 607 -28.30 38.70 -19.01
N LEU D 608 -27.96 37.51 -19.51
CA LEU D 608 -27.80 37.33 -20.94
C LEU D 608 -29.14 37.33 -21.69
N ILE D 609 -30.23 36.96 -21.02
CA ILE D 609 -31.51 36.87 -21.70
C ILE D 609 -32.08 38.27 -21.94
N GLU D 610 -33.11 38.33 -22.79
CA GLU D 610 -33.80 39.57 -23.11
C GLU D 610 -35.24 39.50 -22.63
N LYS D 611 -35.80 40.65 -22.28
CA LYS D 611 -37.18 40.72 -21.83
C LYS D 611 -38.13 40.60 -23.01
N CYS D 612 -39.04 39.63 -22.95
CA CYS D 612 -40.02 39.46 -24.01
C CYS D 612 -41.03 40.60 -24.00
N PRO D 613 -41.67 40.90 -25.14
CA PRO D 613 -42.62 42.03 -25.18
C PRO D 613 -43.98 41.73 -24.54
N LYS D 614 -44.04 40.65 -23.75
CA LYS D 614 -45.22 40.27 -22.95
C LYS D 614 -46.44 39.97 -23.82
N ASP D 615 -46.24 39.66 -25.11
CA ASP D 615 -47.35 39.18 -25.92
C ASP D 615 -47.72 37.75 -25.56
N ASN D 616 -46.76 36.98 -25.04
CA ASN D 616 -46.99 35.65 -24.51
C ASN D 616 -46.27 35.51 -23.18
N LYS D 617 -46.87 34.76 -22.26
CA LYS D 617 -46.27 34.60 -20.93
C LYS D 617 -45.12 33.61 -20.95
N ASP D 618 -45.17 32.60 -21.82
CA ASP D 618 -44.11 31.59 -21.91
C ASP D 618 -42.94 32.15 -22.73
N CYS D 619 -42.25 33.12 -22.13
CA CYS D 619 -41.12 33.78 -22.75
C CYS D 619 -39.97 33.86 -21.76
N SER D 620 -38.76 33.55 -22.23
CA SER D 620 -37.52 33.69 -21.47
C SER D 620 -37.60 32.88 -20.16
N SER D 621 -37.45 31.56 -20.31
CA SER D 621 -37.52 30.66 -19.17
C SER D 621 -36.45 30.97 -18.12
N TYR D 622 -35.31 31.52 -18.55
CA TYR D 622 -34.31 32.05 -17.62
C TYR D 622 -34.61 33.52 -17.33
N GLY D 623 -35.82 33.78 -16.86
CA GLY D 623 -36.32 35.13 -16.69
C GLY D 623 -35.59 35.97 -15.64
N SER D 624 -35.72 35.60 -14.38
CA SER D 624 -35.07 36.29 -13.28
C SER D 624 -33.91 35.47 -12.77
N PHE D 625 -33.20 36.04 -11.78
CA PHE D 625 -32.10 35.32 -11.15
C PHE D 625 -32.60 34.10 -10.38
N SER D 626 -33.72 34.25 -9.67
CA SER D 626 -34.26 33.14 -8.89
C SER D 626 -34.73 32.01 -9.79
N ASP D 627 -35.31 32.32 -10.94
CA ASP D 627 -35.74 31.28 -11.87
C ASP D 627 -34.55 30.66 -12.59
N ALA D 628 -33.53 31.47 -12.91
CA ALA D 628 -32.34 30.94 -13.56
C ALA D 628 -31.57 30.01 -12.65
N VAL D 629 -31.54 30.30 -11.34
CA VAL D 629 -30.88 29.41 -10.38
C VAL D 629 -31.54 28.04 -10.39
N LEU D 630 -32.87 27.99 -10.37
CA LEU D 630 -33.56 26.72 -10.35
C LEU D 630 -33.40 25.97 -11.67
N GLU D 631 -33.54 26.68 -12.80
CA GLU D 631 -33.42 26.04 -14.11
C GLU D 631 -31.99 25.57 -14.38
N LEU D 632 -31.00 26.22 -13.76
CA LEU D 632 -29.61 25.84 -13.93
C LEU D 632 -29.18 24.80 -12.92
N PHE D 633 -29.92 24.68 -11.81
CA PHE D 633 -29.66 23.61 -10.84
C PHE D 633 -30.30 22.30 -11.29
N LYS D 634 -31.45 22.38 -11.97
CA LYS D 634 -32.09 21.16 -12.47
C LYS D 634 -31.20 20.44 -13.48
N LEU D 635 -30.36 21.18 -14.20
CA LEU D 635 -29.44 20.58 -15.16
C LEU D 635 -28.35 19.75 -14.48
N THR D 636 -28.05 20.03 -13.21
CA THR D 636 -26.96 19.32 -12.52
C THR D 636 -27.38 17.90 -12.13
N ILE D 637 -28.58 17.74 -11.57
CA ILE D 637 -29.01 16.42 -11.12
C ILE D 637 -29.25 15.50 -12.31
N GLY D 638 -29.96 16.01 -13.32
CA GLY D 638 -30.21 15.22 -14.51
C GLY D 638 -31.68 15.09 -14.87
N LEU D 639 -32.49 16.05 -14.46
CA LEU D 639 -33.91 16.08 -14.80
C LEU D 639 -34.27 17.45 -15.34
N GLY D 640 -35.20 17.48 -16.29
CA GLY D 640 -35.64 18.70 -16.93
C GLY D 640 -35.44 18.64 -18.43
N ASP D 641 -35.06 19.78 -19.01
CA ASP D 641 -34.84 19.86 -20.44
C ASP D 641 -33.87 20.99 -20.73
N LEU D 642 -33.17 20.87 -21.86
CA LEU D 642 -32.20 21.86 -22.31
C LEU D 642 -32.68 22.43 -23.64
N ASN D 643 -32.74 23.76 -23.73
CA ASN D 643 -33.18 24.44 -24.94
C ASN D 643 -32.16 25.50 -25.33
N ILE D 644 -32.22 25.91 -26.59
CA ILE D 644 -31.32 26.94 -27.10
C ILE D 644 -32.04 28.23 -27.45
N GLN D 645 -33.37 28.23 -27.56
CA GLN D 645 -34.13 29.44 -27.88
C GLN D 645 -34.74 29.96 -26.59
N GLN D 646 -33.91 30.60 -25.78
CA GLN D 646 -34.31 31.16 -24.50
C GLN D 646 -34.45 32.68 -24.57
N ASN D 647 -34.91 33.17 -25.72
CA ASN D 647 -35.10 34.60 -25.98
C ASN D 647 -33.80 35.39 -25.79
N SER D 648 -32.69 34.80 -26.19
CA SER D 648 -31.38 35.43 -26.05
C SER D 648 -30.90 35.96 -27.39
N LYS D 649 -30.41 37.19 -27.40
CA LYS D 649 -29.84 37.78 -28.61
C LYS D 649 -28.45 37.25 -28.91
N TYR D 650 -27.86 36.47 -28.02
CA TYR D 650 -26.52 35.91 -28.21
C TYR D 650 -26.58 34.41 -27.93
N PRO D 651 -27.10 33.62 -28.88
CA PRO D 651 -27.17 32.17 -28.63
C PRO D 651 -25.80 31.51 -28.60
N ILE D 652 -24.83 32.04 -29.34
CA ILE D 652 -23.48 31.50 -29.38
C ILE D 652 -22.80 31.71 -28.03
N LEU D 653 -23.25 32.72 -27.29
CA LEU D 653 -22.76 32.99 -25.94
C LEU D 653 -23.57 32.30 -24.86
N PHE D 654 -24.88 32.16 -25.05
CA PHE D 654 -25.71 31.40 -24.13
C PHE D 654 -25.29 29.93 -24.10
N LEU D 655 -25.09 29.35 -25.28
CA LEU D 655 -24.71 27.93 -25.36
C LEU D 655 -23.32 27.71 -24.81
N PHE D 656 -22.41 28.66 -25.01
CA PHE D 656 -21.05 28.54 -24.46
C PHE D 656 -21.08 28.44 -22.94
N LEU D 657 -21.82 29.33 -22.28
CA LEU D 657 -21.91 29.31 -20.83
C LEU D 657 -22.64 28.06 -20.35
N LEU D 658 -23.73 27.68 -21.04
CA LEU D 658 -24.49 26.51 -20.60
C LEU D 658 -23.68 25.23 -20.75
N ILE D 659 -22.83 25.15 -21.78
CA ILE D 659 -22.01 23.96 -21.97
C ILE D 659 -20.86 23.94 -20.98
N THR D 660 -20.22 25.09 -20.77
CA THR D 660 -19.09 25.14 -19.86
C THR D 660 -19.51 24.94 -18.40
N TYR D 661 -20.75 25.27 -18.03
CA TYR D 661 -21.20 24.96 -16.68
C TYR D 661 -21.26 23.45 -16.45
N VAL D 662 -21.94 22.72 -17.34
CA VAL D 662 -22.03 21.28 -17.13
C VAL D 662 -20.66 20.62 -17.25
N ILE D 663 -19.80 21.12 -18.16
CA ILE D 663 -18.45 20.60 -18.30
C ILE D 663 -17.64 20.82 -17.02
N LEU D 664 -17.69 22.03 -16.47
CA LEU D 664 -16.85 22.35 -15.32
C LEU D 664 -17.36 21.80 -13.98
N THR D 665 -18.65 21.53 -13.89
CA THR D 665 -19.21 21.02 -12.64
C THR D 665 -19.55 19.54 -12.69
N PHE D 666 -20.40 19.09 -13.63
CA PHE D 666 -20.85 17.71 -13.60
C PHE D 666 -19.74 16.75 -14.01
N VAL D 667 -18.89 17.17 -14.94
CA VAL D 667 -17.80 16.33 -15.41
C VAL D 667 -16.60 16.41 -14.48
N LEU D 668 -16.40 17.55 -13.83
CA LEU D 668 -15.23 17.78 -12.98
C LEU D 668 -15.54 17.66 -11.49
N LEU D 669 -16.43 18.50 -10.98
CA LEU D 669 -16.66 18.60 -9.54
C LEU D 669 -17.42 17.40 -8.98
N LEU D 670 -18.51 17.01 -9.64
CA LEU D 670 -19.41 15.98 -9.10
C LEU D 670 -18.73 14.63 -8.99
N ASN D 671 -17.72 14.39 -9.83
CA ASN D 671 -17.00 13.12 -9.78
C ASN D 671 -15.63 13.24 -9.12
N MET D 672 -15.05 14.46 -9.06
CA MET D 672 -13.84 14.62 -8.28
C MET D 672 -14.16 14.53 -6.79
N LEU D 673 -15.38 14.92 -6.40
CA LEU D 673 -15.85 14.64 -5.04
C LEU D 673 -15.84 13.14 -4.75
N ILE D 674 -16.31 12.33 -5.70
CA ILE D 674 -16.28 10.88 -5.56
C ILE D 674 -14.85 10.39 -5.42
N ALA D 675 -13.95 10.92 -6.26
CA ALA D 675 -12.54 10.55 -6.19
C ALA D 675 -11.90 10.94 -4.85
N LEU D 676 -12.30 12.08 -4.28
CA LEU D 676 -11.73 12.51 -3.00
C LEU D 676 -12.21 11.64 -1.85
N MET D 677 -13.51 11.31 -1.82
CA MET D 677 -13.97 10.38 -0.81
C MET D 677 -13.48 8.96 -1.03
N GLY D 678 -13.09 8.60 -2.26
CA GLY D 678 -12.43 7.32 -2.48
C GLY D 678 -11.10 7.20 -1.78
N GLU D 679 -10.43 8.33 -1.54
CA GLU D 679 -9.24 8.39 -0.69
C GLU D 679 -9.58 8.55 0.78
N THR D 680 -10.60 9.35 1.09
CA THR D 680 -10.96 9.60 2.49
C THR D 680 -11.45 8.33 3.18
N VAL D 681 -12.37 7.60 2.55
CA VAL D 681 -12.90 6.37 3.14
C VAL D 681 -11.80 5.32 3.25
N GLU D 682 -10.91 5.27 2.26
CA GLU D 682 -9.78 4.34 2.33
C GLU D 682 -8.86 4.69 3.50
N ASN D 683 -8.66 5.98 3.76
CA ASN D 683 -7.78 6.39 4.86
C ASN D 683 -8.41 6.11 6.21
N VAL D 684 -9.73 6.33 6.33
CA VAL D 684 -10.40 6.23 7.63
C VAL D 684 -11.09 4.90 7.85
N SER D 685 -10.93 3.94 6.94
CA SER D 685 -11.54 2.62 7.14
C SER D 685 -10.90 1.89 8.31
N LYS D 686 -9.58 2.03 8.48
CA LYS D 686 -8.89 1.41 9.59
C LYS D 686 -9.02 2.19 10.89
N GLU D 687 -9.51 3.43 10.82
CA GLU D 687 -9.67 4.27 11.99
C GLU D 687 -11.07 4.16 12.60
N SER D 688 -12.01 3.54 11.90
CA SER D 688 -13.40 3.52 12.33
C SER D 688 -13.63 2.63 13.56
N GLU D 689 -12.78 1.62 13.76
CA GLU D 689 -12.99 0.68 14.86
C GLU D 689 -12.84 1.37 16.21
N ARG D 690 -11.84 2.24 16.36
CA ARG D 690 -11.68 2.99 17.60
C ARG D 690 -12.74 4.08 17.74
N ILE D 691 -13.21 4.67 16.64
CA ILE D 691 -14.11 5.81 16.77
C ILE D 691 -15.54 5.33 17.00
N TRP D 692 -15.86 4.08 16.65
CA TRP D 692 -17.15 3.53 17.08
C TRP D 692 -17.13 3.26 18.58
N ARG D 693 -16.03 2.67 19.07
CA ARG D 693 -15.92 2.35 20.49
C ARG D 693 -15.84 3.61 21.34
N LEU D 694 -15.32 4.70 20.78
CA LEU D 694 -15.33 5.97 21.52
C LEU D 694 -16.75 6.48 21.78
N GLN D 695 -17.59 6.48 20.74
CA GLN D 695 -18.99 6.87 20.94
C GLN D 695 -19.70 5.88 21.85
N ARG D 696 -19.36 4.59 21.75
CA ARG D 696 -19.95 3.60 22.63
C ARG D 696 -19.61 3.87 24.09
N ALA D 697 -18.34 4.15 24.38
CA ALA D 697 -17.94 4.44 25.76
C ALA D 697 -18.53 5.77 26.24
N ARG D 698 -18.65 6.75 25.35
CA ARG D 698 -19.23 8.03 25.74
C ARG D 698 -20.70 7.90 26.10
N THR D 699 -21.47 7.15 25.30
CA THR D 699 -22.87 6.94 25.65
C THR D 699 -23.02 5.93 26.78
N ILE D 700 -21.98 5.13 27.06
CA ILE D 700 -21.99 4.27 28.23
C ILE D 700 -21.87 5.10 29.50
N LEU D 701 -20.92 6.03 29.51
CA LEU D 701 -20.68 6.82 30.72
C LEU D 701 -21.68 7.96 30.85
N GLU D 702 -22.34 8.35 29.76
CA GLU D 702 -23.32 9.42 29.83
C GLU D 702 -24.57 8.98 30.59
N PHE D 703 -24.98 7.72 30.41
CA PHE D 703 -26.14 7.20 31.12
C PHE D 703 -25.87 7.00 32.60
N GLU D 704 -24.62 6.95 33.00
CA GLU D 704 -24.29 6.81 34.41
C GLU D 704 -24.75 8.03 35.18
N LYS D 705 -24.44 9.21 34.65
CA LYS D 705 -24.79 10.46 35.32
C LYS D 705 -26.29 10.62 35.50
N MET D 706 -27.10 9.96 34.67
CA MET D 706 -28.55 10.06 34.77
C MET D 706 -29.15 9.19 35.87
N LEU D 707 -28.35 8.33 36.49
CA LEU D 707 -28.86 7.44 37.51
C LEU D 707 -29.12 8.21 38.81
N PRO D 708 -30.10 7.77 39.59
CA PRO D 708 -30.27 8.34 40.94
C PRO D 708 -29.17 7.85 41.87
N GLU D 709 -29.06 8.53 43.01
CA GLU D 709 -28.00 8.20 43.96
C GLU D 709 -28.27 6.87 44.65
N TRP D 710 -29.55 6.55 44.89
CA TRP D 710 -29.88 5.29 45.53
C TRP D 710 -29.69 4.10 44.61
N LEU D 711 -29.77 4.32 43.30
CA LEU D 711 -29.55 3.25 42.32
C LEU D 711 -28.08 2.93 42.15
N ARG D 712 -27.18 3.76 42.67
CA ARG D 712 -25.74 3.55 42.58
C ARG D 712 -25.24 2.45 43.52
N SER D 713 -26.12 1.70 44.17
CA SER D 713 -25.69 0.65 45.09
C SER D 713 -25.00 -0.50 44.37
N ARG D 714 -25.23 -0.66 43.06
CA ARG D 714 -24.59 -1.71 42.29
C ARG D 714 -23.18 -1.27 41.89
N PHE D 715 -22.29 -1.25 42.89
CA PHE D 715 -20.89 -0.94 42.68
C PHE D 715 -20.13 -2.23 42.38
N ARG D 716 -18.81 -2.15 42.38
CA ARG D 716 -17.95 -3.32 42.15
C ARG D 716 -17.49 -3.91 43.47
N MET D 717 -16.71 -4.98 43.37
CA MET D 717 -16.18 -5.65 44.55
C MET D 717 -15.14 -4.74 45.20
N GLY D 718 -15.18 -4.64 46.53
CA GLY D 718 -14.30 -3.73 47.22
C GLY D 718 -14.02 -4.19 48.63
N GLU D 719 -13.31 -3.32 49.37
CA GLU D 719 -12.87 -3.58 50.74
C GLU D 719 -12.03 -4.85 50.81
N LEU D 720 -10.85 -4.77 50.21
CA LEU D 720 -9.99 -5.94 50.10
C LEU D 720 -9.35 -6.30 51.44
N CYS D 721 -8.94 -5.30 52.23
CA CYS D 721 -8.28 -5.43 53.52
C CYS D 721 -6.96 -6.18 53.44
N LYS D 722 -6.39 -6.34 52.25
CA LYS D 722 -5.12 -7.04 52.08
C LYS D 722 -3.95 -6.06 52.06
N VAL D 723 -3.94 -5.14 53.03
CA VAL D 723 -2.88 -4.16 53.18
C VAL D 723 -2.47 -4.10 54.64
N ALA D 724 -1.64 -3.11 55.00
CA ALA D 724 -1.05 -3.02 56.32
C ALA D 724 -2.09 -2.88 57.43
N GLU D 725 -2.80 -1.75 57.46
CA GLU D 725 -3.71 -1.46 58.57
C GLU D 725 -4.98 -0.75 58.10
N ASP D 726 -5.50 -1.11 56.93
CA ASP D 726 -6.68 -0.45 56.40
C ASP D 726 -7.36 -1.37 55.40
N ASP D 727 -8.30 -0.82 54.62
CA ASP D 727 -8.92 -1.50 53.50
C ASP D 727 -8.52 -0.76 52.23
N PHE D 728 -7.96 -1.49 51.27
CA PHE D 728 -7.39 -0.89 50.07
C PHE D 728 -8.48 -0.47 49.07
N ARG D 729 -9.32 0.46 49.56
CA ARG D 729 -10.41 0.95 48.74
C ARG D 729 -11.16 -0.16 48.09
N LEU D 730 -11.36 -0.03 46.80
CA LEU D 730 -12.10 -1.03 46.05
C LEU D 730 -11.11 -1.81 45.17
N CYS D 731 -11.35 -3.11 45.02
CA CYS D 731 -10.45 -3.98 44.27
C CYS D 731 -11.29 -4.89 43.38
N LEU D 732 -11.17 -4.71 42.07
CA LEU D 732 -11.96 -5.46 41.11
C LEU D 732 -11.20 -6.70 40.64
N ARG D 733 -11.87 -7.85 40.70
CA ARG D 733 -11.28 -9.11 40.25
C ARG D 733 -11.64 -9.34 38.79
N ILE D 734 -10.63 -9.43 37.93
CA ILE D 734 -10.82 -9.80 36.54
C ILE D 734 -10.06 -11.11 36.29
N ASN D 735 -10.49 -11.83 35.26
CA ASN D 735 -9.91 -13.11 34.90
C ASN D 735 -9.55 -13.04 33.42
N GLU D 736 -8.35 -12.54 33.15
CA GLU D 736 -7.90 -12.35 31.78
C GLU D 736 -7.07 -13.51 31.26
N VAL D 737 -7.23 -13.82 29.99
CA VAL D 737 -6.45 -14.87 29.35
C VAL D 737 -5.70 -14.26 28.17
N LYS D 738 -4.56 -14.87 27.85
CA LYS D 738 -3.75 -14.45 26.70
C LYS D 738 -3.00 -15.69 26.20
N TRP D 739 -3.42 -16.16 25.02
CA TRP D 739 -2.91 -17.45 24.54
C TRP D 739 -1.77 -17.25 23.54
N THR D 740 -1.77 -16.13 22.81
CA THR D 740 -0.65 -15.82 21.94
C THR D 740 0.59 -15.50 22.75
N GLU D 741 0.45 -14.67 23.79
CA GLU D 741 1.59 -14.33 24.63
C GLU D 741 2.11 -15.54 25.39
N TRP D 742 1.19 -16.37 25.91
CA TRP D 742 1.62 -17.58 26.60
C TRP D 742 2.24 -18.58 25.65
N LYS D 743 1.76 -18.65 24.40
CA LYS D 743 2.35 -19.54 23.41
C LYS D 743 3.76 -19.10 23.05
N THR D 744 3.97 -17.78 22.95
CA THR D 744 5.32 -17.28 22.67
C THR D 744 6.23 -17.44 23.87
N HIS D 745 5.70 -17.30 25.08
CA HIS D 745 6.52 -17.42 26.29
C HIS D 745 6.91 -18.88 26.54
N VAL D 746 5.97 -19.81 26.38
CA VAL D 746 6.24 -21.22 26.61
C VAL D 746 7.04 -21.86 25.48
N SER D 747 7.22 -21.16 24.36
CA SER D 747 7.96 -21.71 23.23
C SER D 747 9.45 -21.85 23.53
N PHE D 748 9.96 -21.18 24.55
CA PHE D 748 11.37 -21.29 24.92
C PHE D 748 11.54 -22.14 26.17
#